data_1U8C
#
_entry.id   1U8C
#
_cell.length_a   130.0
_cell.length_b   130.0
_cell.length_c   307.3
_cell.angle_alpha   90
_cell.angle_beta   90
_cell.angle_gamma   120
#
_symmetry.space_group_name_H-M   'P 32 2 1'
#
loop_
_entity.id
_entity.type
_entity.pdbx_description
1 polymer 'Integrin alpha-V'
2 polymer 'Integrin beta-3'
3 branched 2-acetamido-2-deoxy-beta-D-glucopyranose-(1-4)-2-acetamido-2-deoxy-beta-D-glucopyranose
4 branched 2-acetamido-2-deoxy-alpha-D-glucopyranose-(1-4)-2-acetamido-2-deoxy-beta-D-glucopyranose
5 non-polymer 2-acetamido-2-deoxy-beta-D-glucopyranose
6 non-polymer 'CALCIUM ION'
#
loop_
_entity_poly.entity_id
_entity_poly.type
_entity_poly.pdbx_seq_one_letter_code
_entity_poly.pdbx_strand_id
1 'polypeptide(L)'
;FNLDVDSPAEYSGPEGSYFGFAVDFFVPSASSRMFLLVGAPKANTTQPGIVEGGQVLKCDWSSTRRCQPIEFDATGNRDY
AKDDPLEFKSHQWFGASVRSKQDKILACAPLYHWRTEMKQEREPVGTCFLQDGTKTVEYAPCRSQDIDADGQGFCQGGFS
IDFTKADRVLLGGPGSFYWQGQLISDQVAEIVSKYDPNVYSIKYNNQLATRTAQAIFDDSYLGYSVAVGDFNGDGIDDFV
SGVPRAARTLGMVYIYDGKNMSSLYNFTGEQMAAYFGFSVAATDINGDDYADVFIGAPLFMDRGSDGKLQEVGQVSVSLQ
RASGDFQTTKLNGFEVFARFGSAIAPLGDLDQDGFNDIAIAAPYGGEDKKGIVYIFNGRSTGLNAVPSQILEGQWAARSM
PPSFGYSMKGATDIDKNGYPDLIVGAFGVDRAILYRARPVITVNAGLEVYPSILNQDNKTCSLPGTALKVSCFNVRFCLK
ADGKGVLPRKLNFQVELLLDKLKQKGAIRRALFLYSRSPSHSKNMTISRGGLMQCEELIAYLRDESEFRDKLTPITIFME
YRLDYRTAADTTGLQPILNQFTPANISRQAHILLDCGEDNVCKPKLEVSVDSDQKKIYIGDDNPLTLIVKAQNQGEGAYE
AELIVSIPLQADFIGVVRNNEALARLSCAFKTENQTRQVVCDLGNPMKAGTQLLAGLRFSVHQQSEMDTSVKFDLQIQSS
NLFDKVSPVVSHKVDLAVLAAVEIRGVSSPDHVFLPIPNWEHKENPETEEDVGPVVQHIYELRNNGPSSFSKAMLHLQWP
YKYNNNTLLYILHYDIDGPMNCTSDMEINPLRIKISSLQTTEKNDTVAGQGERDHLITKRDLALSEGDIHTLGCGVAQCL
KIVCQVGRLDRGKSAILYVKSLLWTETFMNKENQNHSYSLKSSASFNVIEFPYKNLPIEDITNSTLVTTNVTWGIQP
;
A
2 'polypeptide(L)'
;GPNICTTRGVSSCQQCLAVSPMCAWCSDEALPLGSPRCDLKENLLKDNCAPESIEFPVSEARVLEDRPLSDKGSGDSSQV
TQVSPQRIALRLRPDDSKNFSIQVRQVEDYPVDIYYLMDLSYSMKDDLWSIQNLGTKLATQMRKLTSNLRIGFGAFVDKP
VSPYMYISPPEALENPCYDMKTTCLPMFGYKHVLTLTDQVTRFNEEVKKQSVSRNRDAPEGGFDAIMQATVCDEKIGWRN
DASHLLVFTTDAKTHIALDGRLAGIVQPNDGQCHVGSDNHYSASTTMDYPSLGLMTEKLSQKNINLIFAVTENVVNLYQN
YSELIPGTTVGVLSMDSSNVLQLIVDAYGKIRSKVELEVRDLPEELSLSFNATCLNNEVIPGLKSCMGLKIGDTVSFSIE
AKVRGCPQEKEKSFTIKPVGFKDSLIVQVTFDCDCACQAQAEPNSHRCNNGNGTFECGVCRCGPGWLGSQCECSEEDYRP
SQQDECSPREGQPVCSQRGECLCGQCVCHSSDFGKITGKYCECDDFSCVRYKGEMCSGHGQCSCGDCLCDSDWTGYYCNC
TTRTDTCMSSNGLLCSGRGKCECGSCVCIQPGSYGDTCEKCPTCPDACTFKKECVECKKFDREPYMTENTCNRYCRDEIE
SVKELKDTGKDAVNCTYKNEDDCVVRFQYYEDSSGKSILYVVEEPECPKGPD
;
B
#
loop_
_chem_comp.id
_chem_comp.type
_chem_comp.name
_chem_comp.formula
CA non-polymer 'CALCIUM ION' 'Ca 2'
NAG D-saccharide, beta linking 2-acetamido-2-deoxy-beta-D-glucopyranose 'C8 H15 N O6'
NDG D-saccharide, alpha linking 2-acetamido-2-deoxy-alpha-D-glucopyranose 'C8 H15 N O6'
#
# COMPACT_ATOMS: atom_id res chain seq x y z
N PHE A 1 11.65 17.67 -16.01
CA PHE A 1 10.20 17.67 -16.14
C PHE A 1 9.69 17.85 -17.57
N ASN A 2 10.60 17.79 -18.55
CA ASN A 2 10.22 17.91 -19.95
C ASN A 2 11.23 17.53 -21.02
N LEU A 3 10.99 16.34 -21.57
CA LEU A 3 11.81 15.73 -22.61
C LEU A 3 11.02 15.81 -23.89
N ASP A 4 11.67 16.10 -25.02
CA ASP A 4 10.91 16.16 -26.27
C ASP A 4 10.34 14.78 -26.46
N VAL A 5 9.16 14.71 -27.08
CA VAL A 5 8.53 13.43 -27.32
C VAL A 5 7.86 13.45 -28.68
N ASP A 6 7.94 14.59 -29.35
CA ASP A 6 7.38 14.76 -30.69
C ASP A 6 8.16 13.81 -31.59
N SER A 7 9.40 14.22 -31.91
CA SER A 7 10.27 13.41 -32.72
C SER A 7 11.51 13.08 -31.92
N PRO A 8 11.58 11.84 -31.39
CA PRO A 8 12.66 11.29 -30.60
C PRO A 8 13.42 10.31 -31.49
N ALA A 9 14.71 10.08 -31.21
CA ALA A 9 15.52 9.16 -32.02
C ALA A 9 15.08 7.70 -31.84
N GLU A 10 14.81 7.04 -32.94
CA GLU A 10 14.37 5.65 -32.92
C GLU A 10 15.36 4.65 -33.55
N TYR A 11 15.90 3.76 -32.74
CA TYR A 11 16.83 2.75 -33.24
C TYR A 11 16.12 1.41 -33.21
N SER A 12 16.61 0.46 -34.01
CA SER A 12 16.00 -0.87 -34.09
C SER A 12 17.00 -2.02 -34.14
N GLY A 13 16.49 -3.25 -34.16
CA GLY A 13 17.35 -4.42 -34.22
C GLY A 13 16.67 -5.64 -34.83
N PRO A 14 17.45 -6.69 -35.16
CA PRO A 14 16.88 -7.91 -35.75
C PRO A 14 15.64 -8.44 -35.06
N GLU A 15 14.68 -8.88 -35.86
CA GLU A 15 13.43 -9.43 -35.36
C GLU A 15 13.65 -10.58 -34.37
N GLY A 16 13.46 -10.30 -33.08
CA GLY A 16 13.61 -11.33 -32.07
C GLY A 16 14.92 -11.40 -31.32
N SER A 17 15.80 -10.43 -31.55
CA SER A 17 17.10 -10.41 -30.91
C SER A 17 17.07 -9.78 -29.51
N TYR A 18 15.93 -9.22 -29.12
CA TYR A 18 15.79 -8.55 -27.84
C TYR A 18 16.63 -7.26 -27.78
N PHE A 19 16.81 -6.65 -28.95
CA PHE A 19 17.55 -5.40 -29.07
C PHE A 19 16.87 -4.41 -28.15
N GLY A 20 17.64 -3.80 -27.26
CA GLY A 20 17.07 -2.83 -26.33
C GLY A 20 17.00 -3.37 -24.91
N PHE A 21 17.21 -4.66 -24.75
CA PHE A 21 17.15 -5.26 -23.41
C PHE A 21 18.12 -4.60 -22.42
N ALA A 22 19.24 -4.11 -22.92
CA ALA A 22 20.22 -3.45 -22.09
C ALA A 22 20.72 -2.23 -22.84
N VAL A 23 20.91 -1.14 -22.13
CA VAL A 23 21.37 0.10 -22.77
C VAL A 23 22.36 0.87 -21.90
N ASP A 24 23.04 1.83 -22.52
CA ASP A 24 23.99 2.69 -21.85
C ASP A 24 24.66 3.60 -22.86
N PHE A 25 25.16 4.74 -22.38
CA PHE A 25 25.88 5.72 -23.20
C PHE A 25 27.37 5.37 -23.29
N PHE A 26 27.95 5.59 -24.45
CA PHE A 26 29.39 5.35 -24.64
C PHE A 26 29.99 6.74 -24.85
N VAL A 27 31.01 7.09 -24.08
CA VAL A 27 31.60 8.41 -24.17
C VAL A 27 33.13 8.38 -24.06
N PRO A 28 33.78 7.80 -25.06
CA PRO A 28 35.24 7.68 -25.12
C PRO A 28 35.91 9.04 -25.00
N SER A 29 37.01 9.09 -24.26
CA SER A 29 37.76 10.32 -24.06
C SER A 29 38.60 10.58 -25.30
N ALA A 30 38.72 9.55 -26.13
CA ALA A 30 39.48 9.62 -27.36
C ALA A 30 38.72 10.35 -28.48
N SER A 31 37.50 10.76 -28.22
CA SER A 31 36.70 11.42 -29.24
C SER A 31 35.73 12.41 -28.65
N SER A 32 35.14 13.20 -29.53
CA SER A 32 34.19 14.20 -29.11
C SER A 32 32.74 13.79 -29.39
N ARG A 33 32.56 12.72 -30.17
CA ARG A 33 31.21 12.27 -30.47
C ARG A 33 30.81 11.03 -29.62
N MET A 34 29.70 11.12 -28.89
CA MET A 34 29.21 10.01 -28.07
C MET A 34 28.33 9.10 -28.90
N PHE A 35 28.11 7.89 -28.40
CA PHE A 35 27.28 6.93 -29.10
C PHE A 35 26.35 6.36 -28.06
N LEU A 36 25.58 5.35 -28.46
CA LEU A 36 24.70 4.72 -27.51
C LEU A 36 24.83 3.21 -27.68
N LEU A 37 24.98 2.52 -26.54
CA LEU A 37 25.13 1.07 -26.55
C LEU A 37 23.83 0.30 -26.31
N VAL A 38 23.61 -0.74 -27.11
CA VAL A 38 22.40 -1.50 -26.98
C VAL A 38 22.64 -3.00 -27.03
N GLY A 39 22.44 -3.67 -25.92
CA GLY A 39 22.62 -5.11 -25.92
C GLY A 39 21.48 -5.83 -26.64
N ALA A 40 21.80 -6.87 -27.40
CA ALA A 40 20.80 -7.64 -28.14
C ALA A 40 20.93 -9.09 -27.73
N PRO A 41 20.84 -9.35 -26.43
CA PRO A 41 20.96 -10.71 -25.89
C PRO A 41 20.62 -11.88 -26.80
N LYS A 42 19.70 -11.72 -27.75
CA LYS A 42 19.38 -12.88 -28.58
C LYS A 42 19.75 -12.85 -30.04
N ALA A 43 20.60 -11.90 -30.43
CA ALA A 43 21.03 -11.80 -31.83
C ALA A 43 21.73 -13.08 -32.28
N ASN A 44 22.01 -13.18 -33.58
CA ASN A 44 22.74 -14.31 -34.15
C ASN A 44 24.06 -13.77 -34.66
N THR A 45 25.09 -14.59 -34.65
CA THR A 45 26.42 -14.13 -35.08
C THR A 45 27.19 -15.01 -36.04
N THR A 46 28.20 -14.41 -36.63
CA THR A 46 29.06 -15.11 -37.57
C THR A 46 30.00 -15.99 -36.75
N GLN A 47 29.56 -16.32 -35.54
CA GLN A 47 30.37 -17.16 -34.67
C GLN A 47 30.13 -18.63 -35.03
N PRO A 48 31.20 -19.35 -35.42
CA PRO A 48 31.18 -20.78 -35.79
C PRO A 48 30.28 -21.67 -34.93
N GLY A 49 29.13 -22.06 -35.47
CA GLY A 49 28.22 -22.93 -34.75
C GLY A 49 27.60 -22.36 -33.48
N ILE A 50 27.72 -21.04 -33.30
CA ILE A 50 27.17 -20.38 -32.15
C ILE A 50 25.83 -19.75 -32.54
N VAL A 51 24.74 -20.48 -32.31
CA VAL A 51 23.43 -19.97 -32.62
C VAL A 51 22.92 -19.12 -31.45
N GLU A 52 22.37 -17.96 -31.76
CA GLU A 52 21.85 -17.02 -30.77
C GLU A 52 22.84 -16.85 -29.62
N GLY A 53 23.90 -16.10 -29.85
CA GLY A 53 24.91 -15.90 -28.85
C GLY A 53 24.76 -14.52 -28.27
N GLY A 54 24.14 -13.64 -29.05
CA GLY A 54 23.88 -12.29 -28.58
C GLY A 54 24.92 -11.30 -28.98
N GLN A 55 24.58 -10.01 -28.99
CA GLN A 55 25.56 -8.99 -29.33
C GLN A 55 25.31 -7.65 -28.67
N VAL A 56 26.24 -6.73 -28.86
CA VAL A 56 26.13 -5.40 -28.29
C VAL A 56 26.37 -4.45 -29.45
N LEU A 57 25.36 -3.67 -29.78
CA LEU A 57 25.49 -2.76 -30.90
C LEU A 57 25.81 -1.35 -30.48
N LYS A 58 26.76 -0.74 -31.18
CA LYS A 58 27.14 0.62 -30.92
C LYS A 58 26.38 1.42 -31.95
N CYS A 59 25.52 2.30 -31.48
CA CYS A 59 24.70 3.13 -32.35
C CYS A 59 25.28 4.53 -32.47
N ASP A 60 25.23 5.05 -33.68
CA ASP A 60 25.75 6.39 -33.98
C ASP A 60 24.61 7.37 -33.81
N TRP A 61 24.94 8.60 -33.44
CA TRP A 61 23.93 9.63 -33.27
C TRP A 61 24.19 10.72 -34.30
N SER A 62 23.43 10.69 -35.39
CA SER A 62 23.59 11.69 -36.43
C SER A 62 22.75 11.36 -37.67
N SER A 63 21.44 11.50 -37.54
CA SER A 63 20.47 11.24 -38.63
C SER A 63 20.56 9.84 -39.23
N THR A 64 21.77 9.32 -39.35
CA THR A 64 22.02 8.01 -39.92
C THR A 64 21.36 6.93 -39.07
N ARG A 65 21.31 7.17 -37.76
CA ARG A 65 20.70 6.22 -36.84
C ARG A 65 21.15 4.77 -37.09
N ARG A 66 22.45 4.58 -37.34
CA ARG A 66 22.97 3.23 -37.57
C ARG A 66 23.62 2.64 -36.31
N CYS A 67 23.63 1.31 -36.27
CA CYS A 67 24.21 0.58 -35.14
C CYS A 67 24.93 -0.61 -35.76
N GLN A 68 26.24 -0.66 -35.58
CA GLN A 68 27.06 -1.76 -36.08
C GLN A 68 27.51 -2.49 -34.81
N PRO A 69 27.27 -3.79 -34.72
CA PRO A 69 27.66 -4.56 -33.55
C PRO A 69 29.12 -4.54 -33.13
N ILE A 70 29.37 -4.12 -31.90
CA ILE A 70 30.73 -4.10 -31.37
C ILE A 70 31.24 -5.54 -31.36
N GLU A 71 32.42 -5.74 -31.93
CA GLU A 71 33.06 -7.05 -32.02
C GLU A 71 33.81 -7.40 -30.73
N PHE A 72 33.16 -8.17 -29.86
CA PHE A 72 33.75 -8.58 -28.60
C PHE A 72 34.47 -9.92 -28.75
N ASP A 73 33.92 -10.80 -29.58
CA ASP A 73 34.52 -12.11 -29.77
C ASP A 73 33.92 -12.84 -30.98
N ALA A 74 34.76 -13.23 -31.93
CA ALA A 74 34.26 -13.91 -33.13
C ALA A 74 34.51 -15.39 -33.03
N THR A 75 35.15 -15.78 -31.94
CA THR A 75 35.52 -17.16 -31.64
C THR A 75 34.39 -18.10 -31.23
N GLY A 76 34.33 -19.26 -31.89
CA GLY A 76 33.33 -20.26 -31.54
C GLY A 76 33.66 -20.95 -30.22
N ASN A 77 33.24 -22.19 -30.05
CA ASN A 77 33.49 -22.89 -28.79
C ASN A 77 34.83 -23.60 -28.64
N ARG A 78 35.59 -23.24 -27.62
CA ARG A 78 36.89 -23.87 -27.42
C ARG A 78 36.75 -25.31 -27.07
N ASP A 79 37.81 -26.07 -27.28
CA ASP A 79 37.79 -27.48 -27.01
C ASP A 79 38.57 -27.94 -25.79
N TYR A 80 38.16 -29.08 -25.26
CA TYR A 80 38.78 -29.67 -24.10
C TYR A 80 39.46 -30.99 -24.52
N ALA A 81 38.98 -31.50 -25.66
CA ALA A 81 39.47 -32.74 -26.25
C ALA A 81 38.80 -32.76 -27.61
N LYS A 82 39.13 -33.73 -28.45
CA LYS A 82 38.53 -33.78 -29.77
C LYS A 82 37.09 -34.21 -29.58
N ASP A 83 36.17 -33.35 -30.00
CA ASP A 83 34.73 -33.58 -29.89
C ASP A 83 34.06 -33.15 -28.57
N ASP A 84 34.83 -33.03 -27.49
CA ASP A 84 34.22 -32.62 -26.22
C ASP A 84 34.55 -31.15 -25.95
N PRO A 85 33.59 -30.25 -26.25
CA PRO A 85 33.65 -28.79 -26.10
C PRO A 85 33.88 -28.35 -24.66
N LEU A 86 34.67 -27.30 -24.52
CA LEU A 86 34.99 -26.79 -23.20
C LEU A 86 33.98 -25.79 -22.68
N GLU A 87 33.37 -25.07 -23.62
CA GLU A 87 32.40 -24.03 -23.30
C GLU A 87 31.29 -24.11 -24.31
N PHE A 88 30.12 -23.56 -23.97
CA PHE A 88 29.00 -23.54 -24.91
C PHE A 88 28.54 -22.10 -24.96
N LYS A 89 28.56 -21.52 -26.17
CA LYS A 89 28.23 -20.13 -26.28
C LYS A 89 26.86 -19.86 -26.79
N SER A 90 26.33 -20.78 -27.58
CA SER A 90 25.00 -20.64 -28.13
C SER A 90 23.97 -20.51 -26.99
N HIS A 91 23.12 -19.49 -27.09
CA HIS A 91 22.07 -19.16 -26.13
C HIS A 91 22.63 -18.68 -24.80
N GLN A 92 23.70 -17.91 -24.88
CA GLN A 92 24.37 -17.41 -23.71
C GLN A 92 23.85 -16.04 -23.24
N TRP A 93 23.01 -15.41 -24.04
CA TRP A 93 22.49 -14.09 -23.70
C TRP A 93 23.62 -13.08 -23.47
N PHE A 94 24.51 -12.95 -24.45
CA PHE A 94 25.60 -11.98 -24.33
C PHE A 94 25.01 -10.63 -24.67
N GLY A 95 25.17 -9.67 -23.78
CA GLY A 95 24.61 -8.34 -24.03
C GLY A 95 23.54 -8.03 -23.01
N ALA A 96 23.13 -9.06 -22.28
CA ALA A 96 22.10 -8.96 -21.25
C ALA A 96 22.40 -7.88 -20.23
N SER A 97 23.62 -7.39 -20.25
CA SER A 97 24.01 -6.33 -19.33
C SER A 97 25.18 -5.61 -19.95
N VAL A 98 25.08 -4.29 -20.04
CA VAL A 98 26.12 -3.51 -20.67
C VAL A 98 26.35 -2.18 -20.01
N ARG A 99 27.49 -2.01 -19.37
CA ARG A 99 27.85 -0.76 -18.74
C ARG A 99 29.16 -0.30 -19.38
N SER A 100 29.46 0.99 -19.29
CA SER A 100 30.71 1.54 -19.85
C SER A 100 31.20 2.58 -18.88
N LYS A 101 32.52 2.68 -18.72
CA LYS A 101 33.09 3.63 -17.78
C LYS A 101 33.78 4.76 -18.51
N GLN A 102 34.22 4.49 -19.73
CA GLN A 102 34.88 5.53 -20.50
C GLN A 102 35.19 4.93 -21.85
N ASP A 103 36.48 4.87 -22.17
CA ASP A 103 36.88 4.29 -23.44
C ASP A 103 36.69 2.78 -23.32
N LYS A 104 36.30 2.35 -22.12
CA LYS A 104 36.07 0.94 -21.83
C LYS A 104 34.60 0.56 -21.66
N ILE A 105 34.27 -0.70 -21.93
CA ILE A 105 32.90 -1.16 -21.78
C ILE A 105 32.76 -2.62 -21.36
N LEU A 106 31.96 -2.87 -20.32
CA LEU A 106 31.73 -4.24 -19.84
C LEU A 106 30.51 -4.85 -20.50
N ALA A 107 30.60 -6.10 -20.93
CA ALA A 107 29.47 -6.77 -21.54
C ALA A 107 29.47 -8.23 -21.11
N CYS A 108 28.39 -8.67 -20.48
CA CYS A 108 28.34 -10.03 -19.99
C CYS A 108 27.36 -10.93 -20.71
N ALA A 109 27.57 -12.24 -20.57
CA ALA A 109 26.72 -13.28 -21.17
C ALA A 109 26.44 -14.23 -20.00
N PRO A 110 25.37 -13.96 -19.25
CA PRO A 110 25.06 -14.81 -18.11
C PRO A 110 24.39 -16.15 -18.31
N LEU A 111 24.19 -16.57 -19.55
CA LEU A 111 23.65 -17.88 -19.77
C LEU A 111 24.73 -18.71 -20.45
N TYR A 112 25.96 -18.21 -20.35
CA TYR A 112 27.15 -18.86 -20.91
C TYR A 112 27.40 -20.12 -20.11
N HIS A 113 27.55 -21.24 -20.80
CA HIS A 113 27.81 -22.50 -20.09
C HIS A 113 29.24 -23.00 -20.25
N TRP A 114 29.69 -23.74 -19.24
CA TRP A 114 31.05 -24.27 -19.18
C TRP A 114 31.01 -25.74 -18.74
N ARG A 115 31.84 -26.61 -19.32
CA ARG A 115 31.82 -28.01 -18.94
C ARG A 115 32.83 -28.41 -17.88
N THR A 116 33.79 -27.54 -17.62
CA THR A 116 34.86 -27.78 -16.62
C THR A 116 35.93 -28.81 -16.96
N GLU A 117 37.15 -28.53 -16.52
CA GLU A 117 38.29 -29.41 -16.76
C GLU A 117 38.09 -30.69 -15.98
N MET A 118 37.20 -30.68 -14.99
CA MET A 118 36.93 -31.88 -14.18
C MET A 118 35.99 -32.91 -14.83
N LYS A 119 34.75 -33.01 -14.36
CA LYS A 119 33.80 -33.94 -14.96
C LYS A 119 33.18 -33.20 -16.12
N GLN A 120 32.32 -33.86 -16.89
CA GLN A 120 31.67 -33.21 -18.03
C GLN A 120 30.37 -32.52 -17.63
N GLU A 121 30.40 -31.21 -17.58
CA GLU A 121 29.24 -30.43 -17.19
C GLU A 121 28.75 -29.54 -18.31
N ARG A 122 27.92 -28.60 -17.92
CA ARG A 122 27.35 -27.56 -18.75
C ARG A 122 26.76 -26.63 -17.71
N GLU A 123 27.65 -26.02 -16.93
CA GLU A 123 27.28 -25.10 -15.88
C GLU A 123 27.23 -23.62 -16.30
N PRO A 124 26.09 -22.95 -16.02
CA PRO A 124 25.90 -21.55 -16.38
C PRO A 124 26.64 -20.63 -15.41
N VAL A 125 27.96 -20.52 -15.58
CA VAL A 125 28.78 -19.68 -14.72
C VAL A 125 28.81 -18.26 -15.22
N GLY A 126 28.59 -18.10 -16.51
CA GLY A 126 28.57 -16.78 -17.13
C GLY A 126 29.96 -16.24 -17.41
N THR A 127 30.03 -15.18 -18.20
CA THR A 127 31.29 -14.58 -18.55
C THR A 127 31.05 -13.22 -19.15
N CYS A 128 31.96 -12.29 -18.89
CA CYS A 128 31.88 -10.96 -19.45
C CYS A 128 33.06 -10.80 -20.42
N PHE A 129 33.16 -9.63 -21.01
CA PHE A 129 34.21 -9.28 -21.97
C PHE A 129 34.39 -7.80 -21.79
N LEU A 130 35.57 -7.37 -21.41
CA LEU A 130 35.79 -5.95 -21.24
C LEU A 130 36.57 -5.44 -22.41
N GLN A 131 36.00 -4.51 -23.17
CA GLN A 131 36.71 -3.94 -24.29
C GLN A 131 37.21 -2.57 -23.85
N ASP A 132 38.27 -2.11 -24.50
CA ASP A 132 38.89 -0.82 -24.23
C ASP A 132 39.75 -0.47 -25.42
N GLY A 133 39.23 0.35 -26.31
CA GLY A 133 39.99 0.70 -27.48
C GLY A 133 40.04 -0.49 -28.42
N THR A 134 41.13 -1.25 -28.34
CA THR A 134 41.27 -2.42 -29.21
C THR A 134 41.52 -3.68 -28.41
N LYS A 135 42.36 -3.59 -27.37
CA LYS A 135 42.61 -4.76 -26.55
C LYS A 135 41.27 -5.20 -25.91
N THR A 136 41.01 -6.49 -25.98
CA THR A 136 39.79 -7.05 -25.44
C THR A 136 40.11 -8.26 -24.57
N VAL A 137 39.97 -8.09 -23.27
CA VAL A 137 40.23 -9.17 -22.34
C VAL A 137 38.92 -9.87 -22.03
N GLU A 138 38.99 -11.04 -21.40
CA GLU A 138 37.80 -11.81 -21.00
C GLU A 138 37.72 -11.88 -19.50
N TYR A 139 36.64 -11.36 -18.93
CA TYR A 139 36.47 -11.41 -17.48
C TYR A 139 35.52 -12.57 -17.14
N ALA A 140 35.85 -13.39 -16.15
CA ALA A 140 35.00 -14.53 -15.83
C ALA A 140 35.21 -15.05 -14.42
N PRO A 141 35.22 -14.17 -13.45
CA PRO A 141 35.42 -14.50 -12.05
C PRO A 141 34.78 -15.76 -11.48
N CYS A 142 33.61 -16.17 -11.97
CA CYS A 142 33.00 -17.37 -11.40
C CYS A 142 33.47 -18.65 -12.06
N ARG A 143 34.16 -18.53 -13.18
CA ARG A 143 34.64 -19.74 -13.83
C ARG A 143 35.98 -20.04 -13.19
N SER A 144 36.00 -20.97 -12.24
CA SER A 144 37.23 -21.32 -11.53
C SER A 144 37.24 -22.81 -11.17
N GLN A 145 38.27 -23.25 -10.45
CA GLN A 145 38.33 -24.66 -10.09
C GLN A 145 37.24 -25.07 -9.09
N ASP A 146 36.51 -24.08 -8.58
CA ASP A 146 35.42 -24.28 -7.61
C ASP A 146 34.12 -24.51 -8.41
N ILE A 147 33.90 -25.74 -8.84
CA ILE A 147 32.74 -26.06 -9.64
C ILE A 147 31.45 -26.49 -8.97
N ASP A 148 30.43 -26.74 -9.80
CA ASP A 148 29.10 -27.17 -9.37
C ASP A 148 28.23 -26.12 -8.65
N ALA A 149 27.02 -26.52 -8.28
CA ALA A 149 26.07 -25.61 -7.63
C ALA A 149 26.34 -25.27 -6.16
N ASP A 150 27.05 -26.13 -5.46
CA ASP A 150 27.34 -25.82 -4.08
C ASP A 150 28.52 -24.87 -4.09
N GLY A 151 29.01 -24.55 -5.28
CA GLY A 151 30.14 -23.65 -5.42
C GLY A 151 29.78 -22.48 -6.30
N GLN A 152 30.54 -22.26 -7.36
CA GLN A 152 30.27 -21.15 -8.28
C GLN A 152 29.86 -21.61 -9.69
N GLY A 153 29.56 -22.90 -9.82
CA GLY A 153 29.16 -23.42 -11.11
C GLY A 153 27.93 -22.82 -11.79
N PHE A 154 27.04 -22.19 -11.03
CA PHE A 154 25.82 -21.60 -11.59
C PHE A 154 25.62 -20.12 -11.29
N CYS A 155 26.69 -19.33 -11.15
CA CYS A 155 26.53 -17.89 -10.86
C CYS A 155 25.70 -17.08 -11.84
N GLN A 156 26.12 -17.19 -13.09
CA GLN A 156 25.55 -16.41 -14.15
C GLN A 156 26.08 -15.04 -13.75
N GLY A 157 27.38 -15.02 -13.46
CA GLY A 157 28.06 -13.79 -13.06
C GLY A 157 27.97 -12.86 -14.24
N GLY A 158 27.57 -11.62 -13.98
CA GLY A 158 27.42 -10.67 -15.05
C GLY A 158 25.95 -10.41 -15.24
N PHE A 159 25.13 -11.04 -14.40
CA PHE A 159 23.68 -10.85 -14.43
C PHE A 159 23.45 -9.34 -14.15
N SER A 160 24.37 -8.73 -13.42
CA SER A 160 24.30 -7.31 -13.17
C SER A 160 25.74 -6.83 -13.04
N ILE A 161 26.00 -5.58 -13.41
CA ILE A 161 27.34 -5.01 -13.35
C ILE A 161 27.27 -3.51 -13.20
N ASP A 162 28.42 -2.92 -12.88
CA ASP A 162 28.52 -1.48 -12.70
C ASP A 162 29.96 -1.10 -12.41
N PHE A 163 30.35 0.13 -12.73
CA PHE A 163 31.69 0.61 -12.44
C PHE A 163 31.58 1.54 -11.25
N THR A 164 32.70 1.83 -10.61
CA THR A 164 32.73 2.75 -9.49
C THR A 164 33.59 3.93 -9.90
N LYS A 165 33.41 5.06 -9.23
CA LYS A 165 34.16 6.28 -9.51
C LYS A 165 35.62 5.98 -9.76
N ALA A 166 36.26 5.37 -8.77
CA ALA A 166 37.69 5.03 -8.84
C ALA A 166 37.96 3.94 -9.83
N ASP A 167 37.08 3.80 -10.80
CA ASP A 167 37.23 2.80 -11.84
C ASP A 167 37.49 1.41 -11.29
N ARG A 168 36.42 0.63 -11.17
CA ARG A 168 36.43 -0.73 -10.66
C ARG A 168 35.15 -1.42 -11.13
N VAL A 169 35.08 -2.74 -11.03
CA VAL A 169 33.88 -3.41 -11.48
C VAL A 169 33.11 -4.13 -10.40
N LEU A 170 31.79 -3.98 -10.45
CA LEU A 170 30.91 -4.65 -9.52
C LEU A 170 30.14 -5.62 -10.39
N LEU A 171 30.38 -6.92 -10.20
CA LEU A 171 29.71 -7.92 -10.98
C LEU A 171 28.91 -8.83 -10.08
N GLY A 172 27.64 -9.02 -10.46
CA GLY A 172 26.76 -9.88 -9.67
C GLY A 172 26.45 -11.21 -10.33
N GLY A 173 26.33 -12.25 -9.51
CA GLY A 173 26.03 -13.57 -10.03
C GLY A 173 25.04 -14.22 -9.10
N PRO A 174 23.75 -14.16 -9.42
CA PRO A 174 22.65 -14.72 -8.65
C PRO A 174 22.69 -16.18 -8.29
N GLY A 175 23.46 -16.99 -9.02
CA GLY A 175 23.47 -18.41 -8.72
C GLY A 175 24.46 -18.95 -7.70
N SER A 176 25.49 -18.16 -7.38
CA SER A 176 26.54 -18.57 -6.44
C SER A 176 26.09 -19.23 -5.16
N PHE A 177 26.77 -20.31 -4.79
CA PHE A 177 26.50 -21.02 -3.55
C PHE A 177 25.02 -21.33 -3.37
N TYR A 178 24.54 -22.30 -4.14
CA TYR A 178 23.15 -22.71 -4.08
C TYR A 178 22.21 -21.51 -4.19
N TRP A 179 22.42 -20.73 -5.23
CA TRP A 179 21.62 -19.58 -5.54
C TRP A 179 21.50 -18.55 -4.43
N GLN A 180 22.42 -18.59 -3.47
CA GLN A 180 22.40 -17.56 -2.44
C GLN A 180 22.65 -16.27 -3.21
N GLY A 181 23.67 -16.30 -4.06
CA GLY A 181 24.03 -15.16 -4.86
C GLY A 181 25.41 -14.68 -4.49
N GLN A 182 26.04 -13.94 -5.39
CA GLN A 182 27.37 -13.43 -5.13
C GLN A 182 27.67 -12.05 -5.70
N LEU A 183 28.62 -11.38 -5.06
CA LEU A 183 29.10 -10.05 -5.48
C LEU A 183 30.62 -10.16 -5.65
N ILE A 184 31.17 -9.62 -6.73
CA ILE A 184 32.62 -9.66 -6.94
C ILE A 184 33.14 -8.34 -7.50
N SER A 185 34.12 -7.73 -6.84
CA SER A 185 34.64 -6.44 -7.32
C SER A 185 36.12 -6.45 -7.65
N ASP A 186 36.43 -6.16 -8.90
CA ASP A 186 37.81 -6.16 -9.35
C ASP A 186 38.27 -4.90 -10.03
N GLN A 187 39.57 -4.61 -9.92
CA GLN A 187 40.15 -3.44 -10.54
C GLN A 187 40.27 -3.62 -12.06
N VAL A 188 39.70 -2.67 -12.78
CA VAL A 188 39.71 -2.68 -14.23
C VAL A 188 41.08 -3.02 -14.74
N ALA A 189 42.08 -2.34 -14.18
CA ALA A 189 43.49 -2.54 -14.56
C ALA A 189 43.90 -3.99 -14.40
N GLU A 190 43.75 -4.50 -13.19
CA GLU A 190 44.11 -5.87 -12.88
C GLU A 190 43.41 -6.84 -13.83
N ILE A 191 42.24 -6.47 -14.29
CA ILE A 191 41.49 -7.32 -15.19
C ILE A 191 42.15 -7.44 -16.55
N VAL A 192 42.66 -6.34 -17.10
CA VAL A 192 43.30 -6.39 -18.41
C VAL A 192 44.77 -6.79 -18.31
N SER A 193 45.36 -6.55 -17.13
CA SER A 193 46.77 -6.85 -16.91
C SER A 193 47.01 -8.30 -16.57
N LYS A 194 46.09 -8.90 -15.84
CA LYS A 194 46.28 -10.29 -15.46
C LYS A 194 45.62 -11.24 -16.43
N TYR A 195 45.20 -10.74 -17.59
CA TYR A 195 44.57 -11.62 -18.56
C TYR A 195 45.56 -12.63 -19.10
N ASP A 196 45.06 -13.69 -19.74
CA ASP A 196 45.91 -14.70 -20.33
C ASP A 196 45.08 -15.77 -21.01
N PRO A 197 45.01 -15.72 -22.33
CA PRO A 197 44.28 -16.63 -23.20
C PRO A 197 44.39 -18.08 -22.80
N ASN A 198 45.50 -18.44 -22.16
CA ASN A 198 45.71 -19.82 -21.78
C ASN A 198 45.35 -20.16 -20.35
N VAL A 199 44.57 -19.32 -19.70
CA VAL A 199 44.21 -19.63 -18.34
C VAL A 199 42.75 -19.32 -18.09
N TYR A 200 41.94 -20.35 -18.32
CA TYR A 200 40.51 -20.29 -18.15
C TYR A 200 40.09 -19.77 -16.78
N SER A 201 40.96 -19.87 -15.80
CA SER A 201 40.59 -19.41 -14.48
C SER A 201 41.68 -18.52 -13.89
N ILE A 202 41.52 -17.21 -14.09
CA ILE A 202 42.50 -16.21 -13.66
C ILE A 202 42.41 -15.67 -12.24
N LYS A 203 43.55 -15.51 -11.58
CA LYS A 203 43.57 -14.99 -10.22
C LYS A 203 43.92 -13.51 -10.19
N TYR A 204 42.91 -12.67 -10.01
CA TYR A 204 43.15 -11.23 -9.97
C TYR A 204 43.60 -10.87 -8.56
N ASN A 205 44.45 -9.86 -8.46
CA ASN A 205 44.98 -9.48 -7.17
C ASN A 205 44.05 -8.96 -6.11
N ASN A 206 43.80 -7.67 -6.10
CA ASN A 206 42.92 -7.11 -5.08
C ASN A 206 41.49 -7.25 -5.53
N GLN A 207 40.93 -8.44 -5.29
CA GLN A 207 39.58 -8.76 -5.66
C GLN A 207 38.71 -8.85 -4.43
N LEU A 208 37.62 -8.10 -4.41
CA LEU A 208 36.69 -8.17 -3.31
C LEU A 208 35.63 -9.18 -3.72
N ALA A 209 35.14 -9.95 -2.76
CA ALA A 209 34.12 -10.95 -3.04
C ALA A 209 33.41 -11.41 -1.77
N THR A 210 32.12 -11.68 -1.89
CA THR A 210 31.34 -12.15 -0.77
C THR A 210 31.67 -13.62 -0.62
N ARG A 211 31.34 -14.21 0.53
CA ARG A 211 31.65 -15.62 0.73
C ARG A 211 30.36 -16.43 0.85
N THR A 212 30.47 -17.75 0.74
CA THR A 212 29.28 -18.59 0.88
C THR A 212 28.77 -18.46 2.30
N ALA A 213 27.51 -18.80 2.53
CA ALA A 213 26.97 -18.70 3.87
C ALA A 213 26.14 -19.91 4.27
N GLN A 214 25.50 -19.79 5.43
CA GLN A 214 24.67 -20.87 5.94
C GLN A 214 23.64 -21.22 4.88
N ALA A 215 23.07 -22.42 4.96
CA ALA A 215 22.10 -22.89 3.98
C ALA A 215 20.78 -22.13 3.98
N ILE A 216 20.34 -21.68 5.15
CA ILE A 216 19.11 -20.91 5.26
C ILE A 216 18.96 -19.92 4.11
N PHE A 217 20.07 -19.31 3.74
CA PHE A 217 20.09 -18.32 2.70
C PHE A 217 20.00 -18.83 1.29
N ASP A 218 20.12 -20.13 1.07
CA ASP A 218 20.02 -20.65 -0.29
C ASP A 218 18.84 -20.05 -1.05
N ASP A 219 19.05 -19.80 -2.33
CA ASP A 219 18.02 -19.24 -3.17
C ASP A 219 17.60 -17.82 -2.88
N SER A 220 18.53 -16.96 -2.50
CA SER A 220 18.19 -15.57 -2.21
C SER A 220 18.31 -14.69 -3.45
N TYR A 221 19.31 -15.00 -4.27
CA TYR A 221 19.57 -14.27 -5.51
C TYR A 221 20.36 -12.98 -5.35
N LEU A 222 21.38 -13.01 -4.50
CA LEU A 222 22.22 -11.83 -4.36
C LEU A 222 22.91 -11.61 -5.68
N GLY A 223 22.91 -10.36 -6.13
CA GLY A 223 23.52 -10.02 -7.40
C GLY A 223 22.49 -9.84 -8.48
N TYR A 224 21.22 -10.13 -8.18
CA TYR A 224 20.16 -9.98 -9.16
C TYR A 224 20.23 -8.58 -9.80
N SER A 225 20.55 -7.59 -8.96
CA SER A 225 20.69 -6.22 -9.39
C SER A 225 21.84 -5.60 -8.59
N VAL A 226 22.34 -4.46 -9.03
CA VAL A 226 23.47 -3.84 -8.36
C VAL A 226 23.71 -2.38 -8.76
N ALA A 227 24.05 -1.56 -7.78
CA ALA A 227 24.32 -0.16 -8.04
C ALA A 227 25.38 0.26 -7.05
N VAL A 228 26.07 1.36 -7.33
CA VAL A 228 27.15 1.81 -6.45
C VAL A 228 27.03 3.25 -5.95
N GLY A 229 27.72 3.55 -4.85
CA GLY A 229 27.69 4.89 -4.27
C GLY A 229 28.30 4.84 -2.90
N ASP A 230 28.68 6.01 -2.36
CA ASP A 230 29.31 6.10 -1.04
C ASP A 230 28.30 6.16 0.10
N PHE A 231 28.54 5.36 1.14
CA PHE A 231 27.66 5.27 2.30
C PHE A 231 28.32 5.37 3.68
N ASN A 232 29.54 5.91 3.69
CA ASN A 232 30.28 6.12 4.94
C ASN A 232 31.17 7.34 4.78
N GLY A 233 31.52 7.94 5.91
CA GLY A 233 32.36 9.14 5.96
C GLY A 233 32.69 9.73 4.60
N ASP A 234 33.61 9.06 3.91
CA ASP A 234 34.04 9.48 2.60
C ASP A 234 34.67 8.29 1.90
N GLY A 235 35.19 8.53 0.72
CA GLY A 235 35.83 7.45 0.02
C GLY A 235 35.19 7.07 -1.29
N ILE A 236 35.27 5.78 -1.59
CA ILE A 236 34.73 5.25 -2.82
C ILE A 236 33.38 4.62 -2.62
N ASP A 237 32.64 4.58 -3.72
CA ASP A 237 31.32 4.00 -3.74
C ASP A 237 31.41 2.65 -3.05
N ASP A 238 30.36 2.32 -2.32
CA ASP A 238 30.29 1.04 -1.63
C ASP A 238 29.33 0.27 -2.53
N PHE A 239 29.16 -1.01 -2.27
CA PHE A 239 28.28 -1.79 -3.13
C PHE A 239 26.85 -1.93 -2.64
N VAL A 240 25.92 -1.77 -3.57
CA VAL A 240 24.51 -1.92 -3.29
C VAL A 240 23.99 -2.98 -4.21
N SER A 241 23.36 -3.99 -3.63
CA SER A 241 22.80 -5.09 -4.41
C SER A 241 21.44 -5.55 -3.88
N GLY A 242 20.51 -5.80 -4.79
CA GLY A 242 19.19 -6.29 -4.40
C GLY A 242 19.15 -7.81 -4.35
N VAL A 243 18.37 -8.34 -3.41
CA VAL A 243 18.25 -9.79 -3.21
C VAL A 243 16.77 -10.17 -3.17
N PRO A 244 16.14 -10.29 -4.35
CA PRO A 244 14.71 -10.62 -4.53
C PRO A 244 14.18 -11.68 -3.59
N ARG A 245 14.71 -12.88 -3.70
CA ARG A 245 14.27 -13.98 -2.86
C ARG A 245 14.71 -13.88 -1.40
N ALA A 246 15.49 -12.86 -1.07
CA ALA A 246 15.96 -12.73 0.30
C ALA A 246 14.83 -12.90 1.30
N ALA A 247 15.18 -13.22 2.55
CA ALA A 247 14.19 -13.43 3.61
C ALA A 247 13.24 -14.56 3.26
N ARG A 248 11.97 -14.37 3.53
CA ARG A 248 11.00 -15.40 3.21
C ARG A 248 10.34 -14.90 1.93
N THR A 249 11.20 -14.40 1.05
CA THR A 249 10.84 -13.80 -0.24
C THR A 249 10.25 -12.43 0.07
N LEU A 250 10.72 -11.84 1.15
CA LEU A 250 10.32 -10.50 1.56
C LEU A 250 11.26 -9.64 0.74
N GLY A 251 12.42 -10.22 0.42
CA GLY A 251 13.42 -9.54 -0.38
C GLY A 251 14.18 -8.50 0.39
N MET A 252 15.50 -8.49 0.21
CA MET A 252 16.34 -7.52 0.89
C MET A 252 17.25 -6.83 -0.09
N VAL A 253 17.89 -5.77 0.38
CA VAL A 253 18.87 -5.03 -0.40
C VAL A 253 20.09 -4.91 0.49
N TYR A 254 21.24 -5.38 0.00
CA TYR A 254 22.47 -5.31 0.77
C TYR A 254 23.32 -4.16 0.25
N ILE A 255 23.98 -3.48 1.19
CA ILE A 255 24.88 -2.38 0.86
C ILE A 255 26.21 -2.75 1.48
N TYR A 256 27.16 -3.21 0.66
CA TYR A 256 28.47 -3.59 1.18
C TYR A 256 29.50 -2.46 1.06
N ASP A 257 30.49 -2.46 1.93
CA ASP A 257 31.55 -1.46 1.88
C ASP A 257 32.46 -1.78 0.69
N GLY A 258 32.71 -0.78 -0.14
CA GLY A 258 33.55 -0.99 -1.32
C GLY A 258 35.05 -1.17 -1.14
N LYS A 259 35.56 -1.06 0.07
CA LYS A 259 37.00 -1.23 0.27
C LYS A 259 37.35 -2.64 0.71
N ASN A 260 36.61 -3.14 1.70
CA ASN A 260 36.83 -4.48 2.25
C ASN A 260 35.69 -5.47 1.97
N MET A 261 34.59 -4.98 1.40
CA MET A 261 33.44 -5.82 1.06
C MET A 261 32.68 -6.34 2.29
N SER A 262 32.71 -5.56 3.37
CA SER A 262 32.04 -5.92 4.60
C SER A 262 30.66 -5.28 4.64
N SER A 263 29.73 -5.87 5.37
CA SER A 263 28.37 -5.32 5.43
C SER A 263 28.24 -3.95 6.09
N LEU A 264 27.39 -3.11 5.53
CA LEU A 264 27.17 -1.77 6.08
C LEU A 264 25.71 -1.56 6.46
N TYR A 265 24.80 -1.90 5.54
CA TYR A 265 23.37 -1.71 5.77
C TYR A 265 22.53 -2.77 5.05
N ASN A 266 21.29 -2.88 5.48
CA ASN A 266 20.35 -3.81 4.88
C ASN A 266 19.03 -3.11 4.71
N PHE A 267 18.22 -3.64 3.83
CA PHE A 267 16.89 -3.13 3.59
C PHE A 267 16.08 -4.39 3.42
N THR A 268 14.87 -4.40 3.98
CA THR A 268 14.00 -5.56 3.87
C THR A 268 12.68 -5.16 3.24
N GLY A 269 12.00 -6.12 2.63
CA GLY A 269 10.71 -5.82 2.04
C GLY A 269 9.63 -5.81 3.10
N GLU A 270 8.39 -5.66 2.68
CA GLU A 270 7.28 -5.64 3.61
C GLU A 270 6.25 -6.66 3.17
N GLN A 271 6.27 -7.00 1.88
CA GLN A 271 5.31 -7.93 1.32
C GLN A 271 5.90 -9.07 0.48
N MET A 272 5.78 -10.29 0.97
CA MET A 272 6.30 -11.42 0.24
C MET A 272 5.98 -11.42 -1.25
N ALA A 273 6.81 -12.11 -2.01
CA ALA A 273 6.68 -12.27 -3.45
C ALA A 273 6.67 -10.96 -4.27
N ALA A 274 6.78 -9.82 -3.62
CA ALA A 274 6.73 -8.53 -4.33
C ALA A 274 7.93 -8.31 -5.22
N TYR A 275 9.00 -9.06 -4.96
CA TYR A 275 10.26 -8.97 -5.67
C TYR A 275 11.03 -7.72 -5.33
N PHE A 276 11.12 -7.45 -4.04
CA PHE A 276 11.89 -6.33 -3.55
C PHE A 276 13.28 -6.64 -4.07
N GLY A 277 14.01 -5.61 -4.49
CA GLY A 277 15.36 -5.81 -4.97
C GLY A 277 15.50 -5.99 -6.47
N PHE A 278 14.43 -6.39 -7.16
CA PHE A 278 14.48 -6.59 -8.62
C PHE A 278 15.35 -5.50 -9.24
N SER A 279 15.34 -4.33 -8.61
CA SER A 279 16.14 -3.22 -9.09
C SER A 279 16.56 -2.27 -8.00
N VAL A 280 17.67 -1.57 -8.22
CA VAL A 280 18.18 -0.60 -7.27
C VAL A 280 18.87 0.54 -8.00
N ALA A 281 19.05 1.64 -7.30
CA ALA A 281 19.70 2.80 -7.86
C ALA A 281 20.25 3.71 -6.80
N ALA A 282 21.40 4.29 -7.09
CA ALA A 282 22.07 5.20 -6.19
C ALA A 282 22.20 6.49 -6.95
N THR A 283 21.78 7.57 -6.32
CA THR A 283 21.85 8.88 -6.93
C THR A 283 21.37 9.86 -5.89
N ASP A 284 21.84 11.09 -5.96
CA ASP A 284 21.41 12.07 -4.98
C ASP A 284 20.19 12.85 -5.43
N ILE A 285 19.07 12.57 -4.77
CA ILE A 285 17.80 13.16 -5.11
C ILE A 285 17.58 14.57 -4.56
N ASN A 286 18.18 14.90 -3.41
CA ASN A 286 17.99 16.21 -2.81
C ASN A 286 19.22 17.11 -2.74
N GLY A 287 20.11 17.00 -3.72
CA GLY A 287 21.31 17.84 -3.76
C GLY A 287 22.04 18.12 -2.46
N ASP A 288 22.10 17.13 -1.56
CA ASP A 288 22.82 17.32 -0.29
C ASP A 288 24.12 16.52 -0.32
N ASP A 289 24.65 16.37 -1.52
CA ASP A 289 25.90 15.65 -1.74
C ASP A 289 25.98 14.29 -1.07
N TYR A 290 24.85 13.81 -0.57
CA TYR A 290 24.80 12.49 0.05
C TYR A 290 24.00 11.59 -0.88
N ALA A 291 24.57 10.45 -1.27
CA ALA A 291 23.90 9.53 -2.18
C ALA A 291 22.60 9.04 -1.59
N ASP A 292 21.66 8.69 -2.47
CA ASP A 292 20.35 8.24 -2.05
C ASP A 292 20.00 6.89 -2.69
N VAL A 293 19.40 6.01 -1.90
CA VAL A 293 19.06 4.67 -2.37
C VAL A 293 17.63 4.49 -2.88
N PHE A 294 17.51 3.81 -4.01
CA PHE A 294 16.19 3.55 -4.61
C PHE A 294 16.02 2.05 -4.87
N ILE A 295 14.98 1.46 -4.29
CA ILE A 295 14.71 0.05 -4.44
C ILE A 295 13.36 -0.11 -5.07
N GLY A 296 13.25 -0.98 -6.08
CA GLY A 296 11.98 -1.20 -6.74
C GLY A 296 11.46 -2.61 -6.57
N ALA A 297 10.16 -2.71 -6.26
CA ALA A 297 9.44 -3.99 -6.07
C ALA A 297 8.33 -4.03 -7.13
N PRO A 298 8.66 -4.48 -8.33
CA PRO A 298 7.71 -4.57 -9.44
C PRO A 298 6.39 -5.30 -9.23
N LEU A 299 6.27 -6.09 -8.19
CA LEU A 299 5.05 -6.83 -7.99
C LEU A 299 4.33 -6.55 -6.67
N PHE A 300 4.62 -5.40 -6.08
CA PHE A 300 4.01 -5.03 -4.81
C PHE A 300 2.50 -4.89 -4.94
N MET A 301 1.77 -5.39 -3.96
CA MET A 301 0.32 -5.26 -4.00
C MET A 301 -0.09 -4.28 -2.92
N ASP A 302 -0.83 -3.25 -3.31
CA ASP A 302 -1.32 -2.27 -2.35
C ASP A 302 -2.81 -2.46 -2.41
N ARG A 303 -3.58 -1.54 -1.82
CA ARG A 303 -5.03 -1.67 -1.82
C ARG A 303 -5.72 -0.49 -2.44
N GLY A 304 -6.88 -0.74 -3.05
CA GLY A 304 -7.63 0.35 -3.66
C GLY A 304 -8.61 0.98 -2.69
N SER A 305 -9.45 1.88 -3.20
CA SER A 305 -10.45 2.54 -2.37
C SER A 305 -11.33 1.52 -1.68
N ASP A 306 -11.76 0.51 -2.44
CA ASP A 306 -12.61 -0.54 -1.92
C ASP A 306 -11.80 -1.48 -1.04
N GLY A 307 -10.57 -1.08 -0.75
CA GLY A 307 -9.70 -1.90 0.10
C GLY A 307 -9.26 -3.25 -0.41
N LYS A 308 -9.40 -3.49 -1.70
CA LYS A 308 -9.01 -4.78 -2.28
C LYS A 308 -7.52 -4.77 -2.66
N LEU A 309 -6.85 -5.90 -2.42
CA LEU A 309 -5.42 -6.05 -2.73
C LEU A 309 -5.22 -5.94 -4.24
N GLN A 310 -4.35 -5.04 -4.69
CA GLN A 310 -4.09 -4.87 -6.12
C GLN A 310 -2.60 -4.71 -6.37
N GLU A 311 -2.13 -5.28 -7.49
CA GLU A 311 -0.71 -5.24 -7.88
C GLU A 311 -0.31 -4.07 -8.76
N VAL A 312 0.53 -3.20 -8.23
CA VAL A 312 0.98 -2.04 -9.00
C VAL A 312 2.42 -1.66 -8.70
N GLY A 313 3.05 -2.47 -7.86
CA GLY A 313 4.44 -2.26 -7.46
C GLY A 313 4.78 -0.91 -6.84
N GLN A 314 5.79 -0.88 -5.99
CA GLN A 314 6.21 0.39 -5.39
C GLN A 314 7.73 0.56 -5.42
N VAL A 315 8.17 1.78 -5.14
CA VAL A 315 9.58 2.10 -5.12
C VAL A 315 9.96 2.68 -3.79
N SER A 316 10.86 2.01 -3.09
CA SER A 316 11.33 2.49 -1.80
C SER A 316 12.34 3.59 -2.10
N VAL A 317 12.19 4.73 -1.45
CA VAL A 317 13.09 5.87 -1.64
C VAL A 317 13.68 6.23 -0.28
N SER A 318 14.83 5.64 0.03
CA SER A 318 15.51 5.87 1.29
C SER A 318 16.53 7.00 1.20
N LEU A 319 16.29 8.08 1.93
CA LEU A 319 17.21 9.21 1.91
C LEU A 319 18.25 9.04 3.00
N GLN A 320 19.52 9.19 2.63
CA GLN A 320 20.65 9.03 3.54
C GLN A 320 21.03 10.33 4.21
N ARG A 321 21.02 10.34 5.53
CA ARG A 321 21.38 11.53 6.28
C ARG A 321 22.78 11.35 6.84
N ALA A 322 23.41 12.48 7.16
CA ALA A 322 24.77 12.49 7.69
C ALA A 322 24.94 11.47 8.82
N SER A 323 23.87 11.27 9.60
CA SER A 323 23.89 10.32 10.70
C SER A 323 24.37 8.94 10.28
N GLY A 324 23.80 8.43 9.19
CA GLY A 324 24.15 7.11 8.69
C GLY A 324 22.88 6.28 8.54
N ASP A 325 21.85 6.70 9.26
CA ASP A 325 20.56 6.05 9.22
C ASP A 325 19.83 6.60 7.99
N PHE A 326 18.75 5.96 7.58
CA PHE A 326 18.02 6.42 6.41
C PHE A 326 16.61 6.86 6.76
N GLN A 327 16.10 7.80 5.99
CA GLN A 327 14.75 8.30 6.19
C GLN A 327 14.01 7.93 4.90
N THR A 328 13.38 6.76 4.92
CA THR A 328 12.69 6.26 3.75
C THR A 328 11.25 6.73 3.57
N THR A 329 10.72 6.51 2.38
CA THR A 329 9.35 6.87 2.02
C THR A 329 8.89 5.86 0.95
N LYS A 330 7.64 5.92 0.52
CA LYS A 330 7.19 4.98 -0.50
C LYS A 330 6.53 5.64 -1.70
N LEU A 331 6.39 4.87 -2.78
CA LEU A 331 5.82 5.40 -4.00
C LEU A 331 5.20 4.25 -4.80
N ASN A 332 3.88 4.21 -4.88
CA ASN A 332 3.27 3.10 -5.60
C ASN A 332 2.89 3.43 -7.02
N GLY A 333 2.86 2.39 -7.86
CA GLY A 333 2.51 2.54 -9.25
C GLY A 333 1.07 3.00 -9.38
N PHE A 334 0.54 3.02 -10.58
CA PHE A 334 -0.82 3.47 -10.72
C PHE A 334 -1.66 2.41 -11.41
N GLU A 335 -1.23 1.97 -12.59
CA GLU A 335 -1.96 0.94 -13.29
C GLU A 335 -1.63 -0.44 -12.74
N VAL A 336 -2.64 -1.29 -12.71
CA VAL A 336 -2.47 -2.64 -12.21
C VAL A 336 -1.70 -3.49 -13.18
N PHE A 337 -0.84 -4.34 -12.65
CA PHE A 337 -0.05 -5.23 -13.48
C PHE A 337 1.08 -4.61 -14.32
N ALA A 338 1.18 -3.29 -14.36
CA ALA A 338 2.20 -2.62 -15.15
C ALA A 338 3.64 -2.78 -14.66
N ARG A 339 3.83 -3.14 -13.40
CA ARG A 339 5.17 -3.33 -12.81
C ARG A 339 5.94 -2.01 -12.76
N PHE A 340 5.67 -1.23 -11.74
CA PHE A 340 6.25 0.09 -11.57
C PHE A 340 7.77 0.21 -11.34
N GLY A 341 8.24 -0.19 -10.17
CA GLY A 341 9.66 -0.09 -9.93
C GLY A 341 10.42 -1.11 -10.73
N SER A 342 9.83 -1.55 -11.84
CA SER A 342 10.46 -2.56 -12.67
C SER A 342 11.80 -2.08 -13.22
N ALA A 343 11.99 -0.77 -13.29
CA ALA A 343 13.24 -0.20 -13.78
C ALA A 343 13.39 1.25 -13.33
N ILE A 344 14.28 1.46 -12.37
CA ILE A 344 14.56 2.80 -11.88
C ILE A 344 15.78 3.25 -12.66
N ALA A 345 15.87 4.52 -12.97
CA ALA A 345 17.01 5.01 -13.73
C ALA A 345 17.38 6.46 -13.41
N PRO A 346 18.59 6.68 -12.87
CA PRO A 346 18.99 8.05 -12.54
C PRO A 346 19.32 8.90 -13.75
N LEU A 347 18.82 10.13 -13.72
CA LEU A 347 19.06 11.12 -14.76
C LEU A 347 19.92 12.07 -13.96
N GLY A 348 20.41 13.14 -14.55
CA GLY A 348 21.19 14.04 -13.73
C GLY A 348 20.18 15.03 -13.20
N ASP A 349 20.26 16.24 -13.75
CA ASP A 349 19.32 17.27 -13.42
C ASP A 349 18.67 17.45 -14.79
N LEU A 350 17.63 16.66 -15.02
CA LEU A 350 16.92 16.67 -16.28
C LEU A 350 16.41 18.05 -16.64
N ASP A 351 16.47 18.98 -15.71
CA ASP A 351 15.99 20.33 -16.00
C ASP A 351 16.95 21.34 -15.44
N GLN A 352 18.12 20.87 -15.06
CA GLN A 352 19.15 21.74 -14.52
C GLN A 352 18.60 22.67 -13.46
N ASP A 353 17.61 22.20 -12.69
CA ASP A 353 17.02 23.02 -11.64
C ASP A 353 17.91 23.08 -10.39
N GLY A 354 18.96 22.26 -10.38
CA GLY A 354 19.86 22.24 -9.23
C GLY A 354 19.69 20.99 -8.40
N PHE A 355 18.79 20.11 -8.83
CA PHE A 355 18.53 18.86 -8.13
C PHE A 355 18.37 17.74 -9.14
N ASN A 356 18.83 16.54 -8.81
CA ASN A 356 18.73 15.40 -9.75
C ASN A 356 17.35 14.80 -9.84
N ASP A 357 17.07 14.18 -10.97
CA ASP A 357 15.77 13.57 -11.18
C ASP A 357 15.91 12.06 -11.41
N ILE A 358 14.80 11.35 -11.27
CA ILE A 358 14.87 9.92 -11.43
C ILE A 358 13.69 9.43 -12.28
N ALA A 359 13.92 8.40 -13.08
CA ALA A 359 12.85 7.88 -13.92
C ALA A 359 12.46 6.47 -13.46
N ILE A 360 11.15 6.22 -13.36
CA ILE A 360 10.65 4.91 -12.93
C ILE A 360 9.83 4.39 -14.10
N ALA A 361 9.96 3.10 -14.42
CA ALA A 361 9.26 2.53 -15.56
C ALA A 361 8.29 1.43 -15.21
N ALA A 362 7.11 1.47 -15.84
CA ALA A 362 6.07 0.47 -15.64
C ALA A 362 5.93 -0.16 -17.02
N PRO A 363 6.85 -1.06 -17.35
CA PRO A 363 6.97 -1.80 -18.60
C PRO A 363 5.68 -2.26 -19.26
N TYR A 364 4.66 -2.58 -18.48
CA TYR A 364 3.44 -3.05 -19.09
C TYR A 364 2.20 -2.23 -18.72
N GLY A 365 2.29 -0.91 -18.85
CA GLY A 365 1.19 -0.05 -18.50
C GLY A 365 0.77 0.80 -19.68
N GLY A 366 -0.52 1.13 -19.76
CA GLY A 366 -1.03 1.96 -20.84
C GLY A 366 -1.51 1.24 -22.08
N GLU A 367 -2.37 1.91 -22.86
CA GLU A 367 -2.93 1.34 -24.10
C GLU A 367 -3.08 -0.15 -23.96
N ASP A 368 -2.22 -0.88 -24.66
CA ASP A 368 -2.22 -2.33 -24.58
C ASP A 368 -0.81 -2.73 -24.20
N LYS A 369 -0.49 -2.60 -22.91
CA LYS A 369 0.84 -2.94 -22.41
C LYS A 369 1.91 -2.28 -23.26
N LYS A 370 1.61 -1.14 -23.86
CA LYS A 370 2.60 -0.47 -24.69
C LYS A 370 3.80 0.02 -23.88
N GLY A 371 3.67 0.11 -22.56
CA GLY A 371 4.78 0.55 -21.72
C GLY A 371 4.81 2.02 -21.31
N ILE A 372 5.16 2.30 -20.06
CA ILE A 372 5.20 3.68 -19.58
C ILE A 372 6.38 4.01 -18.65
N VAL A 373 6.95 5.20 -18.83
CA VAL A 373 8.08 5.65 -18.01
C VAL A 373 7.62 6.94 -17.37
N TYR A 374 7.78 7.05 -16.07
CA TYR A 374 7.39 8.26 -15.35
C TYR A 374 8.68 8.93 -14.89
N ILE A 375 8.85 10.21 -15.19
CA ILE A 375 10.05 10.87 -14.71
C ILE A 375 9.68 11.72 -13.49
N PHE A 376 10.43 11.56 -12.39
CA PHE A 376 10.19 12.28 -11.14
C PHE A 376 11.30 13.27 -10.83
N ASN A 377 10.94 14.52 -10.53
CA ASN A 377 11.93 15.54 -10.21
C ASN A 377 12.30 15.56 -8.73
N GLY A 378 13.56 15.88 -8.46
CA GLY A 378 14.01 15.93 -7.08
C GLY A 378 13.99 17.34 -6.54
N ARG A 379 13.91 17.46 -5.22
CA ARG A 379 13.87 18.76 -4.58
C ARG A 379 14.38 18.64 -3.14
N SER A 380 15.03 19.70 -2.65
CA SER A 380 15.56 19.76 -1.30
C SER A 380 14.83 18.86 -0.30
N THR A 381 13.54 19.11 -0.14
CA THR A 381 12.72 18.35 0.80
C THR A 381 12.79 16.84 0.60
N GLY A 382 13.05 16.41 -0.64
CA GLY A 382 13.14 14.99 -0.95
C GLY A 382 12.91 14.77 -2.43
N LEU A 383 12.09 13.80 -2.78
CA LEU A 383 11.77 13.53 -4.20
C LEU A 383 10.29 13.77 -4.40
N ASN A 384 9.92 14.74 -5.24
CA ASN A 384 8.50 14.98 -5.45
C ASN A 384 7.87 13.70 -5.95
N ALA A 385 6.80 13.29 -5.28
CA ALA A 385 6.09 12.07 -5.62
C ALA A 385 5.05 12.22 -6.71
N VAL A 386 5.14 13.25 -7.54
CA VAL A 386 4.17 13.41 -8.59
C VAL A 386 4.81 13.47 -9.95
N PRO A 387 4.72 12.38 -10.71
CA PRO A 387 5.35 12.39 -12.04
C PRO A 387 5.22 13.72 -12.78
N SER A 388 6.35 14.33 -13.10
CA SER A 388 6.31 15.56 -13.83
C SER A 388 6.15 15.19 -15.29
N GLN A 389 6.55 14.00 -15.68
CA GLN A 389 6.34 13.66 -17.08
C GLN A 389 6.04 12.19 -17.29
N ILE A 390 5.43 11.88 -18.42
CA ILE A 390 5.10 10.51 -18.74
C ILE A 390 5.49 10.14 -20.15
N LEU A 391 6.38 9.16 -20.27
CA LEU A 391 6.79 8.70 -21.56
C LEU A 391 5.95 7.48 -21.85
N GLU A 392 5.25 7.51 -22.97
CA GLU A 392 4.39 6.43 -23.40
C GLU A 392 5.01 5.68 -24.55
N GLY A 393 5.25 4.39 -24.36
CA GLY A 393 5.83 3.60 -25.42
C GLY A 393 4.90 3.70 -26.60
N GLN A 394 5.44 3.98 -27.78
CA GLN A 394 4.62 4.08 -28.97
C GLN A 394 4.86 2.89 -29.89
N TRP A 395 4.73 1.67 -29.35
CA TRP A 395 4.96 0.47 -30.15
C TRP A 395 4.12 -0.70 -29.68
N ALA A 396 3.37 -1.30 -30.61
CA ALA A 396 2.53 -2.42 -30.26
C ALA A 396 3.29 -3.72 -30.30
N ALA A 397 2.74 -4.72 -29.63
CA ALA A 397 3.34 -6.05 -29.55
C ALA A 397 3.24 -6.78 -30.86
N ARG A 398 3.55 -8.07 -30.84
CA ARG A 398 3.49 -8.90 -32.04
C ARG A 398 3.77 -10.39 -31.74
N SER A 399 4.24 -10.68 -30.54
CA SER A 399 4.57 -12.05 -30.11
C SER A 399 4.80 -12.07 -28.61
N MET A 400 5.10 -10.90 -28.05
CA MET A 400 5.35 -10.74 -26.63
C MET A 400 5.28 -9.24 -26.33
N PRO A 401 5.02 -8.87 -25.08
CA PRO A 401 4.94 -7.44 -24.76
C PRO A 401 6.14 -6.64 -25.21
N PRO A 402 5.90 -5.50 -25.85
CA PRO A 402 6.97 -4.62 -26.32
C PRO A 402 8.00 -4.33 -25.23
N SER A 403 7.50 -4.05 -24.03
CA SER A 403 8.36 -3.82 -22.87
C SER A 403 9.06 -2.48 -22.79
N PHE A 404 8.46 -1.44 -23.37
CA PHE A 404 9.02 -0.10 -23.31
C PHE A 404 9.44 0.16 -21.86
N GLY A 405 10.67 0.62 -21.65
CA GLY A 405 11.10 0.93 -20.30
C GLY A 405 11.71 -0.14 -19.40
N TYR A 406 11.71 -1.40 -19.87
CA TYR A 406 12.27 -2.49 -19.08
C TYR A 406 13.74 -2.16 -18.81
N SER A 407 14.30 -1.27 -19.60
CA SER A 407 15.69 -0.83 -19.44
C SER A 407 15.79 0.62 -19.87
N MET A 408 16.71 1.36 -19.26
CA MET A 408 16.88 2.75 -19.62
C MET A 408 18.02 3.39 -18.89
N LYS A 409 18.85 4.12 -19.63
CA LYS A 409 20.02 4.79 -19.06
C LYS A 409 19.86 6.31 -19.19
N GLY A 410 20.44 7.04 -18.24
CA GLY A 410 20.35 8.50 -18.29
C GLY A 410 21.65 9.18 -17.90
N ALA A 411 21.55 10.36 -17.30
CA ALA A 411 22.70 11.14 -16.83
C ALA A 411 23.83 11.45 -17.85
N THR A 412 23.48 11.56 -19.13
CA THR A 412 24.47 11.86 -20.17
C THR A 412 23.84 12.74 -21.24
N ASP A 413 24.48 13.87 -21.51
CA ASP A 413 23.98 14.80 -22.50
C ASP A 413 24.67 14.57 -23.84
N ILE A 414 24.21 13.56 -24.55
CA ILE A 414 24.73 13.16 -25.83
C ILE A 414 24.74 14.28 -26.88
N ASP A 415 24.57 15.52 -26.45
CA ASP A 415 24.56 16.59 -27.44
C ASP A 415 24.93 17.99 -26.95
N LYS A 416 24.43 18.98 -27.69
CA LYS A 416 24.69 20.37 -27.38
C LYS A 416 24.17 20.77 -26.00
N ASN A 417 22.94 21.28 -25.99
CA ASN A 417 22.25 21.77 -24.80
C ASN A 417 22.70 21.19 -23.49
N GLY A 418 23.06 22.06 -22.56
CA GLY A 418 23.52 21.62 -21.25
C GLY A 418 22.54 20.84 -20.40
N TYR A 419 21.75 19.98 -21.06
CA TYR A 419 20.80 19.15 -20.34
C TYR A 419 20.97 17.72 -20.79
N PRO A 420 20.82 16.79 -19.84
CA PRO A 420 20.93 15.34 -20.00
C PRO A 420 20.16 14.80 -21.18
N ASP A 421 19.79 13.54 -21.11
CA ASP A 421 19.06 12.83 -22.16
C ASP A 421 18.67 11.48 -21.59
N LEU A 422 17.88 10.71 -22.31
CA LEU A 422 17.44 9.43 -21.78
C LEU A 422 17.25 8.35 -22.82
N ILE A 423 17.77 7.16 -22.53
CA ILE A 423 17.61 6.06 -23.46
C ILE A 423 16.61 5.13 -22.83
N VAL A 424 15.80 4.46 -23.64
CA VAL A 424 14.77 3.56 -23.13
C VAL A 424 14.70 2.49 -24.17
N GLY A 425 14.63 1.23 -23.77
CA GLY A 425 14.55 0.16 -24.76
C GLY A 425 13.39 -0.80 -24.61
N ALA A 426 12.71 -1.06 -25.72
CA ALA A 426 11.57 -1.98 -25.74
C ALA A 426 12.02 -3.21 -26.48
N PHE A 427 12.52 -4.20 -25.74
CA PHE A 427 13.02 -5.39 -26.41
C PHE A 427 11.96 -6.31 -26.99
N GLY A 428 10.70 -6.05 -26.69
CA GLY A 428 9.66 -6.88 -27.25
C GLY A 428 9.57 -6.54 -28.73
N VAL A 429 9.64 -5.26 -29.03
CA VAL A 429 9.55 -4.83 -30.41
C VAL A 429 10.95 -4.68 -30.98
N ASP A 430 11.95 -4.94 -30.15
CA ASP A 430 13.34 -4.82 -30.57
C ASP A 430 13.65 -3.40 -31.02
N ARG A 431 13.96 -2.54 -30.05
CA ARG A 431 14.29 -1.16 -30.34
C ARG A 431 14.58 -0.39 -29.08
N ALA A 432 15.17 0.79 -29.27
CA ALA A 432 15.50 1.66 -28.15
C ALA A 432 15.22 3.07 -28.65
N ILE A 433 14.94 3.99 -27.74
CA ILE A 433 14.63 5.36 -28.12
C ILE A 433 15.43 6.32 -27.27
N LEU A 434 15.86 7.42 -27.87
CA LEU A 434 16.61 8.41 -27.11
C LEU A 434 15.77 9.66 -27.05
N TYR A 435 15.38 10.06 -25.85
CA TYR A 435 14.59 11.24 -25.69
C TYR A 435 15.54 12.35 -25.32
N ARG A 436 15.51 13.46 -26.06
CA ARG A 436 16.40 14.58 -25.76
C ARG A 436 15.71 15.68 -24.95
N ALA A 437 16.31 16.02 -23.82
CA ALA A 437 15.75 17.06 -22.97
C ALA A 437 15.66 18.38 -23.71
N ARG A 438 14.63 19.16 -23.39
CA ARG A 438 14.47 20.48 -24.00
C ARG A 438 15.08 21.50 -23.01
N PRO A 439 15.53 22.65 -23.53
CA PRO A 439 16.12 23.69 -22.68
C PRO A 439 15.07 24.43 -21.87
N VAL A 440 15.12 24.35 -20.55
CA VAL A 440 14.13 25.05 -19.74
C VAL A 440 14.34 26.57 -19.83
N ILE A 441 13.24 27.33 -19.84
CA ILE A 441 13.32 28.79 -19.91
C ILE A 441 12.52 29.40 -18.76
N THR A 442 13.19 30.21 -17.94
CA THR A 442 12.50 30.86 -16.83
C THR A 442 12.14 32.27 -17.28
N VAL A 443 10.87 32.65 -17.11
CA VAL A 443 10.42 33.97 -17.53
C VAL A 443 9.65 34.71 -16.44
N ASN A 444 9.80 36.02 -16.42
CA ASN A 444 9.14 36.87 -15.44
C ASN A 444 8.32 37.91 -16.21
N ALA A 445 7.16 38.25 -15.68
CA ALA A 445 6.33 39.24 -16.34
C ALA A 445 5.99 40.35 -15.38
N GLY A 446 5.91 41.57 -15.92
CA GLY A 446 5.57 42.72 -15.11
C GLY A 446 4.31 43.34 -15.68
N LEU A 447 3.51 43.97 -14.84
CA LEU A 447 2.31 44.62 -15.32
C LEU A 447 1.84 45.64 -14.33
N GLU A 448 1.95 46.92 -14.69
CA GLU A 448 1.52 47.99 -13.82
C GLU A 448 0.70 49.06 -14.55
N VAL A 449 -0.22 49.68 -13.82
CA VAL A 449 -1.10 50.72 -14.35
C VAL A 449 -0.64 52.12 -13.92
N TYR A 450 -0.45 53.00 -14.91
CA TYR A 450 0.03 54.36 -14.67
C TYR A 450 -0.67 54.96 -13.46
N PRO A 451 -1.95 55.36 -13.61
CA PRO A 451 -2.64 55.94 -12.45
C PRO A 451 -3.35 54.78 -11.77
N SER A 452 -3.18 54.65 -10.46
CA SER A 452 -3.79 53.55 -9.72
C SER A 452 -5.31 53.69 -9.63
N ILE A 453 -5.73 54.84 -9.12
CA ILE A 453 -7.14 55.17 -8.92
C ILE A 453 -7.74 56.08 -10.00
N LEU A 454 -8.47 55.49 -10.96
CA LEU A 454 -9.07 56.25 -12.06
C LEU A 454 -10.16 57.26 -11.64
N ASN A 455 -9.96 58.53 -12.00
CA ASN A 455 -10.94 59.58 -11.68
C ASN A 455 -11.85 59.91 -12.86
N GLN A 456 -13.11 59.48 -12.76
CA GLN A 456 -14.15 59.70 -13.78
C GLN A 456 -14.14 61.08 -14.44
N ASP A 457 -14.16 62.12 -13.60
CA ASP A 457 -14.16 63.49 -14.07
C ASP A 457 -12.85 63.80 -14.80
N ASN A 458 -11.86 64.25 -14.02
CA ASN A 458 -10.52 64.61 -14.54
C ASN A 458 -10.16 63.82 -15.78
N LYS A 459 -10.15 64.48 -16.93
CA LYS A 459 -9.83 63.76 -18.13
C LYS A 459 -8.96 64.46 -19.16
N THR A 460 -7.66 64.48 -18.91
CA THR A 460 -6.72 65.08 -19.85
C THR A 460 -6.60 64.00 -20.92
N CYS A 461 -5.72 64.17 -21.90
CA CYS A 461 -5.59 63.12 -22.90
C CYS A 461 -6.89 63.00 -23.67
N SER A 462 -6.83 63.31 -24.97
CA SER A 462 -7.99 63.27 -25.84
C SER A 462 -8.06 62.01 -26.69
N LEU A 463 -9.28 61.63 -27.05
CA LEU A 463 -9.57 60.46 -27.87
C LEU A 463 -8.81 60.41 -29.19
N PRO A 464 -9.29 59.63 -30.17
CA PRO A 464 -8.61 59.54 -31.46
C PRO A 464 -9.25 60.42 -32.55
N GLY A 465 -10.36 59.92 -33.10
CA GLY A 465 -11.07 60.67 -34.12
C GLY A 465 -11.67 61.94 -33.55
N THR A 466 -12.84 61.82 -32.94
CA THR A 466 -13.50 62.97 -32.35
C THR A 466 -12.62 63.48 -31.22
N ALA A 467 -11.80 64.48 -31.51
CA ALA A 467 -10.91 65.07 -30.52
C ALA A 467 -11.72 65.48 -29.29
N LEU A 468 -11.91 64.53 -28.38
CA LEU A 468 -12.68 64.72 -27.17
C LEU A 468 -11.87 64.20 -25.98
N LYS A 469 -11.56 65.07 -25.02
CA LYS A 469 -10.80 64.64 -23.85
C LYS A 469 -11.52 63.57 -23.01
N VAL A 470 -10.76 62.59 -22.52
CA VAL A 470 -11.29 61.51 -21.70
C VAL A 470 -10.26 61.10 -20.66
N SER A 471 -10.70 60.43 -19.60
CA SER A 471 -9.81 60.00 -18.52
C SER A 471 -9.01 58.74 -18.88
N CYS A 472 -7.77 58.95 -19.33
CA CYS A 472 -6.91 57.85 -19.72
C CYS A 472 -6.18 57.34 -18.48
N PHE A 473 -5.28 56.41 -18.73
CA PHE A 473 -4.43 55.81 -17.70
C PHE A 473 -3.56 54.89 -18.53
N ASN A 474 -2.34 54.64 -18.09
CA ASN A 474 -1.45 53.78 -18.85
C ASN A 474 -1.14 52.42 -18.26
N VAL A 475 -0.75 51.53 -19.17
CA VAL A 475 -0.41 50.17 -18.85
C VAL A 475 1.05 50.00 -19.23
N ARG A 476 1.81 49.30 -18.39
CA ARG A 476 3.21 49.04 -18.68
C ARG A 476 3.50 47.57 -18.42
N PHE A 477 3.39 46.76 -19.46
CA PHE A 477 3.67 45.33 -19.31
C PHE A 477 5.06 44.95 -19.79
N CYS A 478 5.99 44.80 -18.84
CA CYS A 478 7.35 44.44 -19.21
C CYS A 478 7.60 42.93 -19.02
N LEU A 479 8.62 42.41 -19.70
CA LEU A 479 8.92 40.98 -19.64
C LEU A 479 10.42 40.60 -19.53
N LYS A 480 10.73 39.65 -18.66
CA LYS A 480 12.10 39.15 -18.45
C LYS A 480 12.20 37.63 -18.67
N ALA A 481 13.23 37.19 -19.40
CA ALA A 481 13.43 35.77 -19.69
C ALA A 481 14.82 35.25 -19.35
N ASP A 482 15.22 34.20 -20.07
CA ASP A 482 16.53 33.55 -19.94
C ASP A 482 16.63 32.43 -18.91
N GLY A 483 17.23 31.33 -19.35
CA GLY A 483 17.45 30.18 -18.49
C GLY A 483 18.86 29.66 -18.75
N LYS A 484 19.12 28.42 -18.33
CA LYS A 484 20.44 27.82 -18.53
C LYS A 484 20.51 26.91 -19.75
N GLY A 485 21.72 26.47 -20.07
CA GLY A 485 21.90 25.57 -21.21
C GLY A 485 22.17 26.23 -22.53
N VAL A 486 21.66 25.63 -23.59
CA VAL A 486 21.85 26.15 -24.94
C VAL A 486 20.51 26.53 -25.55
N LEU A 487 20.27 27.83 -25.68
CA LEU A 487 19.02 28.31 -26.27
C LEU A 487 18.90 29.82 -26.55
N PRO A 488 19.40 30.68 -25.64
CA PRO A 488 19.36 32.14 -25.72
C PRO A 488 19.10 32.86 -27.04
N ARG A 489 19.45 34.14 -27.06
CA ARG A 489 19.26 35.01 -28.21
C ARG A 489 17.76 35.18 -28.43
N LYS A 490 17.27 34.61 -29.54
CA LYS A 490 15.87 34.65 -29.96
C LYS A 490 14.89 34.97 -28.83
N LEU A 491 14.10 33.97 -28.44
CA LEU A 491 13.12 34.17 -27.37
C LEU A 491 12.18 35.31 -27.72
N ASN A 492 11.00 34.95 -28.20
CA ASN A 492 9.99 35.93 -28.58
C ASN A 492 8.65 35.52 -27.97
N PHE A 493 7.99 36.44 -27.30
CA PHE A 493 6.72 36.15 -26.66
C PHE A 493 5.52 36.88 -27.26
N GLN A 494 4.51 36.11 -27.63
CA GLN A 494 3.27 36.65 -28.18
C GLN A 494 2.41 37.00 -26.96
N VAL A 495 2.30 38.29 -26.65
CA VAL A 495 1.52 38.70 -25.49
C VAL A 495 0.06 38.99 -25.85
N GLU A 496 -0.67 39.56 -24.90
CA GLU A 496 -2.09 39.87 -25.09
C GLU A 496 -2.60 40.53 -23.82
N LEU A 497 -3.41 41.56 -23.95
CA LEU A 497 -3.94 42.23 -22.75
C LEU A 497 -5.44 42.42 -22.77
N LEU A 498 -6.01 42.62 -21.59
CA LEU A 498 -7.45 42.79 -21.44
C LEU A 498 -7.84 43.67 -20.27
N LEU A 499 -8.93 44.42 -20.47
CA LEU A 499 -9.48 45.31 -19.44
C LEU A 499 -10.85 44.76 -18.98
N ASP A 500 -11.05 44.69 -17.67
CA ASP A 500 -12.29 44.18 -17.11
C ASP A 500 -12.47 42.70 -17.33
N LYS A 501 -11.45 41.93 -16.97
CA LYS A 501 -11.48 40.49 -17.11
C LYS A 501 -12.61 40.01 -16.21
N LEU A 502 -12.82 40.75 -15.13
CA LEU A 502 -13.86 40.44 -14.16
C LEU A 502 -15.22 40.63 -14.85
N LYS A 503 -15.18 40.81 -16.17
CA LYS A 503 -16.39 41.01 -16.96
C LYS A 503 -16.41 40.02 -18.14
N GLN A 504 -15.31 40.01 -18.90
CA GLN A 504 -15.15 39.13 -20.06
C GLN A 504 -16.30 39.32 -21.07
N LYS A 505 -17.02 38.24 -21.37
CA LYS A 505 -18.14 38.32 -22.31
C LYS A 505 -19.32 38.93 -21.57
N GLY A 506 -20.16 39.66 -22.30
CA GLY A 506 -21.31 40.29 -21.70
C GLY A 506 -21.14 41.81 -21.67
N ALA A 507 -20.34 42.32 -22.60
CA ALA A 507 -20.06 43.76 -22.73
C ALA A 507 -19.84 44.46 -21.40
N ILE A 508 -20.09 45.77 -21.37
CA ILE A 508 -19.92 46.57 -20.16
C ILE A 508 -18.45 46.60 -19.77
N ARG A 509 -17.57 46.69 -20.77
CA ARG A 509 -16.13 46.76 -20.50
C ARG A 509 -15.86 48.23 -20.36
N ARG A 510 -15.85 48.66 -19.10
CA ARG A 510 -15.64 50.04 -18.73
C ARG A 510 -14.33 50.70 -19.17
N ALA A 511 -13.42 49.91 -19.73
CA ALA A 511 -12.13 50.42 -20.16
C ALA A 511 -11.74 49.95 -21.56
N LEU A 512 -11.04 50.81 -22.29
CA LEU A 512 -10.60 50.52 -23.65
C LEU A 512 -9.25 51.19 -23.91
N PHE A 513 -8.49 50.63 -24.83
CA PHE A 513 -7.18 51.17 -25.18
C PHE A 513 -7.30 52.40 -26.06
N LEU A 514 -6.45 53.39 -25.77
CA LEU A 514 -6.43 54.66 -26.49
C LEU A 514 -6.77 54.58 -27.97
N TYR A 515 -5.75 54.47 -28.82
CA TYR A 515 -5.95 54.42 -30.26
C TYR A 515 -6.76 53.25 -30.77
N SER A 516 -6.97 52.24 -29.93
CA SER A 516 -7.71 51.05 -30.33
C SER A 516 -9.20 51.09 -30.07
N ARG A 517 -9.58 51.65 -28.93
CA ARG A 517 -10.99 51.72 -28.50
C ARG A 517 -11.48 50.31 -28.25
N SER A 518 -10.53 49.39 -28.10
CA SER A 518 -10.86 47.99 -27.85
C SER A 518 -10.50 47.59 -26.43
N PRO A 519 -11.22 46.59 -25.91
CA PRO A 519 -10.99 46.07 -24.55
C PRO A 519 -9.87 45.03 -24.57
N SER A 520 -9.17 44.94 -25.70
CA SER A 520 -8.10 43.98 -25.84
C SER A 520 -7.15 44.33 -26.97
N HIS A 521 -5.87 44.35 -26.63
CA HIS A 521 -4.79 44.66 -27.57
C HIS A 521 -3.75 43.55 -27.41
N SER A 522 -2.89 43.38 -28.41
CA SER A 522 -1.86 42.36 -28.37
C SER A 522 -0.57 42.86 -29.01
N LYS A 523 0.46 42.03 -28.95
CA LYS A 523 1.74 42.39 -29.55
C LYS A 523 2.77 41.29 -29.40
N ASN A 524 4.02 41.63 -29.71
CA ASN A 524 5.13 40.69 -29.61
C ASN A 524 6.13 41.29 -28.62
N MET A 525 7.33 40.75 -28.55
CA MET A 525 8.33 41.29 -27.62
C MET A 525 9.76 41.07 -28.09
N THR A 526 10.35 39.97 -27.59
CA THR A 526 11.71 39.56 -27.90
C THR A 526 12.67 40.05 -26.83
N ILE A 527 13.69 39.25 -26.53
CA ILE A 527 14.70 39.56 -25.53
C ILE A 527 15.70 38.40 -25.48
N SER A 528 16.45 38.29 -24.39
CA SER A 528 17.41 37.19 -24.25
C SER A 528 18.21 37.21 -22.95
N ARG A 529 19.24 38.05 -22.90
CA ARG A 529 20.09 38.17 -21.72
C ARG A 529 19.27 38.63 -20.52
N GLY A 530 19.12 37.74 -19.55
CA GLY A 530 18.36 38.04 -18.34
C GLY A 530 18.64 39.41 -17.74
N GLY A 531 17.60 40.21 -17.57
CA GLY A 531 17.74 41.54 -17.01
C GLY A 531 17.29 42.59 -18.00
N LEU A 532 17.47 42.29 -19.29
CA LEU A 532 17.08 43.20 -20.37
C LEU A 532 15.58 43.14 -20.59
N MET A 533 14.82 43.38 -19.51
CA MET A 533 13.37 43.35 -19.59
C MET A 533 12.82 44.40 -20.52
N GLN A 534 12.61 44.00 -21.77
CA GLN A 534 12.07 44.90 -22.78
C GLN A 534 10.62 45.24 -22.46
N CYS A 535 10.35 46.53 -22.22
CA CYS A 535 9.00 46.96 -21.93
C CYS A 535 8.26 47.38 -23.17
N GLU A 536 6.97 47.60 -23.01
CA GLU A 536 6.08 48.01 -24.08
C GLU A 536 4.94 48.73 -23.36
N GLU A 537 4.70 49.98 -23.73
CA GLU A 537 3.65 50.76 -23.08
C GLU A 537 2.38 50.91 -23.90
N LEU A 538 1.29 51.15 -23.19
CA LEU A 538 -0.02 51.32 -23.81
C LEU A 538 -0.79 52.40 -23.05
N ILE A 539 -1.83 52.92 -23.69
CA ILE A 539 -2.64 53.95 -23.08
C ILE A 539 -4.09 53.50 -23.16
N ALA A 540 -4.80 53.61 -22.05
CA ALA A 540 -6.20 53.21 -21.99
C ALA A 540 -7.06 54.26 -21.30
N TYR A 541 -8.24 54.51 -21.86
CA TYR A 541 -9.17 55.46 -21.30
C TYR A 541 -10.34 54.68 -20.71
N LEU A 542 -11.18 55.39 -19.97
CA LEU A 542 -12.35 54.82 -19.32
C LEU A 542 -13.59 55.36 -20.02
N ARG A 543 -14.58 54.52 -20.28
CA ARG A 543 -15.80 54.94 -20.96
C ARG A 543 -16.46 56.10 -20.23
N ASP A 544 -17.44 56.72 -20.88
CA ASP A 544 -18.13 57.87 -20.28
C ASP A 544 -19.06 57.47 -19.13
N GLU A 545 -19.07 58.32 -18.11
CA GLU A 545 -19.87 58.11 -16.91
C GLU A 545 -21.30 57.65 -17.20
N SER A 546 -21.78 57.92 -18.42
CA SER A 546 -23.15 57.55 -18.76
C SER A 546 -23.35 56.20 -19.44
N GLU A 547 -22.27 55.54 -19.86
CA GLU A 547 -22.42 54.24 -20.51
C GLU A 547 -22.41 53.08 -19.53
N PHE A 548 -22.12 53.36 -18.26
CA PHE A 548 -22.08 52.31 -17.26
C PHE A 548 -22.41 52.87 -15.88
N ARG A 549 -22.94 52.04 -15.01
CA ARG A 549 -23.28 52.50 -13.66
C ARG A 549 -22.59 51.62 -12.63
N ASP A 550 -21.66 50.80 -13.10
CA ASP A 550 -20.93 49.95 -12.20
C ASP A 550 -19.69 50.73 -11.79
N LYS A 551 -19.55 50.97 -10.50
CA LYS A 551 -18.40 51.72 -10.00
C LYS A 551 -17.88 51.20 -8.66
N LEU A 552 -17.86 49.88 -8.51
CA LEU A 552 -17.34 49.24 -7.30
C LEU A 552 -16.42 48.12 -7.75
N THR A 553 -16.92 47.27 -8.63
CA THR A 553 -16.14 46.18 -9.17
C THR A 553 -14.89 46.79 -9.75
N PRO A 554 -13.71 46.39 -9.26
CA PRO A 554 -12.48 46.98 -9.81
C PRO A 554 -12.31 46.62 -11.28
N ILE A 555 -11.52 47.41 -11.98
CA ILE A 555 -11.23 47.17 -13.38
C ILE A 555 -9.84 46.56 -13.34
N THR A 556 -9.76 45.25 -13.58
CA THR A 556 -8.47 44.58 -13.55
C THR A 556 -7.92 44.44 -14.96
N ILE A 557 -6.61 44.61 -15.05
CA ILE A 557 -5.87 44.50 -16.30
C ILE A 557 -5.35 43.07 -16.29
N PHE A 558 -5.40 42.41 -17.43
CA PHE A 558 -4.94 41.05 -17.53
C PHE A 558 -3.98 40.86 -18.69
N MET A 559 -2.80 40.32 -18.40
CA MET A 559 -1.83 40.05 -19.44
C MET A 559 -1.43 38.59 -19.37
N GLU A 560 -1.43 37.94 -20.52
CA GLU A 560 -1.03 36.54 -20.59
C GLU A 560 -0.01 36.46 -21.72
N TYR A 561 1.11 35.80 -21.46
CA TYR A 561 2.17 35.68 -22.46
C TYR A 561 2.55 34.24 -22.74
N ARG A 562 2.74 33.92 -24.01
CA ARG A 562 3.12 32.57 -24.40
C ARG A 562 4.23 32.57 -25.43
N LEU A 563 5.07 31.55 -25.40
CA LEU A 563 6.19 31.42 -26.31
C LEU A 563 5.80 30.88 -27.68
N ASP A 564 6.70 31.04 -28.64
CA ASP A 564 6.50 30.58 -30.02
C ASP A 564 7.48 29.44 -30.34
N TYR A 565 7.03 28.49 -31.16
CA TYR A 565 7.86 27.33 -31.52
C TYR A 565 9.01 27.63 -32.50
N ARG A 566 9.91 28.52 -32.11
CA ARG A 566 11.04 28.85 -32.97
C ARG A 566 12.19 29.57 -32.27
N THR A 567 12.99 28.78 -31.55
CA THR A 567 14.14 29.27 -30.82
C THR A 567 14.99 28.04 -30.52
N ALA A 568 15.14 27.18 -31.53
CA ALA A 568 15.91 25.95 -31.41
C ALA A 568 17.12 25.89 -32.32
N ALA A 569 18.11 25.09 -31.93
CA ALA A 569 19.32 24.94 -32.73
C ALA A 569 19.05 24.02 -33.90
N ASP A 570 20.06 23.81 -34.74
CA ASP A 570 19.90 22.96 -35.91
C ASP A 570 19.90 21.48 -35.51
N THR A 571 19.51 21.22 -34.26
CA THR A 571 19.44 19.86 -33.70
C THR A 571 18.27 19.12 -34.32
N THR A 572 18.02 19.39 -35.60
CA THR A 572 16.90 18.78 -36.31
C THR A 572 15.64 19.30 -35.62
N GLY A 573 15.80 20.40 -34.90
CA GLY A 573 14.68 21.02 -34.20
C GLY A 573 14.52 20.56 -32.76
N LEU A 574 14.52 21.51 -31.83
CA LEU A 574 14.37 21.20 -30.43
C LEU A 574 13.88 22.43 -29.68
N GLN A 575 12.56 22.62 -29.71
CA GLN A 575 11.91 23.75 -29.05
C GLN A 575 12.00 23.57 -27.54
N PRO A 576 12.31 24.63 -26.79
CA PRO A 576 12.40 24.51 -25.34
C PRO A 576 11.02 24.68 -24.72
N ILE A 577 10.97 24.91 -23.42
CA ILE A 577 9.71 25.14 -22.74
C ILE A 577 9.98 25.91 -21.47
N LEU A 578 8.93 26.43 -20.85
CA LEU A 578 9.08 27.22 -19.66
C LEU A 578 8.94 26.40 -18.40
N ASN A 579 9.60 26.88 -17.36
CA ASN A 579 9.61 26.26 -16.05
C ASN A 579 8.22 25.79 -15.62
N GLN A 580 8.08 24.48 -15.44
CA GLN A 580 6.81 23.85 -15.06
C GLN A 580 5.88 24.74 -14.23
N PHE A 581 6.26 24.96 -12.98
CA PHE A 581 5.47 25.80 -12.09
C PHE A 581 5.87 27.24 -12.35
N THR A 582 5.17 27.84 -13.31
CA THR A 582 5.39 29.23 -13.73
C THR A 582 4.12 29.67 -14.45
N PRO A 583 3.52 30.78 -14.02
CA PRO A 583 2.29 31.37 -14.59
C PRO A 583 2.57 32.11 -15.89
N ALA A 584 1.72 31.91 -16.88
CA ALA A 584 1.91 32.63 -18.14
C ALA A 584 0.91 33.79 -18.18
N ASN A 585 0.65 34.36 -17.02
CA ASN A 585 -0.26 35.50 -16.90
C ASN A 585 -0.35 36.12 -15.52
N ILE A 586 -0.13 37.43 -15.45
CA ILE A 586 -0.21 38.17 -14.20
C ILE A 586 -1.31 39.19 -14.39
N SER A 587 -1.80 39.78 -13.31
CA SER A 587 -2.84 40.77 -13.41
C SER A 587 -2.92 41.73 -12.23
N ARG A 588 -3.11 43.00 -12.54
CA ARG A 588 -3.21 44.03 -11.51
C ARG A 588 -4.57 44.68 -11.76
N GLN A 589 -5.06 45.45 -10.80
CA GLN A 589 -6.35 46.09 -11.01
C GLN A 589 -6.43 47.57 -10.70
N ALA A 590 -7.48 48.20 -11.22
CA ALA A 590 -7.74 49.63 -11.05
C ALA A 590 -9.10 49.84 -10.40
N HIS A 591 -9.23 50.96 -9.68
CA HIS A 591 -10.47 51.31 -8.99
C HIS A 591 -10.90 52.73 -9.30
N ILE A 592 -12.14 52.89 -9.76
CA ILE A 592 -12.67 54.21 -10.05
C ILE A 592 -12.75 54.98 -8.76
N LEU A 593 -12.39 56.26 -8.79
CA LEU A 593 -12.43 57.10 -7.60
C LEU A 593 -13.85 57.22 -7.07
N LEU A 594 -14.08 56.77 -5.85
CA LEU A 594 -15.43 56.87 -5.31
C LEU A 594 -15.50 56.96 -3.79
N ASP A 595 -16.02 58.09 -3.32
CA ASP A 595 -16.19 58.34 -1.90
C ASP A 595 -14.89 58.55 -1.17
N CYS A 596 -13.91 59.16 -1.80
CA CYS A 596 -12.64 59.33 -1.12
C CYS A 596 -12.38 60.73 -0.53
N GLY A 597 -13.31 61.16 0.33
CA GLY A 597 -13.19 62.46 0.98
C GLY A 597 -13.47 63.63 0.04
N GLU A 598 -12.48 64.51 -0.10
CA GLU A 598 -12.58 65.69 -0.94
C GLU A 598 -11.21 65.92 -1.55
N ASP A 599 -10.21 65.25 -0.96
CA ASP A 599 -8.84 65.31 -1.43
C ASP A 599 -8.77 64.26 -2.52
N ASN A 600 -9.85 63.48 -2.61
CA ASN A 600 -9.97 62.43 -3.59
C ASN A 600 -9.06 61.26 -3.34
N VAL A 601 -8.84 60.97 -2.08
CA VAL A 601 -8.00 59.85 -1.70
C VAL A 601 -8.70 59.13 -0.55
N CYS A 602 -8.68 57.81 -0.60
CA CYS A 602 -9.30 57.00 0.41
C CYS A 602 -8.27 56.51 1.39
N LYS A 603 -8.52 56.72 2.67
CA LYS A 603 -7.60 56.31 3.71
C LYS A 603 -8.42 55.70 4.82
N PRO A 604 -8.51 54.36 4.84
CA PRO A 604 -9.28 53.62 5.85
C PRO A 604 -8.81 53.71 7.30
N LYS A 605 -9.43 52.89 8.13
CA LYS A 605 -9.12 52.81 9.56
C LYS A 605 -9.38 51.34 9.96
N LEU A 606 -8.37 50.49 9.77
CA LEU A 606 -8.50 49.07 10.06
C LEU A 606 -8.19 48.65 11.49
N GLU A 607 -8.92 47.63 11.95
CA GLU A 607 -8.79 47.08 13.30
C GLU A 607 -9.26 45.62 13.37
N VAL A 608 -8.44 44.78 14.03
CA VAL A 608 -8.73 43.36 14.18
C VAL A 608 -8.71 42.99 15.67
N SER A 609 -9.77 42.31 16.10
CA SER A 609 -9.88 41.90 17.50
C SER A 609 -10.15 40.40 17.52
N VAL A 610 -9.69 39.74 18.59
CA VAL A 610 -9.88 38.29 18.73
C VAL A 610 -9.98 37.88 20.19
N ASP A 611 -11.19 37.54 20.65
CA ASP A 611 -11.35 37.14 22.05
C ASP A 611 -10.84 35.70 22.22
N SER A 612 -10.23 35.43 23.37
CA SER A 612 -9.70 34.09 23.65
C SER A 612 -10.81 33.19 24.19
N ASP A 613 -11.69 32.72 23.30
CA ASP A 613 -12.79 31.86 23.71
C ASP A 613 -12.30 30.48 24.17
N GLN A 614 -12.22 29.54 23.22
CA GLN A 614 -11.78 28.18 23.52
C GLN A 614 -10.64 28.11 24.54
N LYS A 615 -9.60 28.91 24.32
CA LYS A 615 -8.44 28.96 25.19
C LYS A 615 -8.20 27.74 26.09
N LYS A 616 -7.56 26.71 25.52
CA LYS A 616 -7.21 25.47 26.21
C LYS A 616 -6.73 24.44 25.19
N ILE A 617 -5.42 24.42 24.93
CA ILE A 617 -4.85 23.49 23.97
C ILE A 617 -3.96 22.46 24.64
N TYR A 618 -4.55 21.31 24.96
CA TYR A 618 -3.86 20.23 25.62
C TYR A 618 -2.75 19.58 24.81
N ILE A 619 -1.53 19.63 25.34
CA ILE A 619 -0.38 19.04 24.67
C ILE A 619 -0.56 17.54 24.48
N GLY A 620 -0.15 17.02 23.33
CA GLY A 620 -0.29 15.60 23.09
C GLY A 620 -1.04 15.27 21.82
N ASP A 621 -2.37 15.18 21.90
CA ASP A 621 -3.16 14.88 20.72
C ASP A 621 -3.35 16.14 19.89
N ASP A 622 -4.11 16.00 18.81
CA ASP A 622 -4.40 17.11 17.94
C ASP A 622 -5.62 17.84 18.51
N ASN A 623 -5.39 18.96 19.17
CA ASN A 623 -6.49 19.72 19.78
C ASN A 623 -7.09 20.69 18.77
N PRO A 624 -8.43 20.76 18.67
CA PRO A 624 -9.08 21.67 17.74
C PRO A 624 -9.13 23.08 18.33
N LEU A 625 -8.88 24.07 17.49
CA LEU A 625 -8.90 25.46 17.95
C LEU A 625 -9.54 26.41 16.93
N THR A 626 -10.46 27.23 17.40
CA THR A 626 -11.13 28.17 16.51
C THR A 626 -11.10 29.54 17.13
N LEU A 627 -10.79 30.56 16.35
CA LEU A 627 -10.77 31.90 16.88
C LEU A 627 -11.73 32.80 16.12
N ILE A 628 -12.36 33.71 16.85
CA ILE A 628 -13.32 34.63 16.27
C ILE A 628 -12.67 35.98 15.96
N VAL A 629 -12.39 36.20 14.68
CA VAL A 629 -11.77 37.43 14.21
C VAL A 629 -12.84 38.48 14.02
N LYS A 630 -12.48 39.74 14.25
CA LYS A 630 -13.41 40.85 14.12
C LYS A 630 -12.76 41.99 13.33
N ALA A 631 -12.80 41.88 12.01
CA ALA A 631 -12.22 42.92 11.15
C ALA A 631 -13.23 44.02 10.86
N GLN A 632 -12.83 45.27 11.04
CA GLN A 632 -13.75 46.36 10.78
C GLN A 632 -13.06 47.62 10.25
N ASN A 633 -13.67 48.25 9.24
CA ASN A 633 -13.11 49.47 8.65
C ASN A 633 -13.89 50.71 9.12
N GLN A 634 -13.21 51.59 9.83
CA GLN A 634 -13.85 52.81 10.30
C GLN A 634 -13.33 54.07 9.61
N GLY A 635 -12.83 53.90 8.39
CA GLY A 635 -12.32 55.01 7.62
C GLY A 635 -12.99 54.98 6.27
N GLU A 636 -12.22 55.20 5.21
CA GLU A 636 -12.79 55.16 3.86
C GLU A 636 -12.52 53.81 3.19
N GLY A 637 -13.03 53.66 1.97
CA GLY A 637 -12.86 52.42 1.25
C GLY A 637 -11.45 51.87 1.18
N ALA A 638 -11.29 50.62 1.61
CA ALA A 638 -10.00 49.96 1.57
C ALA A 638 -10.01 49.01 0.38
N TYR A 639 -9.13 49.24 -0.58
CA TYR A 639 -9.05 48.41 -1.77
C TYR A 639 -8.36 47.09 -1.44
N GLU A 640 -8.80 46.04 -2.12
CA GLU A 640 -8.25 44.71 -1.91
C GLU A 640 -7.97 44.47 -0.43
N ALA A 641 -9.00 44.74 0.37
CA ALA A 641 -8.89 44.55 1.79
C ALA A 641 -8.85 43.06 2.05
N GLU A 642 -7.92 42.65 2.90
CA GLU A 642 -7.81 41.25 3.23
C GLU A 642 -7.16 41.02 4.59
N LEU A 643 -7.75 40.08 5.30
CA LEU A 643 -7.31 39.67 6.63
C LEU A 643 -6.10 38.77 6.44
N ILE A 644 -5.05 39.01 7.22
CA ILE A 644 -3.83 38.20 7.16
C ILE A 644 -3.54 37.58 8.51
N VAL A 645 -3.68 36.27 8.60
CA VAL A 645 -3.43 35.57 9.84
C VAL A 645 -2.19 34.71 9.73
N SER A 646 -1.17 35.05 10.53
CA SER A 646 0.09 34.32 10.56
C SER A 646 -0.01 33.15 11.53
N ILE A 647 -0.25 31.96 11.00
CA ILE A 647 -0.42 30.77 11.83
C ILE A 647 0.87 30.07 12.23
N PRO A 648 0.82 29.33 13.35
CA PRO A 648 1.95 28.57 13.92
C PRO A 648 2.22 27.26 13.19
N LEU A 649 3.48 26.86 13.16
CA LEU A 649 3.90 25.65 12.48
C LEU A 649 3.23 24.41 13.04
N GLN A 650 2.72 24.52 14.25
CA GLN A 650 2.03 23.41 14.89
C GLN A 650 0.55 23.41 14.53
N ALA A 651 0.10 24.49 13.89
CA ALA A 651 -1.29 24.61 13.48
C ALA A 651 -1.47 24.50 11.98
N ASP A 652 -2.64 24.00 11.56
CA ASP A 652 -2.96 23.86 10.14
C ASP A 652 -4.40 24.32 9.92
N PHE A 653 -4.61 25.14 8.89
CA PHE A 653 -5.93 25.70 8.62
C PHE A 653 -6.99 24.73 8.10
N ILE A 654 -8.09 24.61 8.83
CA ILE A 654 -9.18 23.74 8.41
C ILE A 654 -9.94 24.53 7.36
N GLY A 655 -10.78 25.44 7.83
CA GLY A 655 -11.58 26.27 6.96
C GLY A 655 -12.30 27.30 7.79
N VAL A 656 -13.09 28.15 7.14
CA VAL A 656 -13.84 29.15 7.88
C VAL A 656 -15.13 28.52 8.41
N VAL A 657 -15.43 28.75 9.68
CA VAL A 657 -16.64 28.20 10.25
C VAL A 657 -17.85 28.76 9.52
N ARG A 658 -18.81 27.90 9.21
CA ARG A 658 -20.01 28.32 8.53
C ARG A 658 -21.23 27.76 9.26
N ASN A 659 -20.99 26.74 10.09
CA ASN A 659 -22.07 26.13 10.86
C ASN A 659 -22.50 27.12 11.92
N ASN A 660 -22.99 28.27 11.47
CA ASN A 660 -23.41 29.32 12.38
C ASN A 660 -24.07 30.46 11.61
N GLU A 661 -24.89 31.24 12.30
CA GLU A 661 -25.62 32.35 11.69
C GLU A 661 -25.06 33.71 12.08
N ALA A 662 -23.99 33.72 12.87
CA ALA A 662 -23.40 34.96 13.33
C ALA A 662 -22.08 35.29 12.67
N LEU A 663 -21.45 34.29 12.06
CA LEU A 663 -20.16 34.50 11.42
C LEU A 663 -20.24 34.69 9.91
N ALA A 664 -19.27 35.41 9.36
CA ALA A 664 -19.21 35.66 7.92
C ALA A 664 -18.57 34.48 7.23
N ARG A 665 -19.08 34.13 6.06
CA ARG A 665 -18.52 33.00 5.32
C ARG A 665 -17.33 33.44 4.49
N LEU A 666 -16.43 34.21 5.09
CA LEU A 666 -15.24 34.71 4.40
C LEU A 666 -14.67 33.72 3.40
N SER A 667 -14.03 34.24 2.36
CA SER A 667 -13.44 33.39 1.33
C SER A 667 -11.94 33.23 1.52
N CYS A 668 -11.57 32.63 2.64
CA CYS A 668 -10.17 32.42 3.00
C CYS A 668 -9.44 31.30 2.25
N ALA A 669 -8.11 31.35 2.33
CA ALA A 669 -7.24 30.39 1.69
C ALA A 669 -5.86 30.44 2.34
N PHE A 670 -5.25 29.29 2.50
CA PHE A 670 -3.94 29.16 3.14
C PHE A 670 -2.78 29.18 2.15
N LYS A 671 -1.70 29.86 2.54
CA LYS A 671 -0.53 29.93 1.69
C LYS A 671 0.70 30.31 2.49
N THR A 672 1.88 30.20 1.85
CA THR A 672 3.15 30.53 2.49
C THR A 672 4.25 30.74 1.46
N GLU A 673 4.29 31.93 0.85
CA GLU A 673 5.30 32.27 -0.15
C GLU A 673 6.65 32.45 0.53
N ASN A 674 6.57 32.90 1.78
CA ASN A 674 7.74 33.12 2.61
C ASN A 674 7.42 32.24 3.82
N GLN A 675 8.43 31.55 4.34
CA GLN A 675 8.27 30.65 5.49
C GLN A 675 7.60 31.44 6.63
N THR A 676 6.31 31.72 6.43
CA THR A 676 5.52 32.50 7.38
C THR A 676 4.19 31.82 7.71
N ARG A 677 3.84 30.81 6.93
CA ARG A 677 2.59 30.08 7.11
C ARG A 677 1.43 31.03 7.40
N GLN A 678 0.67 31.36 6.38
CA GLN A 678 -0.46 32.26 6.58
C GLN A 678 -1.70 31.92 5.79
N VAL A 679 -2.84 32.24 6.39
CA VAL A 679 -4.14 32.02 5.78
C VAL A 679 -4.62 33.43 5.41
N VAL A 680 -5.13 33.60 4.19
CA VAL A 680 -5.61 34.91 3.76
C VAL A 680 -7.12 34.95 3.60
N CYS A 681 -7.75 36.03 4.05
CA CYS A 681 -9.20 36.15 3.93
C CYS A 681 -9.65 37.43 3.25
N ASP A 682 -10.48 37.30 2.22
CA ASP A 682 -11.02 38.45 1.50
C ASP A 682 -12.02 39.18 2.41
N LEU A 683 -11.91 40.51 2.48
CA LEU A 683 -12.78 41.36 3.29
C LEU A 683 -13.51 42.36 2.40
N GLY A 684 -13.39 42.19 1.10
CA GLY A 684 -14.04 43.11 0.19
C GLY A 684 -13.00 43.94 -0.52
N ASN A 685 -12.99 43.88 -1.85
CA ASN A 685 -12.03 44.64 -2.62
C ASN A 685 -12.34 46.09 -2.31
N PRO A 686 -13.54 46.55 -2.65
CA PRO A 686 -13.72 47.96 -2.29
C PRO A 686 -13.94 48.12 -0.78
N MET A 687 -14.16 47.00 -0.08
CA MET A 687 -14.35 46.99 1.39
C MET A 687 -14.94 48.29 1.93
N LYS A 688 -16.26 48.44 1.79
CA LYS A 688 -16.96 49.65 2.22
C LYS A 688 -16.60 50.14 3.62
N ALA A 689 -16.87 51.42 3.88
CA ALA A 689 -16.58 52.03 5.16
C ALA A 689 -17.47 51.50 6.27
N GLY A 690 -17.05 51.69 7.52
CA GLY A 690 -17.81 51.25 8.68
C GLY A 690 -18.38 49.86 8.52
N THR A 691 -17.62 49.01 7.83
CA THR A 691 -18.02 47.64 7.57
C THR A 691 -17.50 46.64 8.60
N GLN A 692 -18.10 46.60 9.79
CA GLN A 692 -17.66 45.64 10.80
C GLN A 692 -17.85 44.23 10.24
N LEU A 693 -17.12 43.28 10.77
CA LEU A 693 -17.27 41.93 10.28
C LEU A 693 -16.70 40.84 11.18
N LEU A 694 -17.59 40.00 11.69
CA LEU A 694 -17.19 38.88 12.54
C LEU A 694 -17.11 37.63 11.66
N ALA A 695 -16.23 36.72 12.02
CA ALA A 695 -16.08 35.50 11.25
C ALA A 695 -15.21 34.56 12.04
N GLY A 696 -15.27 33.28 11.68
CA GLY A 696 -14.49 32.30 12.41
C GLY A 696 -13.52 31.47 11.60
N LEU A 697 -12.27 31.48 12.06
CA LEU A 697 -11.23 30.70 11.44
C LEU A 697 -10.88 29.62 12.46
N ARG A 698 -11.12 28.37 12.07
CA ARG A 698 -10.86 27.22 12.92
C ARG A 698 -9.70 26.42 12.33
N PHE A 699 -8.93 25.74 13.19
CA PHE A 699 -7.81 24.92 12.74
C PHE A 699 -7.39 23.92 13.81
N SER A 700 -6.19 23.33 13.66
CA SER A 700 -5.73 22.36 14.63
C SER A 700 -4.25 22.48 14.96
N VAL A 701 -3.97 22.74 16.23
CA VAL A 701 -2.61 22.86 16.70
C VAL A 701 -2.09 21.45 17.04
N HIS A 702 -0.79 21.23 16.82
CA HIS A 702 -0.18 19.93 17.08
C HIS A 702 0.99 20.00 18.08
N GLN A 703 1.03 21.06 18.90
CA GLN A 703 2.08 21.23 19.90
C GLN A 703 3.46 20.64 19.54
N GLN A 704 4.15 20.15 20.56
CA GLN A 704 5.47 19.51 20.42
C GLN A 704 6.20 19.47 21.77
N SER A 705 6.81 18.32 22.05
CA SER A 705 7.55 18.09 23.29
C SER A 705 8.28 19.33 23.85
N GLU A 706 8.40 19.36 25.18
CA GLU A 706 9.04 20.46 25.88
C GLU A 706 8.51 21.78 25.35
N MET A 707 9.19 22.29 24.32
CA MET A 707 8.81 23.54 23.68
C MET A 707 8.53 24.60 24.75
N ASP A 708 7.80 25.63 24.39
CA ASP A 708 7.49 26.70 25.32
C ASP A 708 6.10 26.59 25.94
N THR A 709 5.69 27.66 26.61
CA THR A 709 4.41 27.76 27.30
C THR A 709 3.13 27.82 26.47
N SER A 710 3.19 28.40 25.27
CA SER A 710 1.98 28.50 24.47
C SER A 710 2.19 28.95 23.03
N VAL A 711 1.25 28.59 22.16
CA VAL A 711 1.31 28.94 20.74
C VAL A 711 0.43 30.16 20.42
N LYS A 712 0.98 31.09 19.66
CA LYS A 712 0.28 32.33 19.31
C LYS A 712 0.02 32.55 17.82
N PHE A 713 -1.00 33.36 17.55
CA PHE A 713 -1.38 33.72 16.18
C PHE A 713 -1.13 35.23 16.01
N ASP A 714 -0.97 35.66 14.76
CA ASP A 714 -0.76 37.07 14.44
C ASP A 714 -1.77 37.51 13.39
N LEU A 715 -2.54 38.55 13.72
CA LEU A 715 -3.59 39.06 12.82
C LEU A 715 -3.39 40.52 12.42
N GLN A 716 -3.60 40.81 11.13
CA GLN A 716 -3.48 42.16 10.60
C GLN A 716 -4.23 42.32 9.27
N ILE A 717 -4.77 43.50 9.02
CA ILE A 717 -5.48 43.75 7.76
C ILE A 717 -4.60 44.58 6.84
N GLN A 718 -4.41 44.09 5.62
CA GLN A 718 -3.59 44.78 4.61
C GLN A 718 -4.49 45.22 3.47
N SER A 719 -4.36 46.48 3.04
CA SER A 719 -5.15 46.96 1.92
C SER A 719 -4.19 47.62 0.95
N SER A 720 -4.62 47.82 -0.29
CA SER A 720 -3.78 48.42 -1.29
C SER A 720 -3.97 49.92 -1.44
N ASN A 721 -4.31 50.59 -0.36
CA ASN A 721 -4.52 52.03 -0.38
C ASN A 721 -3.20 52.72 -0.06
N LEU A 722 -2.73 53.58 -0.95
CA LEU A 722 -1.46 54.28 -0.73
C LEU A 722 -1.27 54.75 0.72
N PHE A 723 -2.35 55.16 1.38
CA PHE A 723 -2.24 55.64 2.76
C PHE A 723 -3.04 54.85 3.80
N ASP A 724 -2.49 54.73 5.00
CA ASP A 724 -3.15 54.00 6.09
C ASP A 724 -3.58 52.60 5.66
N LYS A 725 -2.86 52.04 4.69
CA LYS A 725 -3.16 50.74 4.12
C LYS A 725 -3.25 49.51 5.01
N VAL A 726 -2.72 49.58 6.23
CA VAL A 726 -2.78 48.43 7.11
C VAL A 726 -3.29 48.77 8.48
N SER A 727 -3.30 47.77 9.36
CA SER A 727 -3.78 47.93 10.72
C SER A 727 -2.71 47.50 11.72
N PRO A 728 -2.89 47.85 12.99
CA PRO A 728 -1.93 47.47 14.03
C PRO A 728 -1.95 45.95 14.17
N VAL A 729 -0.80 45.31 13.99
CA VAL A 729 -0.76 43.86 14.11
C VAL A 729 -1.12 43.39 15.51
N VAL A 730 -2.27 42.77 15.64
CA VAL A 730 -2.73 42.26 16.92
C VAL A 730 -2.43 40.77 17.02
N SER A 731 -1.71 40.38 18.06
CA SER A 731 -1.36 38.98 18.29
C SER A 731 -2.33 38.37 19.29
N HIS A 732 -2.33 37.04 19.37
CA HIS A 732 -3.23 36.32 20.27
C HIS A 732 -2.65 34.95 20.59
N LYS A 733 -2.38 34.70 21.86
CA LYS A 733 -1.82 33.42 22.26
C LYS A 733 -2.86 32.48 22.84
N VAL A 734 -2.50 31.22 22.92
CA VAL A 734 -3.35 30.20 23.50
C VAL A 734 -2.40 29.31 24.30
N ASP A 735 -2.66 29.19 25.59
CA ASP A 735 -1.81 28.40 26.49
C ASP A 735 -1.90 26.90 26.22
N LEU A 736 -0.81 26.19 26.47
CA LEU A 736 -0.81 24.74 26.30
C LEU A 736 -1.05 24.18 27.70
N ALA A 737 -1.90 23.16 27.78
CA ALA A 737 -2.23 22.53 29.05
C ALA A 737 -1.78 21.09 29.03
N VAL A 738 -1.87 20.42 30.17
CA VAL A 738 -1.47 19.05 30.27
C VAL A 738 -2.59 18.19 30.82
N LEU A 739 -2.97 17.18 30.06
CA LEU A 739 -4.00 16.26 30.48
C LEU A 739 -3.49 14.86 30.16
N ALA A 740 -3.35 14.04 31.19
CA ALA A 740 -2.88 12.68 31.00
C ALA A 740 -3.77 11.73 31.79
N ALA A 741 -4.80 11.20 31.12
CA ALA A 741 -5.71 10.27 31.76
C ALA A 741 -4.93 8.99 31.96
N VAL A 742 -4.48 8.76 33.18
CA VAL A 742 -3.71 7.58 33.50
C VAL A 742 -4.64 6.69 34.30
N GLU A 743 -4.57 5.38 34.12
CA GLU A 743 -5.45 4.49 34.88
C GLU A 743 -4.78 3.18 35.25
N ILE A 744 -5.31 2.51 36.26
CA ILE A 744 -4.70 1.24 36.65
C ILE A 744 -5.72 0.11 36.66
N ARG A 745 -5.31 -1.04 36.16
CA ARG A 745 -6.21 -2.18 36.07
C ARG A 745 -5.54 -3.44 36.52
N GLY A 746 -6.34 -4.33 37.09
CA GLY A 746 -5.81 -5.60 37.57
C GLY A 746 -6.73 -6.75 37.24
N VAL A 747 -6.19 -7.96 37.26
CA VAL A 747 -6.97 -9.13 37.00
C VAL A 747 -6.30 -10.29 37.67
N SER A 748 -7.04 -10.96 38.54
CA SER A 748 -6.53 -12.11 39.28
C SER A 748 -6.88 -13.40 38.57
N SER A 749 -6.51 -13.47 37.30
CA SER A 749 -6.76 -14.63 36.49
C SER A 749 -7.84 -15.53 37.11
N PRO A 750 -7.47 -16.58 37.88
CA PRO A 750 -8.62 -17.33 38.39
C PRO A 750 -9.31 -16.48 39.44
N ASP A 751 -10.38 -15.81 39.06
CA ASP A 751 -11.05 -15.00 40.08
C ASP A 751 -11.80 -15.96 40.99
N HIS A 752 -11.19 -17.13 41.22
CA HIS A 752 -11.82 -18.15 42.06
C HIS A 752 -10.98 -19.42 42.19
N VAL A 753 -11.12 -20.08 43.32
CA VAL A 753 -10.42 -21.33 43.58
C VAL A 753 -11.30 -22.10 44.54
N PHE A 754 -11.64 -23.33 44.18
CA PHE A 754 -12.49 -24.15 45.03
C PHE A 754 -11.61 -25.09 45.85
N LEU A 755 -11.83 -25.09 47.16
CA LEU A 755 -11.00 -25.90 48.03
C LEU A 755 -11.17 -27.40 48.07
N PRO A 756 -12.25 -27.93 47.49
CA PRO A 756 -12.22 -29.39 47.61
C PRO A 756 -10.80 -29.75 47.13
N ILE A 757 -10.32 -28.94 46.18
CA ILE A 757 -8.99 -29.04 45.58
C ILE A 757 -8.56 -30.38 44.98
N PRO A 758 -8.81 -30.57 43.66
CA PRO A 758 -8.45 -31.81 42.97
C PRO A 758 -7.12 -32.36 43.45
N ASN A 759 -7.21 -33.39 44.29
CA ASN A 759 -6.06 -34.06 44.91
C ASN A 759 -5.14 -33.02 45.51
N TRP A 760 -4.07 -33.50 46.16
CA TRP A 760 -3.08 -32.62 46.79
C TRP A 760 -2.35 -33.37 47.89
N GLU A 761 -1.10 -32.99 48.13
CA GLU A 761 -0.33 -33.65 49.17
C GLU A 761 0.50 -32.66 49.99
N HIS A 762 0.21 -32.57 51.27
CA HIS A 762 0.95 -31.70 52.17
C HIS A 762 2.31 -32.36 52.40
N LYS A 763 3.31 -31.95 51.63
CA LYS A 763 4.65 -32.51 51.75
C LYS A 763 5.64 -31.62 52.48
N GLU A 764 5.87 -31.88 53.78
CA GLU A 764 6.81 -31.10 54.58
C GLU A 764 8.08 -30.78 53.81
N ASN A 765 8.35 -29.49 53.62
CA ASN A 765 9.54 -29.04 52.88
C ASN A 765 9.33 -29.27 51.39
N PRO A 766 8.30 -28.65 50.81
CA PRO A 766 7.94 -28.75 49.39
C PRO A 766 9.08 -28.40 48.44
N GLU A 767 9.03 -28.95 47.23
CA GLU A 767 10.05 -28.69 46.22
C GLU A 767 9.51 -28.36 44.82
N THR A 768 8.20 -28.40 44.64
CA THR A 768 7.62 -28.10 43.33
C THR A 768 6.20 -27.53 43.41
N GLU A 769 5.84 -26.78 42.38
CA GLU A 769 4.53 -26.14 42.30
C GLU A 769 3.36 -26.99 42.77
N GLU A 770 3.19 -28.15 42.13
CA GLU A 770 2.09 -29.04 42.48
C GLU A 770 2.11 -29.48 43.94
N ASP A 771 3.30 -29.57 44.53
CA ASP A 771 3.39 -29.97 45.92
C ASP A 771 2.90 -28.84 46.81
N VAL A 772 2.68 -27.66 46.21
CA VAL A 772 2.25 -26.49 46.95
C VAL A 772 0.77 -26.17 46.83
N GLY A 773 0.35 -25.77 45.63
CA GLY A 773 -1.04 -25.42 45.41
C GLY A 773 -1.22 -24.98 43.98
N PRO A 774 -2.41 -24.51 43.59
CA PRO A 774 -2.66 -24.05 42.21
C PRO A 774 -1.94 -22.73 41.96
N VAL A 775 -1.92 -22.31 40.70
CA VAL A 775 -1.27 -21.06 40.34
C VAL A 775 -2.19 -19.84 40.26
N VAL A 776 -2.31 -19.10 41.35
CA VAL A 776 -3.11 -17.88 41.28
C VAL A 776 -2.20 -16.93 40.56
N GLN A 777 -2.75 -15.89 39.96
CA GLN A 777 -1.94 -14.94 39.23
C GLN A 777 -2.60 -13.57 39.05
N HIS A 778 -1.96 -12.54 39.59
CA HIS A 778 -2.48 -11.20 39.45
C HIS A 778 -1.69 -10.47 38.38
N ILE A 779 -2.36 -9.60 37.64
CA ILE A 779 -1.75 -8.82 36.58
C ILE A 779 -2.19 -7.41 36.73
N TYR A 780 -1.22 -6.49 36.75
CA TYR A 780 -1.54 -5.06 36.87
C TYR A 780 -1.02 -4.26 35.70
N GLU A 781 -1.87 -3.36 35.23
CA GLU A 781 -1.48 -2.52 34.13
C GLU A 781 -1.70 -1.07 34.51
N LEU A 782 -0.69 -0.25 34.24
CA LEU A 782 -0.77 1.16 34.46
C LEU A 782 -0.70 1.66 33.02
N ARG A 783 -1.68 2.47 32.61
CA ARG A 783 -1.71 2.97 31.25
C ARG A 783 -2.16 4.41 31.14
N ASN A 784 -1.44 5.15 30.30
CA ASN A 784 -1.71 6.55 30.05
C ASN A 784 -2.55 6.68 28.80
N ASN A 785 -3.77 7.15 28.99
CA ASN A 785 -4.66 7.33 27.87
C ASN A 785 -4.66 8.79 27.47
N GLY A 786 -4.71 9.69 28.46
CA GLY A 786 -4.73 11.13 28.22
C GLY A 786 -3.76 11.49 27.12
N PRO A 787 -3.98 12.60 26.40
CA PRO A 787 -3.11 13.05 25.30
C PRO A 787 -1.68 13.29 25.71
N SER A 788 -1.46 14.17 26.66
CA SER A 788 -0.12 14.46 27.10
C SER A 788 0.48 13.28 27.86
N SER A 789 1.72 12.94 27.54
CA SER A 789 2.40 11.83 28.19
C SER A 789 3.13 12.31 29.44
N PHE A 790 3.73 11.38 30.19
CA PHE A 790 4.47 11.73 31.38
C PHE A 790 5.84 11.06 31.40
N SER A 791 6.70 11.43 32.33
CA SER A 791 8.06 10.86 32.36
C SER A 791 8.46 10.08 33.58
N LYS A 792 7.67 10.17 34.65
CA LYS A 792 7.98 9.42 35.86
C LYS A 792 6.76 9.15 36.74
N ALA A 793 6.63 7.90 37.16
CA ALA A 793 5.51 7.54 38.03
C ALA A 793 5.96 6.45 38.99
N MET A 794 5.26 6.34 40.11
CA MET A 794 5.58 5.34 41.10
C MET A 794 4.49 4.30 41.17
N LEU A 795 4.88 3.06 41.41
CA LEU A 795 3.89 2.01 41.48
C LEU A 795 4.01 1.29 42.80
N HIS A 796 2.92 1.26 43.56
CA HIS A 796 2.92 0.59 44.84
C HIS A 796 1.92 -0.52 44.87
N LEU A 797 2.44 -1.74 44.97
CA LEU A 797 1.63 -2.93 45.03
C LEU A 797 1.75 -3.61 46.36
N GLN A 798 0.71 -3.54 47.18
CA GLN A 798 0.73 -4.23 48.47
C GLN A 798 0.24 -5.64 48.17
N TRP A 799 0.85 -6.64 48.77
CA TRP A 799 0.46 -8.02 48.51
C TRP A 799 0.21 -8.83 49.76
N PRO A 800 -0.84 -9.68 49.74
CA PRO A 800 -1.32 -10.57 50.80
C PRO A 800 -0.32 -11.67 51.10
N TYR A 801 0.71 -11.30 51.86
CA TYR A 801 1.81 -12.15 52.23
C TYR A 801 1.46 -13.33 53.14
N LYS A 802 0.90 -13.04 54.33
CA LYS A 802 0.53 -14.06 55.30
C LYS A 802 -0.59 -13.56 56.20
N TYR A 803 -1.35 -14.48 56.81
CA TYR A 803 -2.45 -14.09 57.72
C TYR A 803 -2.15 -14.29 59.19
N ASN A 804 -1.37 -15.31 59.51
CA ASN A 804 -0.98 -15.57 60.89
C ASN A 804 0.22 -16.46 60.87
N ASN A 805 1.33 -15.92 60.37
CA ASN A 805 2.55 -16.70 60.25
C ASN A 805 2.20 -17.84 59.31
N ASN A 806 1.03 -17.71 58.67
CA ASN A 806 0.58 -18.69 57.70
C ASN A 806 0.54 -18.02 56.32
N THR A 807 1.29 -18.59 55.39
CA THR A 807 1.38 -18.08 54.05
C THR A 807 0.05 -18.05 53.29
N LEU A 808 -0.12 -17.07 52.42
CA LEU A 808 -1.35 -16.98 51.62
C LEU A 808 -1.08 -17.32 50.17
N LEU A 809 -0.71 -16.31 49.38
CA LEU A 809 -0.39 -16.51 47.97
C LEU A 809 1.12 -16.43 47.76
N TYR A 810 1.78 -17.59 47.70
CA TYR A 810 3.22 -17.66 47.55
C TYR A 810 3.74 -17.21 46.20
N ILE A 811 4.26 -15.97 46.14
CA ILE A 811 4.80 -15.41 44.90
C ILE A 811 6.02 -16.16 44.37
N LEU A 812 5.90 -16.72 43.17
CA LEU A 812 7.00 -17.46 42.54
C LEU A 812 7.98 -16.51 41.84
N HIS A 813 7.44 -15.44 41.25
CA HIS A 813 8.26 -14.45 40.54
C HIS A 813 7.30 -13.43 39.95
N TYR A 814 7.84 -12.42 39.28
CA TYR A 814 6.99 -11.42 38.63
C TYR A 814 7.69 -10.94 37.38
N ASP A 815 6.93 -10.46 36.41
CA ASP A 815 7.53 -9.99 35.18
C ASP A 815 7.07 -8.59 34.85
N ILE A 816 7.69 -7.99 33.84
CA ILE A 816 7.32 -6.65 33.46
C ILE A 816 7.32 -6.49 31.95
N ASP A 817 6.39 -5.70 31.48
CA ASP A 817 6.22 -5.42 30.07
C ASP A 817 6.16 -3.90 30.00
N GLY A 818 7.23 -3.28 29.51
CA GLY A 818 7.25 -1.84 29.39
C GLY A 818 8.36 -1.15 30.15
N PRO A 819 8.39 0.19 30.15
CA PRO A 819 9.40 0.99 30.85
C PRO A 819 9.17 0.93 32.34
N MET A 820 9.62 -0.14 32.98
CA MET A 820 9.39 -0.24 34.40
C MET A 820 10.40 -1.15 35.08
N ASN A 821 10.69 -0.82 36.34
CA ASN A 821 11.61 -1.57 37.18
C ASN A 821 10.87 -1.78 38.49
N CYS A 822 10.93 -2.97 39.05
CA CYS A 822 10.23 -3.20 40.31
C CYS A 822 11.12 -3.79 41.40
N THR A 823 10.74 -3.58 42.66
CA THR A 823 11.53 -4.13 43.75
C THR A 823 10.65 -4.64 44.89
N SER A 824 11.06 -5.76 45.48
CA SER A 824 10.31 -6.35 46.58
C SER A 824 11.03 -6.13 47.89
N ASP A 825 10.32 -5.63 48.88
CA ASP A 825 10.90 -5.38 50.18
C ASP A 825 11.32 -6.71 50.82
N MET A 826 10.85 -7.82 50.25
CA MET A 826 11.16 -9.16 50.78
C MET A 826 11.57 -10.08 49.64
N GLU A 827 12.46 -11.04 49.90
CA GLU A 827 12.86 -11.95 48.83
C GLU A 827 11.68 -12.82 48.38
N ILE A 828 11.53 -12.96 47.06
CA ILE A 828 10.38 -13.68 46.52
C ILE A 828 10.26 -15.19 46.64
N ASN A 829 11.28 -15.94 46.25
CA ASN A 829 11.18 -17.39 46.37
C ASN A 829 12.06 -17.90 47.49
N PRO A 830 11.74 -17.54 48.74
CA PRO A 830 12.55 -17.98 49.87
C PRO A 830 12.73 -19.50 49.91
N LEU A 831 11.71 -20.23 49.47
CA LEU A 831 11.76 -21.69 49.45
C LEU A 831 12.40 -22.17 48.15
N ARG A 832 12.84 -21.23 47.33
CA ARG A 832 13.48 -21.51 46.05
C ARG A 832 12.73 -22.52 45.18
N ILE A 833 11.46 -22.72 45.51
CA ILE A 833 10.59 -23.64 44.79
C ILE A 833 10.68 -23.51 43.29
N LYS A 834 11.65 -24.18 42.68
CA LYS A 834 11.79 -24.12 41.23
C LYS A 834 10.52 -24.69 40.63
N ILE A 835 10.43 -24.67 39.31
CA ILE A 835 9.25 -25.17 38.61
C ILE A 835 9.09 -26.67 38.89
N SER A 836 8.06 -27.26 38.31
CA SER A 836 7.80 -28.67 38.50
C SER A 836 8.75 -29.55 37.69
N SER A 837 9.64 -30.26 38.39
CA SER A 837 10.60 -31.16 37.74
C SER A 837 10.09 -32.61 37.79
N LEU A 838 9.14 -32.92 36.91
CA LEU A 838 8.52 -34.25 36.83
C LEU A 838 9.47 -35.34 36.34
N ASP A 868 -12.09 -9.98 60.11
CA ASP A 868 -10.73 -10.38 59.79
C ASP A 868 -10.65 -11.90 59.56
N ILE A 869 -11.67 -12.46 58.91
CA ILE A 869 -11.69 -13.89 58.65
C ILE A 869 -12.45 -14.19 57.36
N HIS A 870 -12.47 -13.19 56.46
CA HIS A 870 -13.14 -13.33 55.18
C HIS A 870 -12.25 -12.70 54.12
N THR A 871 -12.07 -11.38 54.21
CA THR A 871 -11.23 -10.62 53.29
C THR A 871 -9.83 -10.54 53.89
N LEU A 872 -8.89 -11.27 53.32
CA LEU A 872 -7.52 -11.25 53.81
C LEU A 872 -6.67 -10.28 53.02
N GLY A 873 -6.72 -9.00 53.41
CA GLY A 873 -5.92 -7.98 52.75
C GLY A 873 -4.73 -7.60 53.62
N CYS A 874 -4.06 -6.50 53.28
CA CYS A 874 -2.92 -6.04 54.06
C CYS A 874 -3.36 -5.28 55.30
N GLY A 875 -4.58 -4.77 55.29
CA GLY A 875 -5.05 -4.06 56.46
C GLY A 875 -5.08 -5.01 57.65
N VAL A 876 -5.37 -6.28 57.36
CA VAL A 876 -5.46 -7.30 58.40
C VAL A 876 -4.49 -8.45 58.21
N ALA A 877 -3.57 -8.32 57.26
CA ALA A 877 -2.60 -9.39 57.02
C ALA A 877 -1.19 -8.86 56.85
N GLN A 878 -0.20 -9.70 57.15
CA GLN A 878 1.21 -9.33 57.01
C GLN A 878 1.48 -9.02 55.53
N CYS A 879 1.90 -7.79 55.28
CA CYS A 879 2.14 -7.27 53.93
C CYS A 879 3.50 -7.50 53.26
N LEU A 880 3.50 -7.58 51.93
CA LEU A 880 4.73 -7.70 51.15
C LEU A 880 4.60 -6.62 50.13
N LYS A 881 5.53 -5.66 50.13
CA LYS A 881 5.45 -4.54 49.21
C LYS A 881 6.36 -4.64 48.01
N ILE A 882 5.80 -4.47 46.82
CA ILE A 882 6.60 -4.51 45.62
C ILE A 882 6.48 -3.10 45.10
N VAL A 883 7.62 -2.43 44.92
CA VAL A 883 7.63 -1.04 44.43
C VAL A 883 8.18 -1.04 43.02
N CYS A 884 7.63 -0.16 42.19
CA CYS A 884 8.05 -0.08 40.81
C CYS A 884 8.23 1.39 40.37
N GLN A 885 9.38 1.72 39.78
CA GLN A 885 9.64 3.08 39.29
C GLN A 885 9.31 3.08 37.80
N VAL A 886 8.42 3.96 37.36
CA VAL A 886 8.03 4.00 35.95
C VAL A 886 8.73 5.03 35.07
N GLY A 887 9.12 4.59 33.88
CA GLY A 887 9.80 5.44 32.93
C GLY A 887 8.85 6.43 32.31
N ARG A 888 8.93 6.59 31.00
CA ARG A 888 8.06 7.51 30.29
C ARG A 888 7.05 6.77 29.44
N LEU A 889 5.78 7.05 29.70
CA LEU A 889 4.69 6.45 28.97
C LEU A 889 4.00 7.54 28.15
N ASP A 890 3.97 7.37 26.84
CA ASP A 890 3.33 8.36 25.98
C ASP A 890 1.86 8.08 25.97
N ARG A 891 1.14 8.77 25.09
CA ARG A 891 -0.28 8.59 24.95
C ARG A 891 -0.44 7.22 24.29
N GLY A 892 -1.29 6.39 24.87
CA GLY A 892 -1.55 5.08 24.33
C GLY A 892 -0.51 4.01 24.59
N LYS A 893 0.09 4.04 25.77
CA LYS A 893 1.09 3.06 26.13
C LYS A 893 0.86 2.66 27.59
N SER A 894 1.58 1.65 28.06
CA SER A 894 1.41 1.19 29.42
C SER A 894 2.56 0.32 29.88
N ALA A 895 2.62 0.09 31.18
CA ALA A 895 3.66 -0.75 31.77
C ALA A 895 2.86 -1.85 32.44
N ILE A 896 3.43 -3.03 32.56
CA ILE A 896 2.66 -4.12 33.12
C ILE A 896 3.39 -5.04 34.04
N LEU A 897 2.81 -5.26 35.20
CA LEU A 897 3.41 -6.14 36.19
C LEU A 897 2.73 -7.51 36.12
N TYR A 898 3.53 -8.55 35.95
CA TYR A 898 3.01 -9.89 35.86
C TYR A 898 3.45 -10.70 37.07
N VAL A 899 2.65 -10.69 38.13
CA VAL A 899 2.96 -11.44 39.34
C VAL A 899 2.40 -12.87 39.28
N LYS A 900 3.29 -13.86 39.39
CA LYS A 900 2.90 -15.28 39.33
C LYS A 900 3.09 -15.99 40.68
N SER A 901 2.06 -15.98 41.52
CA SER A 901 2.16 -16.63 42.83
C SER A 901 1.75 -18.10 42.86
N LEU A 902 1.26 -18.54 44.03
CA LEU A 902 0.84 -19.92 44.26
C LEU A 902 0.01 -20.01 45.54
N LEU A 903 -1.21 -20.54 45.45
CA LEU A 903 -2.06 -20.65 46.63
C LEU A 903 -1.50 -21.68 47.59
N TRP A 904 -0.86 -21.20 48.64
CA TRP A 904 -0.32 -22.10 49.65
C TRP A 904 -1.58 -22.80 50.16
N THR A 905 -1.68 -24.11 49.97
CA THR A 905 -2.88 -24.83 50.35
C THR A 905 -3.15 -25.03 51.84
N GLU A 906 -2.53 -24.25 52.70
CA GLU A 906 -2.78 -24.37 54.13
C GLU A 906 -4.08 -23.66 54.47
N THR A 907 -4.87 -23.39 53.44
CA THR A 907 -6.15 -22.75 53.62
C THR A 907 -7.04 -23.92 54.05
N PHE A 908 -6.39 -24.90 54.67
CA PHE A 908 -7.03 -26.12 55.16
C PHE A 908 -7.24 -26.23 56.66
N MET A 909 -8.51 -26.27 57.06
CA MET A 909 -8.87 -26.40 58.47
C MET A 909 -10.35 -26.80 58.52
N ASN A 910 -10.74 -27.53 59.56
CA ASN A 910 -12.14 -27.95 59.69
C ASN A 910 -12.48 -28.39 61.10
N LYS A 911 -11.44 -28.70 61.89
CA LYS A 911 -11.62 -29.14 63.28
C LYS A 911 -12.17 -27.97 64.10
N GLU A 912 -12.02 -26.77 63.56
CA GLU A 912 -12.49 -25.54 64.19
C GLU A 912 -13.51 -24.86 63.28
N ASN A 913 -14.77 -24.80 63.74
CA ASN A 913 -15.88 -24.21 62.98
C ASN A 913 -15.79 -24.53 61.48
N GLN A 914 -16.33 -23.64 60.66
CA GLN A 914 -16.27 -23.83 59.22
C GLN A 914 -15.13 -23.03 58.60
N ASN A 915 -14.07 -23.74 58.21
CA ASN A 915 -12.92 -23.12 57.57
C ASN A 915 -13.37 -22.94 56.14
N HIS A 916 -13.76 -21.72 55.81
CA HIS A 916 -14.27 -21.42 54.49
C HIS A 916 -14.10 -19.96 54.10
N SER A 917 -14.74 -19.63 52.99
CA SER A 917 -14.79 -18.29 52.40
C SER A 917 -13.76 -17.22 52.75
N TYR A 918 -12.78 -17.08 51.86
CA TYR A 918 -11.72 -16.08 51.97
C TYR A 918 -11.62 -15.26 50.70
N SER A 919 -11.42 -13.96 50.85
CA SER A 919 -11.28 -13.08 49.71
C SER A 919 -9.87 -12.51 49.76
N LEU A 920 -8.91 -13.20 49.15
CA LEU A 920 -7.51 -12.75 49.12
C LEU A 920 -7.42 -11.48 48.29
N LYS A 921 -6.97 -10.40 48.91
CA LYS A 921 -6.89 -9.15 48.23
C LYS A 921 -5.44 -8.72 48.08
N SER A 922 -5.20 -7.89 47.07
CA SER A 922 -3.89 -7.35 46.82
C SER A 922 -4.30 -6.08 46.11
N SER A 923 -3.67 -4.97 46.48
CA SER A 923 -4.01 -3.68 45.86
C SER A 923 -2.76 -3.09 45.26
N ALA A 924 -2.96 -2.16 44.33
CA ALA A 924 -1.87 -1.47 43.66
C ALA A 924 -2.27 -0.06 43.32
N SER A 925 -1.51 0.92 43.80
CA SER A 925 -1.79 2.34 43.51
C SER A 925 -0.65 2.95 42.75
N PHE A 926 -0.90 4.05 42.08
CA PHE A 926 0.17 4.69 41.32
C PHE A 926 0.21 6.20 41.52
N ASN A 927 1.41 6.75 41.45
CA ASN A 927 1.59 8.18 41.61
C ASN A 927 2.41 8.77 40.48
N VAL A 928 1.81 9.70 39.73
CA VAL A 928 2.53 10.32 38.62
C VAL A 928 3.31 11.52 39.18
N ILE A 929 4.63 11.40 39.15
CA ILE A 929 5.50 12.42 39.72
C ILE A 929 6.16 13.42 38.80
N GLU A 930 6.37 13.07 37.54
CA GLU A 930 7.03 13.99 36.62
C GLU A 930 6.71 13.86 35.14
N PHE A 931 6.49 15.02 34.53
CA PHE A 931 6.21 15.14 33.12
C PHE A 931 7.43 15.79 32.53
N PRO A 932 7.58 15.73 31.19
CA PRO A 932 8.74 16.33 30.52
C PRO A 932 8.54 17.79 30.10
N TYR A 933 7.47 18.42 30.57
CA TYR A 933 7.21 19.80 30.21
C TYR A 933 7.88 20.73 31.22
N LYS A 934 7.61 20.50 32.50
CA LYS A 934 8.20 21.28 33.59
C LYS A 934 7.93 22.79 33.59
N ASN A 935 7.82 23.39 32.41
CA ASN A 935 7.56 24.81 32.39
C ASN A 935 6.06 25.10 32.37
N LEU A 936 5.25 24.04 32.28
CA LEU A 936 3.80 24.18 32.28
C LEU A 936 3.21 23.66 33.58
N PRO A 937 2.10 24.24 34.02
CA PRO A 937 1.45 23.82 35.26
C PRO A 937 1.02 22.37 35.17
N ILE A 938 1.29 21.64 36.25
CA ILE A 938 0.94 20.23 36.32
C ILE A 938 0.06 19.95 37.52
N GLU A 939 -0.13 18.68 37.82
CA GLU A 939 -0.94 18.28 38.97
C GLU A 939 -0.51 16.86 39.22
N ASP A 940 -0.86 16.32 40.39
CA ASP A 940 -0.48 14.95 40.68
C ASP A 940 -1.61 13.98 40.36
N ILE A 941 -1.33 13.07 39.42
CA ILE A 941 -2.25 12.05 39.00
C ILE A 941 -2.11 10.92 40.00
N THR A 942 -3.22 10.44 40.53
CA THR A 942 -3.17 9.38 41.51
C THR A 942 -4.45 8.58 41.46
N ASN A 943 -4.35 7.29 41.78
CA ASN A 943 -5.48 6.41 41.80
C ASN A 943 -4.93 5.03 42.08
N SER A 944 -5.82 4.09 42.36
CA SER A 944 -5.41 2.71 42.63
C SER A 944 -6.57 1.78 42.34
N THR A 945 -6.39 0.53 42.69
CA THR A 945 -7.42 -0.45 42.42
C THR A 945 -7.03 -1.73 43.16
N LEU A 946 -7.93 -2.69 43.25
CA LEU A 946 -7.60 -3.95 43.93
C LEU A 946 -8.08 -5.15 43.15
N VAL A 947 -7.48 -6.30 43.42
CA VAL A 947 -7.86 -7.52 42.74
C VAL A 947 -7.87 -8.64 43.77
N THR A 948 -8.95 -9.41 43.76
CA THR A 948 -9.12 -10.52 44.71
C THR A 948 -9.02 -11.90 44.08
N THR A 949 -8.85 -12.90 44.94
CA THR A 949 -8.80 -14.29 44.52
C THR A 949 -9.62 -14.95 45.60
N ASN A 950 -10.87 -15.22 45.30
CA ASN A 950 -11.72 -15.84 46.28
C ASN A 950 -11.55 -17.35 46.29
N VAL A 951 -11.22 -17.87 47.46
CA VAL A 951 -11.05 -19.29 47.67
C VAL A 951 -12.29 -19.69 48.44
N THR A 952 -12.91 -20.79 48.04
CA THR A 952 -14.13 -21.25 48.68
C THR A 952 -14.31 -22.76 48.68
N TRP A 953 -15.40 -23.22 49.29
CA TRP A 953 -15.71 -24.65 49.38
C TRP A 953 -17.11 -24.95 48.84
N GLY A 954 -17.18 -25.85 47.87
CA GLY A 954 -18.46 -26.23 47.28
C GLY A 954 -18.95 -27.53 47.88
N ILE A 955 -18.05 -28.50 47.99
CA ILE A 955 -18.37 -29.81 48.56
C ILE A 955 -17.81 -29.85 49.99
N GLN A 956 -18.09 -28.78 50.73
CA GLN A 956 -17.64 -28.62 52.11
C GLN A 956 -18.22 -29.71 53.02
N GLY B 1 -42.52 27.74 -1.79
CA GLY B 1 -41.35 28.05 -0.98
C GLY B 1 -40.08 28.15 -1.80
N PRO B 2 -39.50 29.36 -1.92
CA PRO B 2 -38.28 29.55 -2.69
C PRO B 2 -37.06 28.98 -1.97
N ASN B 3 -36.70 27.75 -2.29
CA ASN B 3 -35.56 27.11 -1.65
C ASN B 3 -34.57 26.46 -2.60
N ILE B 4 -33.94 25.37 -2.16
CA ILE B 4 -32.95 24.65 -2.94
C ILE B 4 -33.29 24.56 -4.42
N CYS B 5 -34.45 23.99 -4.73
CA CYS B 5 -34.86 23.84 -6.13
C CYS B 5 -35.06 25.20 -6.79
N THR B 6 -35.58 26.15 -6.03
CA THR B 6 -35.85 27.50 -6.52
C THR B 6 -34.56 28.20 -6.95
N THR B 7 -33.60 28.22 -6.04
CA THR B 7 -32.30 28.84 -6.24
C THR B 7 -31.45 28.27 -7.37
N ARG B 8 -31.63 26.98 -7.66
CA ARG B 8 -30.85 26.32 -8.70
C ARG B 8 -31.77 25.69 -9.75
N GLY B 9 -32.87 26.36 -10.06
CA GLY B 9 -33.79 25.83 -11.04
C GLY B 9 -33.90 26.67 -12.30
N VAL B 10 -34.02 27.98 -12.12
CA VAL B 10 -34.14 28.92 -13.24
C VAL B 10 -33.55 28.39 -14.55
N SER B 11 -32.32 27.91 -14.49
CA SER B 11 -31.61 27.38 -15.66
C SER B 11 -32.50 26.59 -16.62
N SER B 12 -32.57 25.28 -16.41
CA SER B 12 -33.38 24.39 -17.25
C SER B 12 -33.59 23.03 -16.57
N CYS B 13 -34.58 22.27 -17.02
CA CYS B 13 -34.84 20.96 -16.43
C CYS B 13 -33.55 20.27 -16.00
N GLN B 14 -32.69 20.01 -16.99
CA GLN B 14 -31.39 19.36 -16.75
C GLN B 14 -30.86 19.70 -15.37
N GLN B 15 -30.45 20.95 -15.21
CA GLN B 15 -29.90 21.40 -13.95
C GLN B 15 -30.88 21.32 -12.79
N CYS B 16 -32.17 21.50 -13.08
CA CYS B 16 -33.16 21.44 -12.03
C CYS B 16 -33.20 20.08 -11.36
N LEU B 17 -33.00 19.03 -12.15
CA LEU B 17 -32.98 17.68 -11.63
C LEU B 17 -31.61 17.43 -11.04
N ALA B 18 -30.59 17.89 -11.76
CA ALA B 18 -29.20 17.72 -11.33
C ALA B 18 -28.94 18.26 -9.93
N VAL B 19 -29.90 18.99 -9.37
CA VAL B 19 -29.75 19.55 -8.03
C VAL B 19 -30.05 18.50 -6.96
N SER B 20 -31.32 18.12 -6.86
CA SER B 20 -31.74 17.12 -5.88
C SER B 20 -32.93 16.33 -6.38
N PRO B 21 -32.99 15.03 -6.03
CA PRO B 21 -34.09 14.16 -6.45
C PRO B 21 -35.37 14.55 -5.70
N MET B 22 -35.28 15.63 -4.93
CA MET B 22 -36.41 16.13 -4.16
C MET B 22 -37.01 17.32 -4.88
N CYS B 23 -36.61 17.51 -6.14
CA CYS B 23 -37.12 18.63 -6.94
C CYS B 23 -38.04 18.15 -8.06
N ALA B 24 -38.34 19.06 -8.99
CA ALA B 24 -39.21 18.76 -10.12
C ALA B 24 -39.28 19.91 -11.12
N TRP B 25 -39.87 19.64 -12.29
CA TRP B 25 -40.01 20.65 -13.34
C TRP B 25 -41.32 20.37 -14.07
N CYS B 26 -41.87 21.39 -14.74
CA CYS B 26 -43.13 21.22 -15.45
C CYS B 26 -43.46 22.39 -16.39
N SER B 27 -43.91 22.06 -17.60
CA SER B 27 -44.30 23.04 -18.63
C SER B 27 -44.22 22.43 -20.03
N ASP B 28 -45.29 22.58 -20.81
CA ASP B 28 -45.34 22.02 -22.17
C ASP B 28 -46.00 22.93 -23.21
N GLU B 29 -47.27 22.67 -23.50
CA GLU B 29 -48.05 23.43 -24.48
C GLU B 29 -47.64 24.91 -24.46
N ALA B 30 -48.29 25.70 -23.61
CA ALA B 30 -48.00 27.11 -23.50
C ALA B 30 -48.47 27.72 -22.18
N LEU B 31 -48.86 26.86 -21.23
CA LEU B 31 -49.35 27.32 -19.92
C LEU B 31 -48.38 28.29 -19.24
N PRO B 32 -48.89 29.47 -18.83
CA PRO B 32 -48.09 30.50 -18.16
C PRO B 32 -47.73 30.15 -16.72
N LEU B 33 -47.11 31.11 -16.03
CA LEU B 33 -46.69 30.92 -14.64
C LEU B 33 -45.90 32.12 -14.13
N GLY B 34 -46.12 32.48 -12.87
CA GLY B 34 -45.42 33.59 -12.27
C GLY B 34 -44.58 33.07 -11.10
N SER B 35 -44.76 31.78 -10.81
CA SER B 35 -44.04 31.11 -9.73
C SER B 35 -42.91 30.27 -10.32
N PRO B 36 -41.84 30.03 -9.55
CA PRO B 36 -40.69 29.24 -10.00
C PRO B 36 -41.08 28.03 -10.84
N ARG B 37 -40.17 27.61 -11.72
CA ARG B 37 -40.43 26.47 -12.61
C ARG B 37 -39.80 25.17 -12.08
N CYS B 38 -38.96 25.29 -11.06
CA CYS B 38 -38.28 24.14 -10.47
C CYS B 38 -38.55 24.06 -8.98
N ASP B 39 -39.40 23.13 -8.56
CA ASP B 39 -39.69 22.98 -7.14
C ASP B 39 -39.92 21.56 -6.67
N LEU B 40 -40.41 21.41 -5.43
CA LEU B 40 -40.74 20.10 -4.83
C LEU B 40 -42.26 19.68 -5.06
N LYS B 41 -42.76 19.69 -6.35
CA LYS B 41 -44.13 19.32 -6.81
C LYS B 41 -45.21 19.48 -5.79
N GLU B 42 -44.75 19.48 -4.56
CA GLU B 42 -45.69 19.72 -3.51
C GLU B 42 -45.82 21.23 -3.55
N ASN B 43 -44.67 21.97 -3.57
CA ASN B 43 -44.81 23.44 -3.51
C ASN B 43 -45.30 24.02 -4.85
N LEU B 44 -45.11 23.17 -5.83
CA LEU B 44 -45.38 23.41 -7.22
C LEU B 44 -46.79 23.04 -7.66
N LEU B 45 -47.23 21.83 -7.34
CA LEU B 45 -48.54 21.34 -7.73
C LEU B 45 -49.70 22.30 -7.45
N LYS B 46 -49.67 22.95 -6.28
CA LYS B 46 -50.73 23.90 -5.95
C LYS B 46 -50.50 25.17 -6.75
N ASP B 47 -49.98 25.00 -7.97
CA ASP B 47 -49.70 26.12 -8.85
C ASP B 47 -49.81 25.69 -10.30
N ASN B 48 -50.60 24.63 -10.54
CA ASN B 48 -50.85 24.09 -11.87
C ASN B 48 -49.78 23.19 -12.48
N CYS B 49 -50.07 22.71 -13.69
CA CYS B 49 -49.20 21.84 -14.46
C CYS B 49 -49.06 20.44 -13.87
N ALA B 50 -49.62 19.44 -14.56
CA ALA B 50 -49.55 18.05 -14.11
C ALA B 50 -49.77 17.04 -15.24
N ILE B 54 -45.99 15.30 -17.00
CA ILE B 54 -45.43 14.38 -16.01
C ILE B 54 -43.94 14.14 -16.25
N GLU B 55 -43.14 15.17 -16.00
CA GLU B 55 -41.68 15.08 -16.17
C GLU B 55 -41.02 15.29 -14.80
N PHE B 56 -40.94 14.21 -14.02
CA PHE B 56 -40.35 14.22 -12.69
C PHE B 56 -40.15 12.78 -12.23
N PRO B 57 -39.08 12.14 -12.72
CA PRO B 57 -38.73 10.75 -12.40
C PRO B 57 -38.43 10.44 -10.93
N VAL B 58 -38.51 9.17 -10.59
CA VAL B 58 -38.24 8.67 -9.24
C VAL B 58 -37.42 7.39 -9.37
N SER B 59 -36.24 7.38 -8.78
CA SER B 59 -35.36 6.21 -8.86
C SER B 59 -36.13 4.96 -8.42
N GLU B 60 -35.66 3.78 -8.84
CA GLU B 60 -36.33 2.52 -8.48
C GLU B 60 -35.54 1.27 -8.85
N ALA B 61 -35.73 0.19 -8.11
CA ALA B 61 -35.03 -1.07 -8.37
C ALA B 61 -35.96 -2.27 -8.51
N ARG B 62 -36.41 -2.52 -9.74
CA ARG B 62 -37.31 -3.63 -9.97
C ARG B 62 -36.63 -4.98 -10.10
N VAL B 63 -36.97 -5.92 -9.23
CA VAL B 63 -36.41 -7.25 -9.35
C VAL B 63 -36.88 -7.71 -10.72
N LEU B 64 -36.09 -8.51 -11.42
CA LEU B 64 -36.51 -8.98 -12.73
C LEU B 64 -36.47 -10.50 -12.76
N GLU B 65 -35.98 -11.09 -11.68
CA GLU B 65 -35.90 -12.54 -11.59
C GLU B 65 -35.73 -13.01 -10.16
N ASP B 66 -36.74 -13.71 -9.61
CA ASP B 66 -36.68 -14.22 -8.25
C ASP B 66 -36.13 -15.63 -8.15
N ARG B 67 -36.98 -16.64 -8.26
CA ARG B 67 -36.48 -18.02 -8.17
C ARG B 67 -36.03 -18.27 -6.73
N PRO B 68 -36.77 -19.08 -5.99
CA PRO B 68 -36.43 -19.37 -4.60
C PRO B 68 -35.13 -20.15 -4.35
N LEU B 69 -34.57 -19.91 -3.18
CA LEU B 69 -33.32 -20.50 -2.76
C LEU B 69 -33.08 -21.99 -2.82
N SER B 70 -34.09 -22.80 -3.10
CA SER B 70 -33.85 -24.25 -3.13
C SER B 70 -33.14 -24.76 -1.86
N ASP B 71 -33.27 -26.05 -1.58
CA ASP B 71 -32.66 -26.62 -0.37
C ASP B 71 -31.76 -27.83 -0.63
N LYS B 72 -31.57 -28.18 -1.90
CA LYS B 72 -30.74 -29.33 -2.24
C LYS B 72 -30.07 -29.21 -3.63
N GLY B 73 -28.80 -29.61 -3.71
CA GLY B 73 -28.08 -29.54 -4.96
C GLY B 73 -28.69 -30.40 -6.06
N SER B 74 -28.58 -29.92 -7.30
CA SER B 74 -29.12 -30.58 -8.50
C SER B 74 -30.20 -31.63 -8.27
N GLY B 75 -31.45 -31.27 -8.60
CA GLY B 75 -32.55 -32.19 -8.42
C GLY B 75 -33.56 -32.23 -9.55
N ASP B 76 -33.08 -32.07 -10.79
CA ASP B 76 -33.91 -32.08 -11.99
C ASP B 76 -34.53 -30.75 -12.40
N SER B 77 -34.10 -30.26 -13.56
CA SER B 77 -34.57 -29.01 -14.15
C SER B 77 -34.46 -27.77 -13.27
N SER B 78 -34.85 -27.88 -12.00
CA SER B 78 -34.74 -26.73 -11.11
C SER B 78 -33.28 -26.31 -11.07
N GLN B 79 -33.02 -25.10 -11.58
CA GLN B 79 -31.68 -24.55 -11.63
C GLN B 79 -31.18 -24.21 -10.23
N VAL B 80 -30.83 -25.23 -9.44
CA VAL B 80 -30.35 -25.00 -8.08
C VAL B 80 -29.70 -23.64 -7.94
N THR B 81 -30.31 -22.79 -7.11
CA THR B 81 -29.82 -21.44 -6.91
C THR B 81 -29.33 -21.26 -5.47
N GLN B 82 -28.35 -20.38 -5.28
CA GLN B 82 -27.81 -20.11 -3.96
C GLN B 82 -27.91 -18.65 -3.61
N VAL B 83 -28.37 -17.85 -4.56
CA VAL B 83 -28.53 -16.41 -4.38
C VAL B 83 -29.95 -16.12 -4.83
N SER B 84 -30.71 -15.35 -4.04
CA SER B 84 -32.11 -15.11 -4.39
C SER B 84 -32.41 -14.25 -5.60
N PRO B 85 -32.32 -12.90 -5.48
CA PRO B 85 -32.66 -12.23 -6.74
C PRO B 85 -31.47 -12.46 -7.67
N GLN B 86 -31.69 -12.62 -8.96
CA GLN B 86 -30.57 -12.79 -9.86
C GLN B 86 -30.48 -11.59 -10.76
N ARG B 87 -31.63 -10.97 -11.03
CA ARG B 87 -31.66 -9.81 -11.90
C ARG B 87 -32.53 -8.74 -11.31
N ILE B 88 -32.09 -7.50 -11.41
CA ILE B 88 -32.86 -6.39 -10.91
C ILE B 88 -32.39 -5.16 -11.67
N ALA B 89 -33.34 -4.32 -12.06
CA ALA B 89 -33.03 -3.13 -12.81
C ALA B 89 -33.08 -1.90 -11.94
N LEU B 90 -32.01 -1.12 -11.97
CA LEU B 90 -31.94 0.10 -11.18
C LEU B 90 -32.09 1.24 -12.16
N ARG B 91 -32.75 2.30 -11.72
CA ARG B 91 -32.94 3.50 -12.54
C ARG B 91 -32.81 4.65 -11.58
N LEU B 92 -31.58 5.14 -11.42
CA LEU B 92 -31.32 6.23 -10.52
C LEU B 92 -31.32 7.57 -11.23
N ARG B 93 -31.82 8.59 -10.54
CA ARG B 93 -31.84 9.92 -11.10
C ARG B 93 -30.70 10.65 -10.39
N PRO B 94 -30.35 11.84 -10.86
CA PRO B 94 -29.28 12.65 -10.29
C PRO B 94 -29.04 12.56 -8.79
N ASP B 95 -27.81 12.23 -8.42
CA ASP B 95 -27.36 12.13 -7.04
C ASP B 95 -28.20 11.33 -6.06
N ASP B 96 -29.14 10.53 -6.54
CA ASP B 96 -29.96 9.76 -5.60
C ASP B 96 -29.44 8.36 -5.28
N SER B 97 -30.19 7.62 -4.47
CA SER B 97 -29.82 6.29 -4.05
C SER B 97 -31.03 5.38 -4.01
N LYS B 98 -30.80 4.09 -3.76
CA LYS B 98 -31.86 3.09 -3.72
C LYS B 98 -31.36 1.77 -3.12
N ASN B 99 -31.87 1.41 -1.95
CA ASN B 99 -31.46 0.17 -1.30
C ASN B 99 -32.19 -1.05 -1.84
N PHE B 100 -31.55 -2.20 -1.71
CA PHE B 100 -32.13 -3.48 -2.12
C PHE B 100 -31.45 -4.57 -1.30
N SER B 101 -31.73 -5.84 -1.56
CA SER B 101 -31.13 -6.88 -0.74
C SER B 101 -30.75 -8.13 -1.49
N ILE B 102 -30.08 -9.04 -0.80
CA ILE B 102 -29.63 -10.25 -1.45
C ILE B 102 -29.55 -11.39 -0.46
N GLN B 103 -29.87 -12.59 -0.93
CA GLN B 103 -29.85 -13.76 -0.08
C GLN B 103 -28.90 -14.83 -0.61
N VAL B 104 -28.11 -15.40 0.29
CA VAL B 104 -27.13 -16.42 -0.06
C VAL B 104 -27.29 -17.67 0.78
N ARG B 105 -27.60 -18.79 0.13
CA ARG B 105 -27.78 -20.04 0.86
C ARG B 105 -26.66 -21.02 0.56
N GLN B 106 -26.19 -21.71 1.60
CA GLN B 106 -25.16 -22.73 1.43
C GLN B 106 -25.89 -24.03 1.15
N VAL B 107 -26.38 -24.17 -0.08
CA VAL B 107 -27.15 -25.33 -0.50
C VAL B 107 -26.53 -26.70 -0.32
N GLU B 108 -26.96 -27.40 0.72
CA GLU B 108 -26.43 -28.72 1.01
C GLU B 108 -26.46 -29.64 -0.19
N ASP B 109 -25.71 -30.72 -0.07
CA ASP B 109 -25.61 -31.70 -1.14
C ASP B 109 -25.49 -30.98 -2.49
N TYR B 110 -24.41 -30.21 -2.64
CA TYR B 110 -24.15 -29.47 -3.86
C TYR B 110 -22.95 -30.21 -4.45
N PRO B 111 -22.98 -30.51 -5.76
CA PRO B 111 -21.85 -31.23 -6.34
C PRO B 111 -20.50 -30.56 -6.12
N VAL B 112 -19.49 -31.38 -5.89
CA VAL B 112 -18.15 -30.87 -5.66
C VAL B 112 -17.07 -31.48 -6.55
N ASP B 113 -16.19 -30.61 -7.02
CA ASP B 113 -15.05 -31.03 -7.84
C ASP B 113 -13.76 -30.97 -7.03
N ILE B 114 -12.92 -31.97 -7.22
CA ILE B 114 -11.67 -32.05 -6.50
C ILE B 114 -10.50 -32.45 -7.37
N TYR B 115 -9.68 -31.48 -7.72
CA TYR B 115 -8.50 -31.73 -8.53
C TYR B 115 -7.32 -31.86 -7.57
N TYR B 116 -6.65 -33.00 -7.61
CA TYR B 116 -5.51 -33.25 -6.75
C TYR B 116 -4.29 -32.84 -7.60
N LEU B 117 -3.54 -31.83 -7.16
CA LEU B 117 -2.37 -31.38 -7.90
C LEU B 117 -1.10 -31.50 -7.06
N MET B 118 -0.50 -32.69 -7.08
CA MET B 118 0.69 -32.95 -6.27
C MET B 118 2.06 -32.70 -6.89
N ASP B 119 2.99 -32.40 -6.00
CA ASP B 119 4.37 -32.15 -6.33
C ASP B 119 5.12 -33.50 -6.39
N LEU B 120 5.61 -33.85 -7.58
CA LEU B 120 6.30 -35.11 -7.74
C LEU B 120 7.84 -35.03 -7.71
N SER B 121 8.34 -34.31 -6.74
CA SER B 121 9.75 -34.19 -6.55
C SER B 121 10.11 -35.49 -5.80
N TYR B 122 11.32 -35.99 -6.04
CA TYR B 122 11.78 -37.21 -5.39
C TYR B 122 11.27 -37.32 -3.97
N SER B 123 11.20 -36.22 -3.25
CA SER B 123 10.73 -36.26 -1.86
C SER B 123 9.25 -36.69 -1.73
N MET B 124 8.74 -37.35 -2.76
CA MET B 124 7.34 -37.76 -2.77
C MET B 124 7.11 -39.18 -3.29
N LYS B 125 8.17 -39.87 -3.67
CA LYS B 125 7.98 -41.23 -4.17
C LYS B 125 7.14 -41.94 -3.13
N ASP B 126 7.47 -41.69 -1.86
CA ASP B 126 6.72 -42.30 -0.78
C ASP B 126 5.31 -41.80 -1.00
N ASP B 127 5.11 -40.52 -0.70
CA ASP B 127 3.82 -39.88 -0.84
C ASP B 127 3.00 -40.52 -1.94
N LEU B 128 3.61 -40.68 -3.11
CA LEU B 128 2.92 -41.27 -4.23
C LEU B 128 2.59 -42.74 -3.98
N TRP B 129 2.45 -43.09 -2.71
CA TRP B 129 2.12 -44.47 -2.33
C TRP B 129 0.88 -44.47 -1.44
N SER B 130 1.00 -43.83 -0.29
CA SER B 130 -0.10 -43.74 0.65
C SER B 130 -1.21 -42.86 0.07
N ILE B 131 -1.35 -42.91 -1.25
CA ILE B 131 -2.34 -42.14 -1.98
C ILE B 131 -3.02 -43.09 -2.95
N GLN B 132 -2.33 -44.17 -3.27
CA GLN B 132 -2.86 -45.18 -4.19
C GLN B 132 -4.27 -45.55 -3.76
N ASN B 133 -4.44 -45.80 -2.46
CA ASN B 133 -5.75 -46.16 -1.92
C ASN B 133 -6.66 -44.96 -2.02
N LEU B 134 -6.16 -43.81 -1.56
CA LEU B 134 -6.92 -42.56 -1.63
C LEU B 134 -7.52 -42.41 -3.02
N GLY B 135 -8.74 -41.87 -3.08
CA GLY B 135 -9.39 -41.70 -4.36
C GLY B 135 -10.74 -42.39 -4.30
N THR B 136 -10.76 -43.47 -3.54
CA THR B 136 -11.97 -44.25 -3.32
C THR B 136 -12.18 -43.98 -1.86
N LYS B 137 -11.06 -43.94 -1.13
CA LYS B 137 -11.08 -43.67 0.30
C LYS B 137 -11.71 -42.29 0.42
N LEU B 138 -11.37 -41.44 -0.54
CA LEU B 138 -11.90 -40.07 -0.62
C LEU B 138 -13.39 -40.22 -0.89
N ALA B 139 -13.68 -40.81 -2.05
CA ALA B 139 -15.03 -41.05 -2.53
C ALA B 139 -16.10 -41.31 -1.46
N THR B 140 -15.74 -41.96 -0.36
CA THR B 140 -16.75 -42.22 0.66
C THR B 140 -16.91 -41.07 1.65
N GLN B 141 -15.81 -40.60 2.23
CA GLN B 141 -15.90 -39.49 3.18
C GLN B 141 -16.63 -38.35 2.47
N MET B 142 -16.37 -38.21 1.17
CA MET B 142 -17.02 -37.18 0.40
C MET B 142 -18.49 -37.54 0.21
N ARG B 143 -18.73 -38.74 -0.34
CA ARG B 143 -20.09 -39.25 -0.58
C ARG B 143 -21.03 -38.76 0.51
N LYS B 144 -20.73 -39.12 1.74
CA LYS B 144 -21.55 -38.72 2.88
C LYS B 144 -21.34 -37.24 3.20
N LEU B 145 -21.73 -36.38 2.27
CA LEU B 145 -21.63 -34.92 2.41
C LEU B 145 -21.90 -34.30 1.04
N THR B 146 -22.20 -35.16 0.07
CA THR B 146 -22.50 -34.72 -1.29
C THR B 146 -22.87 -35.89 -2.22
N SER B 147 -24.11 -35.90 -2.67
CA SER B 147 -24.60 -36.94 -3.55
C SER B 147 -23.89 -36.88 -4.89
N ASN B 148 -22.84 -36.06 -4.97
CA ASN B 148 -22.10 -35.94 -6.22
C ASN B 148 -20.65 -35.56 -5.98
N LEU B 149 -19.73 -36.28 -6.64
CA LEU B 149 -18.29 -36.04 -6.47
C LEU B 149 -17.46 -36.43 -7.67
N ARG B 150 -16.68 -35.49 -8.18
CA ARG B 150 -15.81 -35.73 -9.32
C ARG B 150 -14.40 -35.35 -8.91
N ILE B 151 -13.43 -36.18 -9.30
CA ILE B 151 -12.04 -35.89 -8.97
C ILE B 151 -11.10 -36.02 -10.15
N GLY B 152 -9.98 -35.32 -10.06
CA GLY B 152 -8.98 -35.33 -11.11
C GLY B 152 -7.59 -35.38 -10.50
N PHE B 153 -6.56 -35.33 -11.34
CA PHE B 153 -5.19 -35.38 -10.86
C PHE B 153 -4.24 -34.59 -11.74
N GLY B 154 -3.23 -34.00 -11.10
CA GLY B 154 -2.24 -33.22 -11.81
C GLY B 154 -0.88 -33.34 -11.15
N ALA B 155 0.17 -33.18 -11.93
CA ALA B 155 1.51 -33.26 -11.41
C ALA B 155 2.46 -32.20 -11.97
N PHE B 156 3.35 -31.74 -11.11
CA PHE B 156 4.33 -30.74 -11.50
C PHE B 156 5.67 -30.94 -10.81
N VAL B 157 6.69 -30.28 -11.37
CA VAL B 157 8.05 -30.29 -10.83
C VAL B 157 8.59 -28.87 -11.07
N ASP B 158 9.07 -28.62 -12.27
CA ASP B 158 9.53 -27.30 -12.58
C ASP B 158 9.86 -27.14 -14.05
N LYS B 159 10.18 -25.91 -14.42
CA LYS B 159 10.50 -25.64 -15.80
C LYS B 159 11.69 -26.51 -16.21
N PRO B 160 11.51 -27.32 -17.27
CA PRO B 160 12.62 -28.17 -17.69
C PRO B 160 13.73 -27.37 -18.38
N VAL B 161 14.34 -26.44 -17.65
CA VAL B 161 15.40 -25.64 -18.21
C VAL B 161 16.67 -25.58 -17.36
N SER B 162 17.78 -25.31 -18.07
CA SER B 162 19.13 -25.26 -17.52
C SER B 162 19.38 -25.07 -16.03
N PRO B 163 18.86 -23.97 -15.45
CA PRO B 163 19.06 -23.73 -14.03
C PRO B 163 18.35 -24.77 -13.21
N TYR B 164 17.05 -24.87 -13.41
CA TYR B 164 16.23 -25.80 -12.65
C TYR B 164 16.49 -27.25 -12.97
N MET B 165 16.64 -27.53 -14.26
CA MET B 165 16.83 -28.89 -14.72
C MET B 165 18.29 -29.25 -14.86
N TYR B 166 18.54 -30.54 -15.02
CA TYR B 166 19.89 -31.06 -15.19
C TYR B 166 20.31 -30.80 -16.62
N ILE B 167 20.59 -29.52 -16.87
CA ILE B 167 21.02 -28.97 -18.15
C ILE B 167 21.07 -30.02 -19.21
N SER B 168 22.02 -30.93 -19.02
CA SER B 168 22.26 -32.03 -19.93
C SER B 168 23.69 -32.50 -19.77
N PRO B 169 24.18 -32.57 -18.51
CA PRO B 169 25.55 -33.01 -18.26
C PRO B 169 25.73 -34.37 -18.92
N PRO B 170 25.64 -35.47 -18.17
CA PRO B 170 25.84 -36.58 -19.08
C PRO B 170 24.69 -36.58 -20.07
N GLU B 171 24.99 -36.90 -21.33
CA GLU B 171 23.94 -36.98 -22.34
C GLU B 171 22.91 -37.91 -21.69
N ALA B 172 23.43 -38.78 -20.82
CA ALA B 172 22.64 -39.80 -20.10
C ALA B 172 22.08 -39.34 -18.76
N LEU B 173 21.74 -38.06 -18.66
CA LEU B 173 21.17 -37.53 -17.43
C LEU B 173 19.91 -36.75 -17.79
N GLU B 174 19.64 -36.66 -19.09
CA GLU B 174 18.46 -36.00 -19.59
C GLU B 174 17.34 -36.97 -19.34
N ASN B 175 17.69 -38.16 -18.86
CA ASN B 175 16.70 -39.19 -18.62
C ASN B 175 16.48 -39.62 -17.18
N PRO B 176 17.49 -39.46 -16.30
CA PRO B 176 17.17 -39.90 -14.93
C PRO B 176 17.84 -39.19 -13.74
N CYS B 177 17.90 -39.96 -12.65
CA CYS B 177 18.50 -39.57 -11.37
C CYS B 177 19.82 -40.35 -11.41
N TYR B 178 20.49 -40.24 -12.56
CA TYR B 178 21.75 -40.92 -12.88
C TYR B 178 22.75 -41.26 -11.76
N ASP B 179 23.05 -40.32 -10.87
CA ASP B 179 23.99 -40.62 -9.80
C ASP B 179 23.36 -41.25 -8.55
N MET B 180 22.06 -41.02 -8.35
CA MET B 180 21.38 -41.58 -7.18
C MET B 180 21.07 -43.07 -7.38
N LYS B 181 21.23 -43.52 -8.63
CA LYS B 181 20.96 -44.91 -9.03
C LYS B 181 19.48 -45.19 -9.18
N THR B 182 18.70 -44.86 -8.14
CA THR B 182 17.25 -45.06 -8.12
C THR B 182 16.57 -45.15 -9.49
N THR B 183 17.00 -44.29 -10.41
CA THR B 183 16.44 -44.25 -11.76
C THR B 183 15.03 -43.67 -11.70
N CYS B 184 14.94 -42.36 -11.83
CA CYS B 184 13.66 -41.66 -11.79
C CYS B 184 13.29 -41.10 -13.15
N LEU B 185 12.01 -40.79 -13.28
CA LEU B 185 11.43 -40.25 -14.50
C LEU B 185 11.94 -38.83 -14.72
N PRO B 186 12.20 -38.45 -15.98
CA PRO B 186 12.68 -37.11 -16.30
C PRO B 186 11.78 -35.96 -15.90
N MET B 187 12.35 -34.76 -15.86
CA MET B 187 11.67 -33.52 -15.49
C MET B 187 10.48 -33.16 -16.43
N PHE B 188 9.41 -32.57 -15.88
CA PHE B 188 8.27 -32.23 -16.72
C PHE B 188 7.54 -30.87 -16.55
N GLY B 189 7.65 -30.23 -15.40
CA GLY B 189 6.97 -28.96 -15.24
C GLY B 189 5.56 -29.17 -14.76
N TYR B 190 4.63 -29.31 -15.70
CA TYR B 190 3.23 -29.57 -15.37
C TYR B 190 2.53 -30.51 -16.34
N LYS B 191 2.19 -31.70 -15.84
CA LYS B 191 1.48 -32.69 -16.65
C LYS B 191 0.08 -32.86 -16.09
N HIS B 192 -0.90 -32.98 -17.00
CA HIS B 192 -2.25 -33.22 -16.57
C HIS B 192 -2.52 -34.69 -16.75
N VAL B 193 -2.80 -35.39 -15.65
CA VAL B 193 -3.04 -36.82 -15.71
C VAL B 193 -4.51 -37.18 -15.94
N LEU B 194 -5.25 -37.27 -14.84
CA LEU B 194 -6.64 -37.66 -14.86
C LEU B 194 -7.66 -36.53 -14.81
N THR B 195 -8.35 -36.31 -15.91
CA THR B 195 -9.38 -35.27 -15.95
C THR B 195 -10.55 -35.67 -15.04
N LEU B 196 -11.21 -34.66 -14.48
CA LEU B 196 -12.35 -34.82 -13.56
C LEU B 196 -13.42 -35.79 -14.02
N THR B 197 -13.56 -36.90 -13.28
CA THR B 197 -14.56 -37.90 -13.62
C THR B 197 -15.23 -38.39 -12.37
N ASP B 198 -16.31 -39.13 -12.54
CA ASP B 198 -17.04 -39.69 -11.42
C ASP B 198 -16.50 -41.08 -11.09
N GLN B 199 -15.92 -41.74 -12.10
CA GLN B 199 -15.35 -43.07 -11.89
C GLN B 199 -14.14 -42.94 -10.96
N VAL B 200 -14.42 -42.62 -9.71
CA VAL B 200 -13.40 -42.42 -8.69
C VAL B 200 -12.43 -43.57 -8.48
N THR B 201 -12.24 -44.40 -9.50
CA THR B 201 -11.33 -45.51 -9.39
C THR B 201 -10.21 -45.19 -10.36
N ARG B 202 -10.56 -44.55 -11.48
CA ARG B 202 -9.58 -44.15 -12.47
C ARG B 202 -8.44 -43.44 -11.72
N PHE B 203 -8.80 -42.75 -10.65
CA PHE B 203 -7.85 -42.03 -9.84
C PHE B 203 -6.80 -42.96 -9.25
N ASN B 204 -7.25 -44.06 -8.66
CA ASN B 204 -6.33 -45.03 -8.08
C ASN B 204 -5.55 -45.74 -9.18
N GLU B 205 -6.24 -46.09 -10.27
CA GLU B 205 -5.59 -46.78 -11.39
C GLU B 205 -4.63 -45.84 -12.10
N GLU B 206 -4.50 -44.61 -11.59
CA GLU B 206 -3.62 -43.61 -12.20
C GLU B 206 -2.38 -43.34 -11.36
N VAL B 207 -2.60 -42.85 -10.15
CA VAL B 207 -1.47 -42.56 -9.28
C VAL B 207 -0.54 -43.77 -9.25
N LYS B 208 -1.12 -44.94 -9.42
CA LYS B 208 -0.37 -46.20 -9.44
C LYS B 208 0.73 -46.16 -10.50
N LYS B 209 0.42 -45.64 -11.68
CA LYS B 209 1.40 -45.56 -12.75
C LYS B 209 2.38 -44.40 -12.54
N GLN B 210 1.93 -43.36 -11.84
CA GLN B 210 2.74 -42.19 -11.60
C GLN B 210 4.06 -42.48 -10.88
N SER B 211 5.10 -41.77 -11.30
CA SER B 211 6.43 -41.90 -10.70
C SER B 211 7.01 -40.50 -10.50
N VAL B 212 7.97 -40.37 -9.59
CA VAL B 212 8.58 -39.08 -9.31
C VAL B 212 9.64 -38.72 -10.34
N SER B 213 10.18 -37.52 -10.21
CA SER B 213 11.24 -37.02 -11.07
C SER B 213 12.28 -36.39 -10.13
N ARG B 214 13.13 -35.51 -10.65
CA ARG B 214 14.13 -34.89 -9.78
C ARG B 214 14.49 -33.49 -10.24
N ASN B 215 14.86 -32.63 -9.30
CA ASN B 215 15.21 -31.25 -9.63
C ASN B 215 16.39 -30.76 -8.81
N ARG B 216 17.35 -30.15 -9.49
CA ARG B 216 18.54 -29.60 -8.86
C ARG B 216 18.15 -28.56 -7.82
N ASP B 217 17.41 -27.56 -8.24
CA ASP B 217 17.00 -26.46 -7.36
C ASP B 217 15.96 -26.82 -6.33
N ALA B 218 16.07 -26.24 -5.15
CA ALA B 218 15.12 -26.51 -4.08
C ALA B 218 13.69 -26.16 -4.48
N PRO B 219 13.40 -24.88 -4.78
CA PRO B 219 12.06 -24.40 -5.18
C PRO B 219 11.49 -25.07 -6.41
N GLU B 220 10.22 -25.48 -6.33
CA GLU B 220 9.54 -26.16 -7.43
C GLU B 220 8.81 -25.19 -8.35
N GLY B 221 8.05 -25.72 -9.30
CA GLY B 221 7.30 -24.87 -10.21
C GLY B 221 5.79 -24.99 -10.02
N GLY B 222 5.39 -25.20 -8.75
CA GLY B 222 3.99 -25.36 -8.42
C GLY B 222 3.04 -24.34 -8.98
N PHE B 223 3.32 -23.06 -8.76
CA PHE B 223 2.45 -22.00 -9.25
C PHE B 223 2.18 -22.08 -10.72
N ASP B 224 3.14 -22.57 -11.48
CA ASP B 224 2.97 -22.72 -12.92
C ASP B 224 1.74 -23.58 -13.10
N ALA B 225 1.74 -24.70 -12.39
CA ALA B 225 0.66 -25.68 -12.41
C ALA B 225 -0.65 -25.08 -11.92
N ILE B 226 -0.63 -24.52 -10.72
CA ILE B 226 -1.82 -23.93 -10.16
C ILE B 226 -2.54 -23.02 -11.16
N MET B 227 -1.78 -22.23 -11.89
CA MET B 227 -2.40 -21.36 -12.87
C MET B 227 -3.05 -22.17 -13.98
N GLN B 228 -2.39 -23.24 -14.43
CA GLN B 228 -2.88 -24.07 -15.54
C GLN B 228 -4.09 -24.94 -15.22
N ALA B 229 -4.14 -25.48 -14.01
CA ALA B 229 -5.27 -26.31 -13.61
C ALA B 229 -6.26 -25.32 -13.01
N THR B 230 -6.60 -24.29 -13.77
CA THR B 230 -7.49 -23.27 -13.25
C THR B 230 -8.03 -22.45 -14.39
N VAL B 231 -7.30 -22.34 -15.47
CA VAL B 231 -7.79 -21.54 -16.56
C VAL B 231 -7.89 -22.38 -17.83
N CYS B 232 -7.65 -23.67 -17.69
CA CYS B 232 -7.73 -24.59 -18.83
C CYS B 232 -9.04 -25.35 -18.89
N ASP B 233 -9.78 -25.30 -17.77
CA ASP B 233 -11.09 -25.93 -17.59
C ASP B 233 -11.55 -27.02 -18.55
N GLU B 234 -11.73 -26.71 -19.82
CA GLU B 234 -12.15 -27.77 -20.72
C GLU B 234 -11.27 -29.00 -20.48
N LYS B 235 -10.04 -28.78 -20.04
CA LYS B 235 -9.14 -29.89 -19.73
C LYS B 235 -9.48 -30.48 -18.38
N ILE B 236 -9.07 -29.84 -17.28
CA ILE B 236 -9.35 -30.34 -15.94
C ILE B 236 -10.80 -30.82 -15.82
N GLY B 237 -11.67 -30.15 -16.57
CA GLY B 237 -13.09 -30.52 -16.57
C GLY B 237 -13.87 -30.11 -15.32
N TRP B 238 -13.72 -28.87 -14.88
CA TRP B 238 -14.45 -28.45 -13.70
C TRP B 238 -15.92 -28.35 -14.11
N ARG B 239 -16.82 -28.60 -13.14
CA ARG B 239 -18.24 -28.53 -13.41
C ARG B 239 -18.78 -27.14 -13.20
N ASN B 240 -19.44 -26.61 -14.23
CA ASN B 240 -20.02 -25.28 -14.17
C ASN B 240 -20.74 -25.03 -12.85
N ASP B 241 -21.73 -25.86 -12.54
CA ASP B 241 -22.48 -25.70 -11.30
C ASP B 241 -22.04 -26.63 -10.16
N ALA B 242 -20.85 -26.40 -9.61
CA ALA B 242 -20.34 -27.21 -8.52
C ALA B 242 -19.33 -26.44 -7.69
N SER B 243 -19.01 -26.96 -6.51
CA SER B 243 -18.02 -26.32 -5.64
C SER B 243 -16.68 -26.87 -6.08
N HIS B 244 -15.69 -26.00 -6.21
CA HIS B 244 -14.36 -26.43 -6.69
C HIS B 244 -13.23 -26.49 -5.69
N LEU B 245 -12.33 -27.45 -5.89
CA LEU B 245 -11.17 -27.61 -5.05
C LEU B 245 -9.91 -27.99 -5.84
N LEU B 246 -8.84 -27.22 -5.63
CA LEU B 246 -7.54 -27.48 -6.23
C LEU B 246 -6.70 -27.86 -5.01
N VAL B 247 -6.39 -29.13 -4.84
CA VAL B 247 -5.58 -29.50 -3.69
C VAL B 247 -4.13 -29.43 -4.15
N PHE B 248 -3.45 -28.38 -3.71
CA PHE B 248 -2.05 -28.15 -4.05
C PHE B 248 -1.22 -28.69 -2.93
N THR B 249 -0.50 -29.77 -3.16
CA THR B 249 0.29 -30.36 -2.10
C THR B 249 1.79 -30.47 -2.41
N THR B 250 2.62 -29.85 -1.56
CA THR B 250 4.07 -29.89 -1.76
C THR B 250 4.81 -29.83 -0.44
N ASP B 251 6.04 -30.31 -0.46
CA ASP B 251 6.87 -30.31 0.73
C ASP B 251 8.05 -29.39 0.53
N ALA B 252 7.98 -28.56 -0.49
CA ALA B 252 9.05 -27.63 -0.84
C ALA B 252 8.69 -26.16 -0.94
N LYS B 253 9.71 -25.32 -1.15
CA LYS B 253 9.53 -23.89 -1.33
C LYS B 253 8.94 -23.73 -2.73
N THR B 254 8.95 -22.53 -3.28
CA THR B 254 8.39 -22.34 -4.62
C THR B 254 8.89 -21.12 -5.40
N HIS B 255 9.10 -21.28 -6.70
CA HIS B 255 9.54 -20.15 -7.51
C HIS B 255 8.36 -19.20 -7.65
N ILE B 256 8.67 -17.92 -7.78
CA ILE B 256 7.68 -16.89 -7.95
C ILE B 256 7.95 -16.17 -9.25
N ALA B 257 7.14 -15.20 -9.61
CA ALA B 257 7.38 -14.50 -10.85
C ALA B 257 8.66 -13.73 -10.72
N LEU B 258 9.32 -13.55 -11.86
CA LEU B 258 10.58 -12.84 -11.97
C LEU B 258 11.79 -13.75 -11.74
N ASP B 259 11.59 -14.87 -11.07
CA ASP B 259 12.67 -15.80 -10.88
C ASP B 259 13.09 -16.27 -12.26
N GLY B 260 12.12 -16.71 -13.06
CA GLY B 260 12.42 -17.19 -14.40
C GLY B 260 13.48 -16.44 -15.18
N ARG B 261 13.82 -15.24 -14.71
CA ARG B 261 14.84 -14.40 -15.37
C ARG B 261 16.14 -15.18 -15.57
N LEU B 262 16.57 -15.87 -14.52
CA LEU B 262 17.77 -16.67 -14.57
C LEU B 262 17.70 -17.61 -15.77
N ALA B 263 16.74 -18.51 -15.78
CA ALA B 263 16.60 -19.43 -16.89
C ALA B 263 16.56 -18.68 -18.20
N GLY B 264 16.49 -17.36 -18.12
CA GLY B 264 16.43 -16.59 -19.34
C GLY B 264 15.02 -16.54 -19.92
N ILE B 265 14.02 -16.44 -19.03
CA ILE B 265 12.62 -16.36 -19.43
C ILE B 265 12.07 -15.02 -18.95
N VAL B 266 11.76 -14.14 -19.89
CA VAL B 266 11.30 -12.82 -19.51
C VAL B 266 9.91 -12.41 -19.98
N GLN B 267 9.26 -13.31 -20.72
CA GLN B 267 7.92 -13.04 -21.18
C GLN B 267 7.05 -13.37 -19.99
N PRO B 268 6.20 -12.42 -19.57
CA PRO B 268 5.35 -12.68 -18.43
C PRO B 268 4.19 -13.59 -18.72
N ASN B 269 3.70 -14.21 -17.65
CA ASN B 269 2.57 -15.12 -17.68
C ASN B 269 1.34 -14.33 -18.14
N ASP B 270 0.66 -14.86 -19.16
CA ASP B 270 -0.54 -14.21 -19.67
C ASP B 270 -1.80 -14.77 -19.01
N GLY B 271 -1.64 -15.77 -18.14
CA GLY B 271 -2.79 -16.32 -17.47
C GLY B 271 -3.70 -17.10 -18.40
N GLN B 272 -3.24 -17.34 -19.61
CA GLN B 272 -4.06 -18.11 -20.53
C GLN B 272 -3.72 -19.59 -20.47
N CYS B 273 -4.69 -20.43 -20.81
CA CYS B 273 -4.48 -21.87 -20.81
C CYS B 273 -3.47 -22.20 -21.87
N HIS B 274 -2.46 -22.98 -21.50
CA HIS B 274 -1.43 -23.36 -22.44
C HIS B 274 -1.12 -24.84 -22.54
N VAL B 275 -2.00 -25.68 -22.00
CA VAL B 275 -1.83 -27.12 -22.08
C VAL B 275 -2.20 -27.55 -23.50
N GLY B 276 -1.90 -28.80 -23.85
CA GLY B 276 -2.22 -29.32 -25.17
C GLY B 276 -2.40 -30.84 -25.23
N SER B 277 -2.52 -31.36 -26.45
CA SER B 277 -2.72 -32.79 -26.69
C SER B 277 -1.98 -33.74 -25.76
N ASP B 278 -0.70 -33.47 -25.53
CA ASP B 278 0.09 -34.33 -24.66
C ASP B 278 -0.18 -34.03 -23.19
N ASN B 279 -0.97 -32.99 -22.93
CA ASN B 279 -1.31 -32.64 -21.56
C ASN B 279 -0.12 -32.15 -20.74
N HIS B 280 0.85 -31.56 -21.43
CA HIS B 280 2.03 -31.03 -20.80
C HIS B 280 2.03 -29.52 -20.97
N TYR B 281 2.05 -28.77 -19.87
CA TYR B 281 2.06 -27.30 -19.99
C TYR B 281 3.15 -26.95 -20.99
N SER B 282 2.75 -26.66 -22.21
CA SER B 282 3.67 -26.34 -23.30
C SER B 282 4.10 -24.90 -23.37
N ALA B 283 4.52 -24.33 -22.26
CA ALA B 283 4.96 -22.94 -22.25
C ALA B 283 5.86 -22.74 -21.05
N SER B 284 5.92 -23.78 -20.23
CA SER B 284 6.75 -23.77 -19.05
C SER B 284 8.12 -23.14 -19.33
N THR B 285 8.70 -23.51 -20.47
CA THR B 285 10.02 -23.01 -20.87
C THR B 285 10.05 -21.60 -21.47
N THR B 286 8.95 -21.17 -22.06
CA THR B 286 8.92 -19.85 -22.67
C THR B 286 8.22 -18.79 -21.82
N MET B 287 7.48 -19.21 -20.81
CA MET B 287 6.74 -18.27 -19.98
C MET B 287 7.08 -18.29 -18.48
N ASP B 288 7.37 -17.11 -17.91
CA ASP B 288 7.72 -16.98 -16.49
C ASP B 288 6.56 -17.34 -15.54
N TYR B 289 6.88 -17.81 -14.35
CA TYR B 289 5.87 -18.16 -13.36
C TYR B 289 4.93 -16.99 -13.12
N PRO B 290 3.66 -17.26 -12.82
CA PRO B 290 2.65 -16.22 -12.59
C PRO B 290 2.75 -15.54 -11.25
N SER B 291 2.30 -14.31 -11.15
CA SER B 291 2.39 -13.62 -9.88
C SER B 291 1.12 -13.83 -9.07
N LEU B 292 1.21 -13.59 -7.76
CA LEU B 292 0.07 -13.74 -6.88
C LEU B 292 -1.13 -12.92 -7.39
N GLY B 293 -0.88 -11.76 -7.96
CA GLY B 293 -1.98 -10.98 -8.47
C GLY B 293 -2.70 -11.72 -9.59
N LEU B 294 -1.94 -12.26 -10.55
CA LEU B 294 -2.60 -12.96 -11.63
C LEU B 294 -3.26 -14.17 -11.07
N MET B 295 -2.54 -14.87 -10.20
CA MET B 295 -3.07 -16.07 -9.59
C MET B 295 -4.45 -15.83 -8.98
N THR B 296 -4.61 -14.72 -8.28
CA THR B 296 -5.90 -14.41 -7.71
C THR B 296 -6.89 -14.12 -8.83
N GLU B 297 -6.71 -13.01 -9.52
CA GLU B 297 -7.59 -12.65 -10.62
C GLU B 297 -8.17 -13.89 -11.31
N LYS B 298 -7.34 -14.91 -11.55
CA LYS B 298 -7.83 -16.09 -12.22
C LYS B 298 -8.47 -17.07 -11.27
N LEU B 299 -7.84 -17.32 -10.15
CA LEU B 299 -8.44 -18.24 -9.20
C LEU B 299 -9.89 -17.78 -8.98
N SER B 300 -10.05 -16.48 -8.77
CA SER B 300 -11.35 -15.88 -8.56
C SER B 300 -12.31 -16.06 -9.74
N GLN B 301 -11.97 -15.48 -10.88
CA GLN B 301 -12.83 -15.60 -12.06
C GLN B 301 -13.41 -16.98 -12.32
N LYS B 302 -12.55 -18.00 -12.30
CA LYS B 302 -12.94 -19.38 -12.56
C LYS B 302 -13.60 -20.07 -11.37
N ASN B 303 -13.70 -19.35 -10.26
CA ASN B 303 -14.34 -19.90 -9.07
C ASN B 303 -13.68 -21.17 -8.54
N ILE B 304 -12.36 -21.15 -8.45
CA ILE B 304 -11.63 -22.30 -7.95
C ILE B 304 -11.12 -22.00 -6.56
N ASN B 305 -11.17 -23.00 -5.68
CA ASN B 305 -10.72 -22.86 -4.31
C ASN B 305 -9.42 -23.59 -4.11
N LEU B 306 -8.34 -22.82 -4.10
CA LEU B 306 -7.00 -23.34 -3.92
C LEU B 306 -6.78 -23.76 -2.48
N ILE B 307 -6.28 -24.97 -2.28
CA ILE B 307 -5.97 -25.44 -0.95
C ILE B 307 -4.49 -25.79 -0.91
N PHE B 308 -3.75 -25.15 0.00
CA PHE B 308 -2.33 -25.41 0.12
C PHE B 308 -2.02 -26.53 1.12
N ALA B 309 -1.97 -27.77 0.63
CA ALA B 309 -1.64 -28.91 1.48
C ALA B 309 -0.11 -28.95 1.51
N VAL B 310 0.49 -28.59 2.64
CA VAL B 310 1.94 -28.58 2.66
C VAL B 310 2.55 -29.17 3.93
N THR B 311 3.85 -29.40 3.89
CA THR B 311 4.54 -29.97 5.03
C THR B 311 4.97 -28.91 6.04
N GLU B 312 4.97 -29.27 7.31
CA GLU B 312 5.32 -28.33 8.38
C GLU B 312 6.61 -27.54 8.18
N ASN B 313 7.59 -28.16 7.53
CA ASN B 313 8.88 -27.52 7.32
C ASN B 313 8.73 -26.29 6.46
N VAL B 314 7.63 -26.21 5.75
CA VAL B 314 7.39 -25.09 4.87
C VAL B 314 5.96 -24.54 4.97
N VAL B 315 5.23 -24.94 6.02
CA VAL B 315 3.86 -24.49 6.22
C VAL B 315 3.79 -22.99 6.46
N ASN B 316 4.50 -22.51 7.47
CA ASN B 316 4.50 -21.10 7.75
C ASN B 316 4.63 -20.29 6.47
N LEU B 317 5.44 -20.78 5.54
CA LEU B 317 5.64 -20.09 4.28
C LEU B 317 4.34 -19.89 3.54
N TYR B 318 3.56 -20.96 3.38
CA TYR B 318 2.32 -20.82 2.62
C TYR B 318 1.15 -20.10 3.30
N GLN B 319 1.16 -20.03 4.63
CA GLN B 319 0.11 -19.31 5.32
C GLN B 319 0.29 -17.88 4.87
N ASN B 320 1.53 -17.41 5.04
CA ASN B 320 1.94 -16.07 4.68
C ASN B 320 1.55 -15.80 3.24
N TYR B 321 1.74 -16.80 2.38
CA TYR B 321 1.40 -16.61 0.97
C TYR B 321 -0.09 -16.48 0.75
N SER B 322 -0.90 -17.28 1.45
CA SER B 322 -2.34 -17.19 1.25
C SER B 322 -2.87 -15.86 1.76
N GLU B 323 -2.25 -15.34 2.83
CA GLU B 323 -2.67 -14.06 3.38
C GLU B 323 -2.73 -13.05 2.23
N LEU B 324 -1.99 -13.34 1.17
CA LEU B 324 -1.92 -12.49 -0.01
C LEU B 324 -2.91 -12.93 -1.07
N ILE B 325 -3.37 -14.16 -0.98
CA ILE B 325 -4.34 -14.66 -1.93
C ILE B 325 -5.49 -15.02 -1.05
N PRO B 326 -6.28 -14.01 -0.64
CA PRO B 326 -7.43 -14.24 0.25
C PRO B 326 -8.45 -15.24 -0.28
N GLY B 327 -9.07 -15.94 0.66
CA GLY B 327 -10.07 -16.94 0.31
C GLY B 327 -9.42 -18.29 0.20
N THR B 328 -8.09 -18.31 0.36
CA THR B 328 -7.33 -19.55 0.26
C THR B 328 -6.99 -20.12 1.63
N THR B 329 -7.28 -21.40 1.82
CA THR B 329 -7.01 -22.07 3.09
C THR B 329 -5.74 -22.90 3.03
N VAL B 330 -5.14 -23.15 4.17
CA VAL B 330 -3.91 -23.92 4.18
C VAL B 330 -3.88 -25.00 5.27
N GLY B 331 -3.74 -26.25 4.84
CA GLY B 331 -3.67 -27.35 5.76
C GLY B 331 -2.22 -27.82 5.88
N VAL B 332 -1.96 -28.71 6.83
CA VAL B 332 -0.60 -29.21 7.04
C VAL B 332 -0.47 -30.69 6.71
N LEU B 333 -0.06 -30.99 5.48
CA LEU B 333 0.12 -32.36 5.00
C LEU B 333 1.24 -33.09 5.76
N SER B 334 1.64 -34.25 5.26
CA SER B 334 2.69 -35.02 5.90
C SER B 334 3.69 -35.58 4.89
N MET B 335 4.79 -36.15 5.37
CA MET B 335 5.82 -36.72 4.50
C MET B 335 5.33 -37.83 3.60
N ASP B 336 4.23 -38.48 4.01
CA ASP B 336 3.65 -39.58 3.24
C ASP B 336 2.28 -39.18 2.72
N SER B 337 1.85 -37.96 3.04
CA SER B 337 0.56 -37.45 2.61
C SER B 337 -0.54 -38.33 3.18
N SER B 338 -0.12 -39.32 3.98
CA SER B 338 -1.05 -40.25 4.59
C SER B 338 -2.32 -39.57 5.06
N ASN B 339 -2.18 -38.38 5.64
CA ASN B 339 -3.32 -37.65 6.14
C ASN B 339 -3.93 -36.67 5.15
N VAL B 340 -3.69 -36.88 3.86
CA VAL B 340 -4.23 -35.96 2.86
C VAL B 340 -5.75 -36.02 2.87
N LEU B 341 -6.26 -37.19 3.22
CA LEU B 341 -7.70 -37.45 3.30
C LEU B 341 -8.45 -36.48 4.19
N GLN B 342 -8.35 -36.66 5.50
CA GLN B 342 -9.03 -35.80 6.45
C GLN B 342 -8.52 -34.36 6.37
N LEU B 343 -7.89 -34.00 5.25
CA LEU B 343 -7.38 -32.64 5.08
C LEU B 343 -8.23 -31.94 4.06
N ILE B 344 -8.59 -32.67 3.02
CA ILE B 344 -9.43 -32.14 1.98
C ILE B 344 -10.75 -31.80 2.65
N VAL B 345 -11.27 -32.73 3.46
CA VAL B 345 -12.52 -32.48 4.15
C VAL B 345 -12.47 -31.18 4.96
N ASP B 346 -11.75 -31.18 6.07
CA ASP B 346 -11.66 -29.98 6.89
C ASP B 346 -11.48 -28.71 6.08
N ALA B 347 -10.94 -28.85 4.87
CA ALA B 347 -10.73 -27.70 4.01
C ALA B 347 -12.09 -27.33 3.46
N TYR B 348 -12.70 -28.30 2.76
CA TYR B 348 -14.02 -28.15 2.16
C TYR B 348 -14.92 -27.41 3.12
N GLY B 349 -15.21 -28.05 4.25
CA GLY B 349 -16.05 -27.43 5.25
C GLY B 349 -15.62 -26.01 5.56
N LYS B 350 -14.35 -25.85 5.95
CA LYS B 350 -13.80 -24.53 6.29
C LYS B 350 -14.12 -23.48 5.24
N ILE B 351 -14.16 -23.88 3.97
CA ILE B 351 -14.46 -22.92 2.94
C ILE B 351 -15.96 -22.66 2.92
N ARG B 352 -16.74 -23.73 2.98
CA ARG B 352 -18.20 -23.62 2.97
C ARG B 352 -18.70 -22.94 4.22
N SER B 353 -17.80 -22.52 5.08
CA SER B 353 -18.21 -21.88 6.32
C SER B 353 -18.38 -20.38 6.22
N LYS B 354 -18.22 -19.81 5.04
CA LYS B 354 -18.39 -18.37 4.93
C LYS B 354 -18.94 -17.88 3.60
N VAL B 355 -19.41 -16.64 3.60
CA VAL B 355 -19.97 -16.03 2.42
C VAL B 355 -19.55 -14.57 2.33
N GLU B 356 -18.68 -14.27 1.37
CA GLU B 356 -18.25 -12.89 1.16
C GLU B 356 -18.78 -12.43 -0.17
N LEU B 357 -19.36 -11.23 -0.17
CA LEU B 357 -19.91 -10.66 -1.38
C LEU B 357 -18.87 -9.84 -2.14
N GLU B 358 -18.72 -10.12 -3.43
CA GLU B 358 -17.76 -9.40 -4.26
C GLU B 358 -18.47 -8.67 -5.39
N VAL B 359 -17.84 -7.61 -5.89
CA VAL B 359 -18.41 -6.78 -6.94
C VAL B 359 -17.63 -6.73 -8.26
N ARG B 360 -18.11 -7.41 -9.30
CA ARG B 360 -17.43 -7.37 -10.59
C ARG B 360 -18.05 -6.31 -11.50
N ASP B 361 -17.19 -5.55 -12.19
CA ASP B 361 -17.58 -4.51 -13.16
C ASP B 361 -18.48 -3.36 -12.72
N LEU B 362 -18.37 -2.93 -11.47
CA LEU B 362 -19.20 -1.82 -10.99
C LEU B 362 -18.82 -0.54 -11.70
N PRO B 363 -19.81 0.30 -12.03
CA PRO B 363 -19.52 1.57 -12.71
C PRO B 363 -18.71 2.58 -11.90
N GLU B 364 -18.13 3.54 -12.60
CA GLU B 364 -17.30 4.57 -11.97
C GLU B 364 -18.00 5.46 -10.92
N GLU B 365 -18.88 6.35 -11.37
CA GLU B 365 -19.57 7.25 -10.44
C GLU B 365 -20.61 6.58 -9.56
N LEU B 366 -20.61 5.25 -9.52
CA LEU B 366 -21.59 4.52 -8.71
C LEU B 366 -20.98 4.13 -7.37
N SER B 367 -21.73 4.37 -6.29
CA SER B 367 -21.28 4.02 -4.95
C SER B 367 -22.11 2.85 -4.42
N LEU B 368 -21.48 1.96 -3.67
CA LEU B 368 -22.18 0.78 -3.17
C LEU B 368 -21.89 0.50 -1.70
N SER B 369 -22.78 0.93 -0.82
CA SER B 369 -22.60 0.67 0.60
C SER B 369 -23.37 -0.59 0.99
N PHE B 370 -22.79 -1.40 1.89
CA PHE B 370 -23.41 -2.64 2.33
C PHE B 370 -23.68 -2.67 3.83
N ASN B 371 -24.52 -3.62 4.22
CA ASN B 371 -24.94 -3.87 5.60
C ASN B 371 -25.16 -5.38 5.60
N ALA B 372 -24.65 -6.08 6.60
CA ALA B 372 -24.83 -7.52 6.59
C ALA B 372 -25.67 -8.06 7.75
N THR B 373 -26.43 -9.11 7.45
CA THR B 373 -27.27 -9.76 8.45
C THR B 373 -26.95 -11.24 8.35
N CYS B 374 -26.26 -11.77 9.35
CA CYS B 374 -25.92 -13.18 9.32
C CYS B 374 -26.31 -13.95 10.55
N LEU B 375 -26.62 -13.22 11.62
CA LEU B 375 -27.04 -13.88 12.85
C LEU B 375 -28.42 -13.36 13.28
N ASN B 376 -29.44 -13.99 12.71
CA ASN B 376 -30.85 -13.68 12.95
C ASN B 376 -31.16 -12.32 13.56
N ASN B 377 -31.74 -11.44 12.76
CA ASN B 377 -32.15 -10.10 13.18
C ASN B 377 -30.99 -9.16 13.44
N GLU B 378 -29.97 -9.65 14.14
CA GLU B 378 -28.80 -8.86 14.46
C GLU B 378 -28.07 -8.46 13.18
N VAL B 379 -28.09 -7.17 12.89
CA VAL B 379 -27.44 -6.64 11.71
C VAL B 379 -26.18 -5.88 12.07
N ILE B 380 -25.07 -6.21 11.42
CA ILE B 380 -23.79 -5.56 11.67
C ILE B 380 -23.42 -4.61 10.53
N PRO B 381 -23.92 -3.38 10.60
CA PRO B 381 -23.70 -2.31 9.63
C PRO B 381 -22.27 -2.13 9.19
N GLY B 382 -22.01 -2.31 7.91
CA GLY B 382 -20.67 -2.14 7.40
C GLY B 382 -20.07 -3.32 6.66
N LEU B 383 -20.03 -4.48 7.30
CA LEU B 383 -19.45 -5.65 6.66
C LEU B 383 -20.26 -6.14 5.49
N LYS B 384 -19.79 -7.22 4.87
CA LYS B 384 -20.48 -7.82 3.74
C LYS B 384 -19.84 -9.15 3.48
N SER B 385 -19.64 -9.89 4.56
CA SER B 385 -19.04 -11.21 4.52
C SER B 385 -19.37 -11.86 5.85
N CYS B 386 -19.38 -13.18 5.89
CA CYS B 386 -19.71 -13.88 7.12
C CYS B 386 -19.06 -15.24 7.25
N MET B 387 -18.76 -15.65 8.47
CA MET B 387 -18.11 -16.92 8.68
C MET B 387 -18.76 -17.73 9.78
N GLY B 388 -18.21 -18.92 10.02
CA GLY B 388 -18.73 -19.80 11.07
C GLY B 388 -20.14 -20.24 10.76
N LEU B 389 -20.45 -20.35 9.48
CA LEU B 389 -21.78 -20.76 9.07
C LEU B 389 -21.85 -22.26 8.85
N LYS B 390 -23.06 -22.81 8.97
CA LYS B 390 -23.29 -24.25 8.78
C LYS B 390 -23.89 -24.54 7.40
N ILE B 391 -23.29 -25.49 6.67
CA ILE B 391 -23.78 -25.86 5.35
C ILE B 391 -25.30 -26.01 5.40
N GLY B 392 -25.99 -25.25 4.56
CA GLY B 392 -27.45 -25.31 4.53
C GLY B 392 -28.10 -24.07 5.12
N ASP B 393 -27.25 -23.20 5.69
CA ASP B 393 -27.71 -21.96 6.32
C ASP B 393 -27.77 -20.83 5.30
N THR B 394 -28.61 -19.84 5.58
CA THR B 394 -28.77 -18.68 4.70
C THR B 394 -28.41 -17.38 5.41
N VAL B 395 -27.89 -16.44 4.65
CA VAL B 395 -27.51 -15.13 5.18
C VAL B 395 -28.11 -14.06 4.29
N SER B 396 -28.05 -12.81 4.75
CA SER B 396 -28.63 -11.70 4.01
C SER B 396 -27.76 -10.45 4.01
N PHE B 397 -27.74 -9.78 2.87
CA PHE B 397 -26.98 -8.57 2.76
C PHE B 397 -27.88 -7.50 2.18
N SER B 398 -27.72 -6.29 2.67
CA SER B 398 -28.50 -5.16 2.20
C SER B 398 -27.55 -4.20 1.49
N ILE B 399 -27.74 -4.06 0.19
CA ILE B 399 -26.92 -3.18 -0.60
C ILE B 399 -27.66 -1.89 -0.90
N GLU B 400 -26.91 -0.79 -0.99
CA GLU B 400 -27.50 0.51 -1.33
C GLU B 400 -26.73 1.03 -2.54
N ALA B 401 -27.44 1.45 -3.58
CA ALA B 401 -26.78 1.94 -4.76
C ALA B 401 -26.92 3.46 -4.81
N LYS B 402 -25.89 4.14 -5.31
CA LYS B 402 -25.93 5.60 -5.36
C LYS B 402 -25.01 6.20 -6.42
N VAL B 403 -25.56 7.08 -7.24
CA VAL B 403 -24.78 7.70 -8.30
C VAL B 403 -24.40 9.14 -7.96
N ARG B 404 -23.18 9.51 -8.35
CA ARG B 404 -22.70 10.87 -8.14
C ARG B 404 -22.75 11.50 -9.51
N GLY B 405 -23.72 12.38 -9.71
CA GLY B 405 -23.87 13.04 -11.01
C GLY B 405 -24.72 12.24 -11.96
N CYS B 406 -24.18 11.94 -13.14
CA CYS B 406 -24.91 11.17 -14.15
C CYS B 406 -24.03 10.91 -15.36
N PRO B 407 -23.70 9.64 -15.61
CA PRO B 407 -22.85 9.30 -16.76
C PRO B 407 -23.59 9.38 -18.10
N GLN B 408 -23.21 8.48 -19.01
CA GLN B 408 -23.83 8.43 -20.31
C GLN B 408 -24.65 7.15 -20.40
N GLU B 409 -25.89 7.29 -20.86
CA GLU B 409 -26.79 6.14 -21.00
C GLU B 409 -26.04 4.92 -21.50
N LYS B 410 -26.52 3.75 -21.10
CA LYS B 410 -25.93 2.48 -21.49
C LYS B 410 -26.48 1.41 -20.53
N GLU B 411 -26.68 0.20 -21.06
CA GLU B 411 -27.18 -0.91 -20.26
C GLU B 411 -26.21 -1.20 -19.11
N LYS B 412 -25.30 -0.25 -18.86
CA LYS B 412 -24.30 -0.37 -17.80
C LYS B 412 -24.79 -1.36 -16.76
N SER B 413 -24.19 -2.55 -16.75
CA SER B 413 -24.60 -3.61 -15.84
C SER B 413 -23.46 -4.37 -15.16
N PHE B 414 -23.42 -4.29 -13.84
CA PHE B 414 -22.40 -4.97 -13.03
C PHE B 414 -23.04 -6.10 -12.26
N THR B 415 -22.21 -6.89 -11.60
CA THR B 415 -22.73 -8.01 -10.86
C THR B 415 -22.34 -7.97 -9.39
N ILE B 416 -22.84 -8.95 -8.65
CA ILE B 416 -22.59 -9.10 -7.22
C ILE B 416 -22.79 -10.58 -6.96
N LYS B 417 -21.82 -11.21 -6.30
CA LYS B 417 -21.90 -12.63 -6.02
C LYS B 417 -20.90 -13.08 -4.98
N PRO B 418 -21.18 -14.22 -4.34
CA PRO B 418 -20.32 -14.79 -3.31
C PRO B 418 -19.06 -15.36 -3.94
N VAL B 419 -17.94 -15.15 -3.28
CA VAL B 419 -16.70 -15.68 -3.80
C VAL B 419 -16.79 -17.20 -3.86
N GLY B 420 -16.57 -17.75 -5.04
CA GLY B 420 -16.61 -19.19 -5.19
C GLY B 420 -17.85 -19.66 -5.89
N PHE B 421 -18.94 -18.94 -5.67
CA PHE B 421 -20.25 -19.26 -6.23
C PHE B 421 -20.41 -19.00 -7.73
N LYS B 422 -21.26 -19.81 -8.35
CA LYS B 422 -21.55 -19.65 -9.77
C LYS B 422 -22.70 -18.62 -9.90
N ASP B 423 -23.68 -18.74 -9.01
CA ASP B 423 -24.84 -17.86 -8.99
C ASP B 423 -24.46 -16.42 -8.67
N SER B 424 -25.35 -15.49 -8.97
CA SER B 424 -25.06 -14.09 -8.72
C SER B 424 -26.23 -13.19 -9.11
N LEU B 425 -26.19 -11.96 -8.61
CA LEU B 425 -27.23 -11.01 -8.87
C LEU B 425 -26.83 -9.92 -9.85
N ILE B 426 -27.06 -10.15 -11.14
CA ILE B 426 -26.73 -9.12 -12.11
C ILE B 426 -27.54 -7.84 -11.83
N VAL B 427 -26.90 -6.69 -11.90
CA VAL B 427 -27.61 -5.44 -11.62
C VAL B 427 -27.39 -4.39 -12.70
N GLN B 428 -28.32 -4.33 -13.66
CA GLN B 428 -28.23 -3.36 -14.75
C GLN B 428 -28.74 -1.99 -14.33
N VAL B 429 -27.82 -1.05 -14.11
CA VAL B 429 -28.21 0.29 -13.71
C VAL B 429 -28.52 1.11 -14.94
N THR B 430 -29.26 2.19 -14.73
CA THR B 430 -29.66 3.12 -15.77
C THR B 430 -29.78 4.44 -15.05
N PHE B 431 -29.41 5.52 -15.73
CA PHE B 431 -29.49 6.84 -15.12
C PHE B 431 -30.49 7.74 -15.84
N ASP B 432 -31.54 8.12 -15.13
CA ASP B 432 -32.59 8.97 -15.66
C ASP B 432 -32.28 10.40 -15.21
N CYS B 433 -31.67 11.19 -16.09
CA CYS B 433 -31.31 12.55 -15.74
C CYS B 433 -31.77 13.60 -16.72
N ASP B 434 -32.65 13.22 -17.65
CA ASP B 434 -33.15 14.15 -18.66
C ASP B 434 -34.68 14.17 -18.75
N CYS B 523 -22.70 30.16 -4.84
CA CYS B 523 -22.10 28.85 -4.62
C CYS B 523 -20.64 28.96 -5.06
N ASP B 524 -19.88 27.87 -4.96
CA ASP B 524 -18.48 27.88 -5.38
C ASP B 524 -17.72 26.59 -5.12
N ASP B 525 -16.92 26.17 -6.10
CA ASP B 525 -16.09 24.98 -5.96
C ASP B 525 -14.91 25.40 -5.08
N PHE B 526 -14.68 26.71 -5.04
CA PHE B 526 -13.61 27.29 -4.26
C PHE B 526 -13.77 26.87 -2.79
N SER B 527 -14.38 27.75 -2.01
CA SER B 527 -14.60 27.52 -0.58
C SER B 527 -15.24 26.20 -0.20
N CYS B 528 -14.40 25.22 0.14
CA CYS B 528 -14.88 23.89 0.55
C CYS B 528 -14.56 23.78 2.03
N VAL B 529 -13.91 22.70 2.43
CA VAL B 529 -13.59 22.57 3.85
C VAL B 529 -12.10 22.43 4.17
N ARG B 530 -11.43 21.52 3.48
CA ARG B 530 -9.98 21.28 3.67
C ARG B 530 -9.68 20.46 4.92
N TYR B 531 -9.18 19.25 4.73
CA TYR B 531 -8.84 18.37 5.85
C TYR B 531 -7.42 18.67 6.32
N LYS B 532 -6.47 18.47 5.40
CA LYS B 532 -5.06 18.72 5.67
C LYS B 532 -4.35 19.09 4.38
N GLY B 533 -4.78 20.17 3.73
CA GLY B 533 -4.13 20.58 2.50
C GLY B 533 -4.91 20.33 1.23
N GLU B 534 -5.79 19.34 1.25
CA GLU B 534 -6.61 19.02 0.09
C GLU B 534 -8.04 19.54 0.26
N MET B 535 -8.66 19.90 -0.85
CA MET B 535 -10.04 20.41 -0.82
C MET B 535 -10.94 19.51 0.03
N CYS B 536 -11.42 18.43 -0.56
CA CYS B 536 -12.28 17.48 0.15
C CYS B 536 -11.43 16.28 0.57
N SER B 537 -10.29 16.57 1.18
CA SER B 537 -9.37 15.53 1.60
C SER B 537 -8.93 14.80 0.34
N GLY B 538 -8.99 15.48 -0.79
CA GLY B 538 -8.60 14.87 -2.05
C GLY B 538 -9.39 13.61 -2.36
N HIS B 539 -10.51 13.44 -1.66
CA HIS B 539 -11.36 12.27 -1.86
C HIS B 539 -12.80 12.65 -2.15
N GLY B 540 -13.07 13.94 -2.30
CA GLY B 540 -14.43 14.35 -2.57
C GLY B 540 -14.55 15.53 -3.49
N GLN B 541 -15.65 15.57 -4.23
CA GLN B 541 -15.95 16.65 -5.15
C GLN B 541 -16.45 17.79 -4.26
N CYS B 542 -16.35 19.02 -4.73
CA CYS B 542 -16.80 20.15 -3.92
C CYS B 542 -17.87 20.98 -4.62
N SER B 543 -19.13 20.62 -4.36
CA SER B 543 -20.29 21.29 -4.93
C SER B 543 -20.97 22.19 -3.90
N CYS B 544 -21.00 23.48 -4.20
CA CYS B 544 -21.59 24.48 -3.32
C CYS B 544 -21.31 24.26 -1.83
N GLY B 545 -22.36 23.87 -1.10
CA GLY B 545 -22.23 23.63 0.32
C GLY B 545 -21.15 22.64 0.69
N ASP B 546 -21.54 21.39 0.95
CA ASP B 546 -20.58 20.35 1.32
C ASP B 546 -19.87 19.67 0.14
N CYS B 547 -19.14 18.60 0.45
CA CYS B 547 -18.42 17.84 -0.55
C CYS B 547 -19.22 16.60 -0.87
N LEU B 548 -19.08 16.14 -2.11
CA LEU B 548 -19.77 14.94 -2.56
C LEU B 548 -18.74 13.83 -2.71
N CYS B 549 -18.43 13.20 -1.58
CA CYS B 549 -17.43 12.14 -1.47
C CYS B 549 -17.40 11.12 -2.59
N ASP B 550 -16.19 10.65 -2.87
CA ASP B 550 -15.98 9.64 -3.91
C ASP B 550 -16.26 8.29 -3.33
N SER B 551 -16.71 7.40 -4.20
CA SER B 551 -17.00 6.02 -3.84
C SER B 551 -15.94 5.56 -2.83
N ASP B 552 -16.38 4.85 -1.80
CA ASP B 552 -15.45 4.36 -0.79
C ASP B 552 -14.95 5.45 0.15
N TRP B 553 -15.76 6.49 0.30
CA TRP B 553 -15.45 7.59 1.20
C TRP B 553 -16.76 8.15 1.69
N THR B 554 -16.73 8.75 2.88
CA THR B 554 -17.92 9.35 3.49
C THR B 554 -17.49 10.46 4.44
N GLY B 555 -18.46 11.20 4.97
CA GLY B 555 -18.15 12.26 5.91
C GLY B 555 -18.04 13.68 5.37
N TYR B 556 -18.31 14.63 6.26
CA TYR B 556 -18.25 16.06 5.99
C TYR B 556 -17.07 16.43 5.09
N TYR B 557 -15.90 15.89 5.41
CA TYR B 557 -14.70 16.18 4.66
C TYR B 557 -14.40 15.09 3.64
N CYS B 558 -14.80 13.87 3.98
CA CYS B 558 -14.56 12.69 3.16
C CYS B 558 -13.24 12.06 3.57
N ASN B 559 -12.89 12.20 4.86
CA ASN B 559 -11.66 11.60 5.37
C ASN B 559 -11.99 10.18 5.77
N CYS B 560 -13.20 10.01 6.31
CA CYS B 560 -13.64 8.69 6.76
C CYS B 560 -13.87 7.73 5.62
N THR B 561 -13.17 6.60 5.64
CA THR B 561 -13.29 5.61 4.58
C THR B 561 -14.46 4.68 4.88
N THR B 562 -14.64 3.70 4.01
CA THR B 562 -15.71 2.72 4.12
C THR B 562 -15.09 1.35 4.22
N ARG B 563 -13.79 1.31 4.48
CA ARG B 563 -13.07 0.05 4.57
C ARG B 563 -13.15 -0.59 5.96
N THR B 564 -12.95 -1.89 5.99
CA THR B 564 -12.96 -2.63 7.24
C THR B 564 -11.72 -3.50 7.27
N ASP B 565 -11.18 -3.82 6.09
CA ASP B 565 -10.03 -4.69 6.01
C ASP B 565 -8.98 -4.32 7.04
N THR B 566 -8.73 -3.02 7.20
CA THR B 566 -7.73 -2.58 8.15
C THR B 566 -8.12 -2.98 9.56
N CYS B 567 -9.43 -3.12 9.77
CA CYS B 567 -9.96 -3.53 11.06
C CYS B 567 -9.79 -5.04 11.22
N MET B 568 -9.29 -5.66 10.16
CA MET B 568 -9.06 -7.12 10.09
C MET B 568 -8.98 -7.90 11.39
N SER B 569 -7.75 -8.27 11.76
CA SER B 569 -7.44 -9.04 12.97
C SER B 569 -7.51 -10.53 12.64
N SER B 570 -6.40 -11.23 12.83
CA SER B 570 -6.38 -12.66 12.57
C SER B 570 -7.44 -13.30 13.47
N ASN B 571 -8.63 -13.49 12.93
CA ASN B 571 -9.76 -14.08 13.64
C ASN B 571 -10.91 -14.16 12.67
N GLY B 572 -10.93 -13.23 11.73
CA GLY B 572 -12.00 -13.18 10.76
C GLY B 572 -13.11 -12.35 11.39
N LEU B 573 -12.89 -11.99 12.65
CA LEU B 573 -13.85 -11.19 13.39
C LEU B 573 -13.22 -9.81 13.55
N LEU B 574 -13.77 -8.82 12.85
CA LEU B 574 -13.22 -7.47 12.92
C LEU B 574 -13.16 -6.94 14.35
N CYS B 575 -12.04 -6.31 14.68
CA CYS B 575 -11.79 -5.72 16.00
C CYS B 575 -11.78 -6.73 17.14
N SER B 576 -11.48 -7.99 16.85
CA SER B 576 -11.42 -9.04 17.87
C SER B 576 -12.72 -9.18 18.67
N GLY B 577 -13.83 -8.77 18.08
CA GLY B 577 -15.09 -8.85 18.79
C GLY B 577 -15.01 -8.01 20.05
N ARG B 578 -13.94 -7.25 20.19
CA ARG B 578 -13.78 -6.41 21.37
C ARG B 578 -14.15 -4.96 21.06
N GLY B 579 -14.39 -4.68 19.79
CA GLY B 579 -14.72 -3.31 19.43
C GLY B 579 -15.36 -3.14 18.06
N LYS B 580 -15.86 -1.94 17.82
CA LYS B 580 -16.50 -1.65 16.55
C LYS B 580 -15.49 -1.03 15.59
N CYS B 581 -15.79 -1.08 14.29
CA CYS B 581 -14.91 -0.53 13.28
C CYS B 581 -15.49 0.72 12.65
N GLU B 582 -14.96 1.88 13.00
CA GLU B 582 -15.43 3.12 12.40
C GLU B 582 -14.32 3.89 11.66
N CYS B 583 -14.50 4.00 10.34
CA CYS B 583 -13.57 4.67 9.45
C CYS B 583 -12.27 3.92 9.29
N GLY B 584 -12.39 2.61 9.08
CA GLY B 584 -11.22 1.78 8.88
C GLY B 584 -10.41 1.50 10.12
N SER B 585 -10.68 2.22 11.19
CA SER B 585 -9.94 2.02 12.42
C SER B 585 -10.84 1.65 13.56
N CYS B 586 -10.48 0.61 14.30
CA CYS B 586 -11.26 0.16 15.43
C CYS B 586 -11.23 1.11 16.61
N VAL B 587 -12.32 1.12 17.35
CA VAL B 587 -12.47 1.95 18.53
C VAL B 587 -12.99 0.97 19.56
N CYS B 588 -12.08 0.36 20.31
CA CYS B 588 -12.44 -0.63 21.31
C CYS B 588 -13.41 -0.07 22.33
N ILE B 589 -14.47 -0.84 22.58
CA ILE B 589 -15.50 -0.43 23.53
C ILE B 589 -14.93 -0.44 24.95
N GLN B 590 -13.61 -0.27 25.01
CA GLN B 590 -12.83 -0.24 26.24
C GLN B 590 -13.15 -1.32 27.30
N PRO B 591 -13.31 -2.58 26.87
CA PRO B 591 -13.60 -3.55 27.93
C PRO B 591 -12.38 -3.52 28.86
N GLY B 592 -11.38 -2.72 28.45
CA GLY B 592 -10.14 -2.61 29.18
C GLY B 592 -9.08 -3.13 28.23
N SER B 593 -9.37 -2.95 26.94
CA SER B 593 -8.49 -3.41 25.87
C SER B 593 -8.01 -2.27 24.99
N TYR B 594 -7.07 -2.58 24.13
CA TYR B 594 -6.52 -1.59 23.22
C TYR B 594 -5.86 -2.37 22.10
N GLY B 595 -5.30 -1.66 21.14
CA GLY B 595 -4.65 -2.34 20.03
C GLY B 595 -5.27 -1.82 18.77
N ASP B 596 -4.62 -2.08 17.64
CA ASP B 596 -5.11 -1.63 16.35
C ASP B 596 -6.44 -2.32 16.04
N THR B 597 -6.55 -3.59 16.46
CA THR B 597 -7.80 -4.32 16.25
C THR B 597 -8.32 -4.81 17.59
N CYS B 598 -7.90 -4.13 18.65
CA CYS B 598 -8.29 -4.46 20.01
C CYS B 598 -7.83 -5.83 20.44
N GLU B 599 -6.90 -6.39 19.68
CA GLU B 599 -6.38 -7.70 19.98
C GLU B 599 -5.73 -7.76 21.38
N LYS B 600 -5.09 -6.67 21.78
CA LYS B 600 -4.41 -6.59 23.06
C LYS B 600 -5.34 -6.30 24.21
N CYS B 601 -5.36 -7.18 25.19
CA CYS B 601 -6.21 -7.00 26.36
C CYS B 601 -5.72 -7.77 27.58
N PRO B 602 -4.50 -7.48 28.05
CA PRO B 602 -3.87 -8.12 29.20
C PRO B 602 -4.66 -8.25 30.50
N THR B 603 -5.56 -7.33 30.80
CA THR B 603 -6.30 -7.50 32.06
C THR B 603 -7.65 -8.17 31.83
N CYS B 604 -7.87 -8.62 30.61
CA CYS B 604 -9.11 -9.29 30.26
C CYS B 604 -9.27 -10.51 31.17
N PRO B 605 -10.51 -10.81 31.59
CA PRO B 605 -10.78 -11.95 32.48
C PRO B 605 -10.21 -13.26 31.97
N ASP B 606 -9.85 -14.11 32.93
CA ASP B 606 -9.28 -15.43 32.66
C ASP B 606 -9.75 -16.02 31.35
N ALA B 607 -8.81 -16.57 30.59
CA ALA B 607 -9.14 -17.18 29.31
C ALA B 607 -10.35 -18.11 29.48
N CYS B 608 -10.48 -18.70 30.66
CA CYS B 608 -11.58 -19.60 30.98
C CYS B 608 -12.92 -18.87 30.98
N THR B 609 -13.12 -18.01 31.99
CA THR B 609 -14.35 -17.23 32.13
C THR B 609 -15.05 -17.01 30.81
N PHE B 610 -14.26 -16.77 29.77
CA PHE B 610 -14.78 -16.54 28.43
C PHE B 610 -15.45 -17.81 27.91
N LYS B 611 -14.70 -18.91 27.90
CA LYS B 611 -15.17 -20.18 27.38
C LYS B 611 -15.94 -21.05 28.36
N LYS B 612 -16.78 -20.42 29.17
CA LYS B 612 -17.60 -21.14 30.14
C LYS B 612 -19.02 -21.09 29.64
N GLU B 613 -19.46 -19.89 29.28
CA GLU B 613 -20.81 -19.70 28.76
C GLU B 613 -20.92 -20.67 27.59
N CYS B 614 -19.78 -21.21 27.19
CA CYS B 614 -19.67 -22.15 26.08
C CYS B 614 -20.18 -23.52 26.57
N VAL B 615 -19.48 -24.14 27.51
CA VAL B 615 -19.89 -25.43 28.01
C VAL B 615 -21.22 -25.40 28.76
N GLU B 616 -21.66 -24.22 29.19
CA GLU B 616 -22.91 -24.16 29.92
C GLU B 616 -24.16 -24.01 29.05
N CYS B 617 -24.08 -24.47 27.80
CA CYS B 617 -25.22 -24.43 26.90
C CYS B 617 -25.11 -25.69 26.05
N LYS B 618 -23.91 -25.95 25.55
CA LYS B 618 -23.67 -27.11 24.73
C LYS B 618 -23.71 -28.37 25.58
N LYS B 619 -23.72 -28.20 26.89
CA LYS B 619 -23.76 -29.34 27.78
C LYS B 619 -24.76 -29.17 28.91
N PHE B 620 -25.51 -28.06 28.88
CA PHE B 620 -26.50 -27.84 29.91
C PHE B 620 -27.69 -27.00 29.45
N ASP B 621 -27.63 -26.51 28.22
CA ASP B 621 -28.71 -25.66 27.69
C ASP B 621 -28.82 -24.33 28.41
N ARG B 622 -28.46 -24.32 29.69
CA ARG B 622 -28.52 -23.11 30.50
C ARG B 622 -27.60 -22.01 29.97
N GLU B 623 -27.43 -20.98 30.80
CA GLU B 623 -26.56 -19.84 30.51
C GLU B 623 -27.01 -18.86 29.42
N PRO B 624 -26.80 -17.57 29.66
CA PRO B 624 -27.14 -16.47 28.77
C PRO B 624 -26.91 -16.75 27.29
N TYR B 625 -25.84 -17.46 26.97
CA TYR B 625 -25.54 -17.75 25.58
C TYR B 625 -26.61 -18.54 24.81
N MET B 626 -27.45 -19.30 25.50
CA MET B 626 -28.51 -20.04 24.83
C MET B 626 -29.71 -19.13 24.77
N THR B 627 -29.80 -18.24 25.76
CA THR B 627 -30.87 -17.26 25.84
C THR B 627 -30.83 -16.34 24.62
N GLU B 628 -29.64 -15.83 24.31
CA GLU B 628 -29.45 -14.95 23.17
C GLU B 628 -29.72 -15.73 21.89
N ASN B 629 -29.97 -17.02 22.05
CA ASN B 629 -30.25 -17.94 20.95
C ASN B 629 -29.08 -18.10 20.01
N THR B 630 -27.88 -17.83 20.52
CA THR B 630 -26.65 -17.97 19.74
C THR B 630 -26.04 -19.33 20.02
N CYS B 631 -25.03 -19.33 20.87
CA CYS B 631 -24.28 -20.50 21.29
C CYS B 631 -24.08 -21.52 20.18
N ASN B 632 -24.26 -21.07 18.94
CA ASN B 632 -24.10 -21.95 17.79
C ASN B 632 -23.11 -21.35 16.81
N ARG B 633 -23.22 -20.04 16.61
CA ARG B 633 -22.31 -19.36 15.69
C ARG B 633 -21.10 -18.91 16.49
N TYR B 634 -21.29 -18.66 17.79
CA TYR B 634 -20.17 -18.23 18.63
C TYR B 634 -19.45 -19.42 19.23
N CYS B 635 -20.07 -20.06 20.21
CA CYS B 635 -19.43 -21.20 20.84
C CYS B 635 -19.36 -22.36 19.83
N ARG B 636 -18.35 -22.30 18.98
CA ARG B 636 -18.15 -23.28 17.92
C ARG B 636 -16.91 -24.17 18.07
N ASP B 637 -16.52 -24.47 19.30
CA ASP B 637 -15.35 -25.32 19.55
C ASP B 637 -15.67 -26.79 19.36
N GLU B 638 -15.42 -27.60 20.39
CA GLU B 638 -15.68 -29.04 20.28
C GLU B 638 -15.86 -29.69 21.66
N ILE B 639 -16.83 -29.20 22.43
CA ILE B 639 -17.12 -29.73 23.76
C ILE B 639 -17.42 -31.23 23.76
N GLU B 640 -16.47 -32.07 24.14
CA GLU B 640 -16.76 -33.50 24.13
C GLU B 640 -16.48 -34.20 25.45
N SER B 641 -17.47 -34.17 26.33
CA SER B 641 -17.43 -34.79 27.65
C SER B 641 -16.45 -35.94 27.79
N VAL B 642 -15.44 -35.75 28.62
CA VAL B 642 -14.41 -36.75 28.83
C VAL B 642 -14.74 -37.72 29.94
N LYS B 643 -14.01 -38.83 29.94
CA LYS B 643 -14.19 -39.91 30.91
C LYS B 643 -13.89 -39.44 32.32
N GLU B 644 -13.86 -40.40 33.25
CA GLU B 644 -13.58 -40.12 34.65
C GLU B 644 -12.51 -39.04 34.75
N LEU B 645 -11.26 -39.44 34.61
CA LEU B 645 -10.16 -38.49 34.67
C LEU B 645 -10.34 -37.49 33.54
N LYS B 646 -9.70 -36.34 33.70
CA LYS B 646 -9.80 -35.30 32.70
C LYS B 646 -8.77 -35.55 31.61
N ASP B 647 -7.69 -34.78 31.62
CA ASP B 647 -6.65 -34.94 30.61
C ASP B 647 -5.26 -34.75 31.22
N THR B 648 -4.26 -34.72 30.35
CA THR B 648 -2.86 -34.56 30.75
C THR B 648 -2.10 -33.72 29.73
N GLY B 649 -2.70 -33.54 28.56
CA GLY B 649 -2.07 -32.76 27.50
C GLY B 649 -1.55 -31.41 27.94
N LYS B 650 -0.23 -31.27 28.01
CA LYS B 650 0.42 -30.03 28.40
C LYS B 650 0.18 -28.97 27.33
N ASP B 651 0.31 -27.70 27.72
CA ASP B 651 0.09 -26.57 26.82
C ASP B 651 -1.41 -26.32 26.69
N ALA B 652 -2.16 -26.86 27.65
CA ALA B 652 -3.61 -26.73 27.70
C ALA B 652 -3.97 -26.25 29.09
N VAL B 653 -5.08 -25.53 29.20
CA VAL B 653 -5.53 -25.02 30.49
C VAL B 653 -6.71 -25.77 31.10
N ASN B 654 -6.84 -25.64 32.42
CA ASN B 654 -7.91 -26.25 33.18
C ASN B 654 -8.79 -25.12 33.69
N CYS B 655 -10.01 -25.44 34.08
CA CYS B 655 -10.92 -24.44 34.57
C CYS B 655 -11.96 -25.14 35.43
N THR B 656 -12.59 -24.40 36.33
CA THR B 656 -13.62 -25.00 37.17
C THR B 656 -14.58 -23.91 37.62
N TYR B 657 -15.87 -24.17 37.50
CA TYR B 657 -16.87 -23.20 37.90
C TYR B 657 -18.06 -23.90 38.52
N LYS B 658 -18.90 -23.12 39.20
CA LYS B 658 -20.11 -23.63 39.82
C LYS B 658 -21.33 -23.24 38.98
N ASN B 659 -22.13 -24.23 38.61
CA ASN B 659 -23.31 -24.03 37.77
C ASN B 659 -24.55 -23.60 38.55
N GLU B 660 -25.54 -23.08 37.82
CA GLU B 660 -26.80 -22.64 38.39
C GLU B 660 -27.19 -23.63 39.48
N ASP B 661 -26.96 -24.91 39.16
CA ASP B 661 -27.26 -26.04 40.03
C ASP B 661 -26.46 -26.14 41.32
N ASP B 662 -25.36 -25.39 41.41
CA ASP B 662 -24.49 -25.37 42.59
C ASP B 662 -23.42 -26.45 42.65
N CYS B 663 -23.16 -27.12 41.52
CA CYS B 663 -22.14 -28.17 41.48
C CYS B 663 -20.89 -27.63 40.79
N VAL B 664 -19.75 -28.26 41.02
CA VAL B 664 -18.52 -27.79 40.40
C VAL B 664 -18.08 -28.52 39.12
N VAL B 665 -18.19 -27.81 38.01
CA VAL B 665 -17.80 -28.34 36.71
C VAL B 665 -16.31 -28.17 36.51
N ARG B 666 -15.65 -29.21 35.99
CA ARG B 666 -14.22 -29.14 35.73
C ARG B 666 -14.03 -29.28 34.23
N PHE B 667 -13.28 -28.37 33.61
CA PHE B 667 -13.05 -28.52 32.17
C PHE B 667 -11.70 -28.00 31.66
N GLN B 668 -11.21 -28.61 30.59
CA GLN B 668 -9.92 -28.26 30.01
C GLN B 668 -10.00 -27.66 28.61
N TYR B 669 -9.40 -26.50 28.44
CA TYR B 669 -9.35 -25.80 27.14
C TYR B 669 -8.13 -26.39 26.48
N TYR B 670 -8.08 -26.37 25.15
CA TYR B 670 -6.95 -26.98 24.46
C TYR B 670 -6.93 -26.57 22.99
N GLU B 671 -5.79 -26.10 22.50
CA GLU B 671 -5.64 -25.71 21.11
C GLU B 671 -4.34 -26.26 20.52
N ASP B 672 -4.37 -26.53 19.22
CA ASP B 672 -3.22 -27.08 18.48
C ASP B 672 -3.68 -27.76 17.18
N SER B 673 -2.98 -28.85 16.84
CA SER B 673 -3.25 -29.63 15.64
C SER B 673 -3.65 -28.75 14.46
N SER B 674 -4.61 -29.22 13.68
CA SER B 674 -5.09 -28.49 12.50
C SER B 674 -5.44 -27.05 12.86
N GLY B 675 -5.32 -26.74 14.15
CA GLY B 675 -5.66 -25.43 14.65
C GLY B 675 -6.96 -25.70 15.38
N LYS B 676 -7.16 -26.99 15.66
CA LYS B 676 -8.36 -27.45 16.34
C LYS B 676 -8.31 -27.12 17.82
N SER B 677 -9.46 -26.73 18.35
CA SER B 677 -9.60 -26.38 19.74
C SER B 677 -10.83 -27.14 20.24
N ILE B 678 -10.67 -27.86 21.35
CA ILE B 678 -11.77 -28.62 21.90
C ILE B 678 -11.82 -28.39 23.40
N LEU B 679 -12.97 -28.60 24.03
CA LEU B 679 -13.09 -28.37 25.46
C LEU B 679 -13.43 -29.58 26.30
N TYR B 680 -12.48 -30.50 26.45
CA TYR B 680 -12.72 -31.69 27.27
C TYR B 680 -13.43 -31.31 28.58
N VAL B 681 -14.60 -31.90 28.81
CA VAL B 681 -15.41 -31.62 30.00
C VAL B 681 -15.53 -32.85 30.88
N VAL B 682 -14.99 -32.81 32.08
CA VAL B 682 -15.11 -33.95 32.96
C VAL B 682 -16.60 -34.24 32.95
N GLU B 683 -16.98 -35.51 32.96
CA GLU B 683 -18.39 -35.88 32.96
C GLU B 683 -18.75 -36.15 34.40
N GLU B 684 -19.94 -35.73 34.81
CA GLU B 684 -20.35 -35.98 36.19
C GLU B 684 -19.55 -35.11 37.15
N PRO B 685 -19.97 -33.85 37.31
CA PRO B 685 -19.40 -32.82 38.16
C PRO B 685 -19.31 -33.30 39.60
N GLU B 686 -19.29 -32.36 40.53
CA GLU B 686 -19.22 -32.64 41.96
C GLU B 686 -20.38 -31.89 42.58
N CYS B 687 -21.38 -32.61 43.06
CA CYS B 687 -22.52 -31.99 43.68
C CYS B 687 -22.58 -32.34 45.14
N PRO B 688 -23.16 -31.45 45.95
CA PRO B 688 -23.25 -31.72 47.40
C PRO B 688 -23.99 -33.02 47.66
N LYS B 689 -23.35 -33.92 48.40
CA LYS B 689 -23.96 -35.20 48.73
C LYS B 689 -25.06 -35.04 49.79
N GLY B 690 -25.89 -36.07 49.90
CA GLY B 690 -26.98 -36.06 50.86
C GLY B 690 -28.18 -36.80 50.31
C1 NAG C . 19.10 -17.41 -35.10
C2 NAG C . 17.59 -17.15 -35.15
C3 NAG C . 16.81 -18.43 -34.88
C4 NAG C . 17.32 -19.61 -35.69
C5 NAG C . 18.84 -19.72 -35.52
C6 NAG C . 19.50 -20.81 -36.33
C7 NAG C . 16.98 -14.94 -34.41
C8 NAG C . 16.67 -14.00 -33.26
N2 NAG C . 17.26 -16.20 -34.11
O3 NAG C . 15.44 -18.25 -35.17
O4 NAG C . 16.67 -20.79 -35.18
O5 NAG C . 19.45 -18.49 -35.94
O6 NAG C . 19.09 -20.77 -37.68
O7 NAG C . 16.96 -14.53 -35.57
C1 NAG C . 16.82 -21.97 -35.90
C2 NAG C . 17.76 -22.93 -35.15
C3 NAG C . 16.97 -23.82 -34.19
C4 NAG C . 15.68 -23.13 -33.73
C5 NAG C . 14.76 -22.83 -34.92
C6 NAG C . 13.87 -21.62 -34.69
C7 NAG C . 19.84 -23.72 -36.09
C8 NAG C . 20.56 -24.56 -37.12
N2 NAG C . 18.50 -23.72 -36.11
O3 NAG C . 17.78 -24.13 -33.06
O4 NAG C . 14.99 -23.96 -32.80
O5 NAG C . 15.53 -22.57 -36.13
O6 NAG C . 13.12 -21.30 -35.85
O7 NAG C . 20.49 -23.07 -35.27
C1 NAG D . 22.13 -8.13 6.52
C2 NAG D . 23.01 -8.16 7.77
C3 NAG D . 24.04 -9.26 7.61
C4 NAG D . 23.37 -10.60 7.34
C5 NAG D . 22.39 -10.47 6.16
C6 NAG D . 21.60 -11.74 5.93
C7 NAG D . 23.09 -5.96 8.71
C8 NAG D . 23.83 -4.64 8.84
N2 NAG D . 23.65 -6.89 7.94
O3 NAG D . 24.83 -9.34 8.78
O4 NAG D . 24.38 -11.56 7.00
O5 NAG D . 21.46 -9.38 6.37
O6 NAG D . 20.44 -11.76 6.76
O7 NAG D . 22.04 -6.14 9.32
C1 NAG D . 24.55 -12.65 7.81
C2 NAG D . 25.47 -13.64 7.10
C3 NAG D . 25.89 -14.79 8.03
C4 NAG D . 26.32 -14.29 9.42
C5 NAG D . 25.32 -13.28 9.98
C6 NAG D . 25.77 -12.67 11.28
C7 NAG D . 24.93 -13.58 4.76
C8 NAG D . 24.16 -14.18 3.60
N2 NAG D . 24.78 -14.17 5.96
O3 NAG D . 26.99 -15.47 7.43
O4 NAG D . 26.44 -15.39 10.33
O5 NAG D . 25.15 -12.21 9.03
O6 NAG D . 27.19 -12.57 11.34
O7 NAG D . 25.66 -12.61 4.59
C1 NAG E . -3.60 31.94 -16.68
C2 NAG E . -4.62 31.27 -17.60
C3 NAG E . -5.41 30.18 -16.84
C4 NAG E . -4.77 29.72 -15.51
C5 NAG E . -4.28 30.91 -14.63
C6 NAG E . -2.93 30.67 -13.99
C7 NAG E . -5.70 32.44 -19.42
C8 NAG E . -6.71 33.49 -19.88
N2 NAG E . -5.56 32.26 -18.11
O3 NAG E . -5.56 29.04 -17.68
O4 NAG E . -5.78 28.98 -14.79
O5 NAG E . -4.18 32.14 -15.39
O6 NAG E . -2.54 31.76 -13.16
O7 NAG E . -5.06 31.80 -20.26
C1 NAG E . -5.42 27.93 -13.94
C2 NAG E . -4.74 26.80 -14.71
C3 NAG E . -4.40 25.68 -13.74
C4 NAG E . -3.58 26.22 -12.54
C5 NAG E . -4.26 27.45 -11.91
C6 NAG E . -3.36 28.12 -10.87
C7 NAG E . -5.14 25.62 -16.78
C8 NAG E . -6.13 25.14 -17.83
N2 NAG E . -5.62 26.31 -15.75
O3 NAG E . -3.64 24.69 -14.40
O4 NAG E . -3.46 25.20 -11.55
O5 NAG E . -4.54 28.44 -12.93
O6 NAG E . -4.09 28.96 -9.99
O7 NAG E . -3.95 25.35 -16.91
C1 NAG F . -9.84 7.26 39.89
C2 NAG F . -10.40 8.62 39.55
C3 NAG F . -11.93 8.59 39.65
C4 NAG F . -12.57 7.38 38.93
C5 NAG F . -11.74 6.08 39.11
C6 NAG F . -12.11 4.98 38.13
C7 NAG F . -9.53 10.82 39.98
C8 NAG F . -8.98 11.82 41.00
N2 NAG F . -9.87 9.62 40.45
O3 NAG F . -12.48 9.79 39.12
O4 NAG F . -13.86 7.16 39.52
O5 NAG F . -10.33 6.32 38.94
O6 NAG F . -11.79 3.70 38.65
O7 NAG F . -9.67 11.14 38.80
C1 NDG F . -15.01 7.20 38.74
C2 NDG F . -16.20 7.58 39.65
C3 NDG F . -16.24 6.57 40.82
C4 NDG F . -16.35 5.13 40.28
C5 NDG F . -15.27 4.85 39.21
C6 NDG F . -15.50 3.53 38.48
C7 NDG F . -16.12 9.97 39.32
C8 NDG F . -15.93 11.34 39.93
O5 NDG F . -15.24 5.89 38.19
O3 NDG F . -17.34 6.86 41.66
O4 NDG F . -16.18 4.22 41.36
O6 NDG F . -15.01 2.42 39.24
O7 NDG F . -16.33 9.84 38.12
N2 NDG F . -16.03 8.92 40.16
C1 NAG G . -14.84 -12.09 45.69
C2 NAG G . -15.55 -11.66 44.43
C3 NAG G . -15.67 -10.14 44.45
C4 NAG G . -16.43 -9.68 45.70
C5 NAG G . -15.92 -10.38 46.99
C6 NAG G . -16.89 -10.25 48.15
C7 NAG G . -15.56 -12.76 42.31
C8 NAG G . -14.80 -13.24 41.07
N2 NAG G . -14.87 -12.11 43.24
O3 NAG G . -16.35 -9.71 43.27
O4 NAG G . -16.24 -8.26 45.85
O5 NAG G . -15.70 -11.80 46.80
O6 NAG G . -17.38 -11.52 48.57
O7 NAG G . -16.77 -12.99 42.40
C1 NAG G . -17.34 -7.43 46.06
C2 NAG G . -18.18 -7.28 44.79
C3 NAG G . -19.37 -6.36 45.09
C4 NAG G . -20.15 -6.82 46.34
C5 NAG G . -19.19 -7.05 47.52
C6 NAG G . -19.88 -7.66 48.74
C7 NAG G . -17.48 -7.16 42.48
C8 NAG G . -16.59 -6.49 41.43
N2 NAG G . -17.38 -6.72 43.72
O3 NAG G . -20.25 -6.34 43.98
O4 NAG G . -21.10 -5.82 46.69
O5 NAG G . -18.13 -7.96 47.14
O6 NAG G . -20.91 -8.55 48.37
O7 NAG G . -18.25 -8.07 42.13
C1 NAG H . -11.12 14.35 9.15
C2 NAG H . -11.52 15.66 9.86
C3 NAG H . -12.44 15.47 11.08
C4 NAG H . -12.19 14.19 11.88
C5 NAG H . -11.61 13.03 11.04
C6 NAG H . -12.20 11.68 11.39
C7 NAG H . -10.30 17.71 10.13
C8 NAG H . -9.02 18.41 10.60
N2 NAG H . -10.35 16.39 10.28
O3 NAG H . -13.79 15.53 10.69
O4 NAG H . -11.31 14.48 12.97
O5 NAG H . -11.86 13.25 9.64
O6 NAG H . -12.09 11.43 12.78
O7 NAG H . -11.22 18.37 9.64
C1 NDG H . -11.90 14.50 14.23
C2 NDG H . -12.41 15.93 14.59
C3 NDG H . -11.80 16.41 15.91
C4 NDG H . -11.98 15.35 17.01
C5 NDG H . -11.43 13.99 16.55
C6 NDG H . -12.48 12.89 16.58
C7 NDG H . -12.75 18.03 13.44
C8 NDG H . -12.35 18.96 12.32
O5 NDG H . -10.91 14.06 15.19
O3 NDG H . -12.43 17.61 16.31
O4 NDG H . -11.30 15.76 18.19
O6 NDG H . -12.03 11.71 15.93
O7 NDG H . -13.66 18.35 14.20
N2 NDG H . -12.09 16.87 13.54
C1 NAG I . -5.28 -30.03 34.96
C2 NAG I . -5.45 -31.10 36.06
C3 NAG I . -4.47 -32.29 35.95
C4 NAG I . -3.84 -32.60 34.57
C5 NAG I . -3.76 -31.35 33.67
C6 NAG I . -3.49 -31.71 32.22
C7 NAG I . -6.29 -30.10 38.10
C8 NAG I . -5.97 -29.47 39.44
N2 NAG I . -5.25 -30.48 37.35
O3 NAG I . -5.13 -33.47 36.40
O4 NAG I . -2.51 -33.12 34.79
O5 NAG I . -5.01 -30.65 33.69
O6 NAG I . -2.20 -31.26 31.81
O7 NAG I . -7.46 -30.22 37.73
C1 NDG I . -2.03 -34.09 33.92
C2 NDG I . -1.29 -35.20 34.68
C3 NDG I . -0.04 -34.66 35.38
C4 NDG I . 0.85 -33.96 34.35
C5 NDG I . 0.05 -32.88 33.59
C6 NDG I . 0.86 -32.25 32.48
C7 NDG I . -1.89 -37.04 36.12
C8 NDG I . -2.85 -37.64 37.13
O5 NDG I . -1.14 -33.46 32.98
O3 NDG I . 0.67 -35.71 35.99
O4 NDG I . 1.95 -33.36 35.00
O6 NDG I . 1.70 -33.21 31.84
O7 NDG I . -0.90 -37.69 35.74
N2 NDG I . -2.17 -35.83 35.66
C1 NAG J . 36.73 -2.32 6.28
C2 NAG J . 35.78 -1.43 7.08
C3 NAG J . 35.24 -2.24 8.26
C4 NAG J . 36.36 -2.88 9.10
C5 NAG J . 37.47 -3.53 8.25
C6 NAG J . 37.14 -4.92 7.73
C7 NAG J . 36.26 0.36 8.69
C8 NAG J . 37.07 1.62 8.98
N2 NAG J . 36.47 -0.23 7.51
O3 NAG J . 34.36 -3.25 7.77
O4 NAG J . 36.93 -1.92 9.98
O5 NAG J . 37.84 -2.70 7.11
O6 NAG J . 35.89 -5.37 8.23
O7 NAG J . 35.46 -0.06 9.53
C1 NAG K . -6.32 62.84 -13.50
C2 NAG K . -5.08 63.19 -14.33
C3 NAG K . -4.05 63.96 -13.46
C4 NAG K . -3.76 63.25 -12.15
C5 NAG K . -5.06 62.87 -11.42
C6 NAG K . -5.83 64.05 -10.83
C7 NAG K . -3.22 61.80 -15.12
C8 NAG K . -2.82 60.47 -15.74
N2 NAG K . -4.53 61.96 -14.90
O3 NAG K . -4.53 65.28 -13.21
O4 NAG K . -2.96 62.11 -12.37
O5 NAG K . -5.96 62.13 -12.31
O6 NAG K . -6.84 63.63 -9.92
O7 NAG K . -2.35 62.63 -14.84
C1 NAG L . 15.52 0.71 35.49
C2 NAG L . 15.43 2.15 34.93
C3 NAG L . 16.42 2.37 33.78
C4 NAG L . 17.81 1.82 34.15
C5 NAG L . 17.73 0.33 34.55
C6 NAG L . 18.42 0.00 35.87
C7 NAG L . 13.35 3.39 35.03
C8 NAG L . 11.95 3.57 34.48
N2 NAG L . 14.08 2.42 34.47
O3 NAG L . 16.51 3.76 33.49
O4 NAG L . 18.69 1.97 33.05
O5 NAG L . 16.35 -0.12 34.65
O6 NAG L . 19.79 -0.36 35.67
O7 NAG L . 13.76 4.12 35.93
CA CA M . 33.20 4.54 1.07
CA CA N . 20.72 12.70 -0.06
CA CA O . 15.88 18.16 -11.17
CA CA P . 20.92 16.83 -24.00
CA CA Q . -10.56 61.12 1.73
C1 NAG R . 3.94 -15.50 8.63
C2 NAG R . 5.28 -14.83 9.00
C3 NAG R . 5.14 -14.18 10.37
C4 NAG R . 4.67 -15.22 11.42
C5 NAG R . 3.43 -16.01 10.97
C6 NAG R . 2.16 -15.20 11.06
C7 NAG R . 6.88 -16.25 7.91
C8 NAG R . 8.02 -17.25 8.03
N2 NAG R . 6.36 -15.79 9.04
O3 NAG R . 4.19 -13.11 10.29
O4 NAG R . 5.72 -16.14 11.74
O5 NAG R . 3.57 -16.50 9.59
O6 NAG R . 2.05 -14.56 12.33
O7 NAG R . 6.49 -15.89 6.79
C1 NAG S . -26.90 0.31 6.82
C2 NAG S . -27.64 1.14 5.75
C3 NAG S . -28.94 0.44 5.28
C4 NAG S . -29.81 0.02 6.48
C5 NAG S . -29.12 0.38 7.82
C6 NAG S . -29.87 -0.15 9.03
C7 NAG S . -28.12 3.46 5.39
C8 NAG S . -28.43 4.84 5.98
N2 NAG S . -27.93 2.46 6.25
O3 NAG S . -28.63 -0.69 4.49
O4 NAG S . -31.08 0.67 6.41
O5 NAG S . -27.79 -0.20 7.84
O6 NAG S . -30.60 0.88 9.67
O7 NAG S . -28.06 3.32 4.16
CA CA T . 7.85 -37.34 1.69
#